data_3LY1
#
_entry.id   3LY1
#
_cell.length_a   58.625
_cell.length_b   150.477
_cell.length_c   100.092
_cell.angle_alpha   90.000
_cell.angle_beta   94.380
_cell.angle_gamma   90.000
#
_symmetry.space_group_name_H-M   'P 1 21 1'
#
loop_
_entity.id
_entity.type
_entity.pdbx_description
1 polymer 'Putative histidinol-phosphate aminotransferase'
2 non-polymer "PYRIDOXAL-5'-PHOSPHATE"
3 non-polymer 'CITRIC ACID'
4 non-polymer 1,2-ETHANEDIOL
5 water water
#
_entity_poly.entity_id   1
_entity_poly.type   'polypeptide(L)'
_entity_poly.pdbx_seq_one_letter_code
;GETQPESAAFTAPSTDNPIRINFNENPLG(MSE)SPKAQAAARDAVVKANRYAKNEIL(MSE)LGNKLAAHHQVEAPSIL
LTAGSSEGIRAAIEAYASLEAQLVIPELTYGDGEHFAKIAG(MSE)KVTKVK(MSE)LDNWAFDIEGLKAAVAAYSGPSI
VYLVNPNNPTGTITPADVIEPWIASKPANT(MSE)FIVDEAYAEFVNDPRFRSISP(MSE)ITQGAENIILLKTFSKIHA
(MSE)AG(MSE)RVGYAVAHPTVIAL(MSE)GRYVAGEKINFSGVDAALAS(MSE)NDSAFITYSKKSNDVSRQILLKAL
EDLKLPYLPSEGNFVFHQLVVPLKDYQTH(MSE)ADAGVLIGRAFPPADNWCRISLGTPQE(MSE)QWVADT(MSE)REF
RKKSWI
;
_entity_poly.pdbx_strand_id   A,B,C,D
#
# COMPACT_ATOMS: atom_id res chain seq x y z
N ALA A 9 -2.30 -19.98 8.67
CA ALA A 9 -3.42 -20.94 8.93
C ALA A 9 -3.27 -21.62 10.31
N PHE A 10 -4.30 -21.57 11.14
CA PHE A 10 -4.20 -22.11 12.51
C PHE A 10 -4.25 -23.66 12.61
N THR A 11 -3.36 -24.20 13.44
CA THR A 11 -3.32 -25.63 13.77
CA THR A 11 -3.33 -25.64 13.77
C THR A 11 -3.21 -25.83 15.30
N ALA A 12 -3.79 -26.91 15.80
CA ALA A 12 -3.78 -27.20 17.23
C ALA A 12 -2.36 -27.37 17.77
N PRO A 13 -2.10 -26.82 18.96
CA PRO A 13 -0.75 -26.85 19.51
C PRO A 13 -0.33 -28.20 20.07
N SER A 14 0.97 -28.33 20.33
CA SER A 14 1.55 -29.46 21.07
C SER A 14 2.53 -28.88 22.09
N THR A 15 3.10 -29.73 22.96
CA THR A 15 4.20 -29.25 23.82
C THR A 15 5.47 -28.84 23.02
N ASP A 16 5.67 -29.40 21.82
CA ASP A 16 6.78 -28.95 20.93
C ASP A 16 6.44 -27.71 20.13
N ASN A 17 5.16 -27.41 19.98
CA ASN A 17 4.72 -26.28 19.15
C ASN A 17 3.53 -25.57 19.83
N PRO A 18 3.80 -24.98 21.00
CA PRO A 18 2.76 -24.44 21.89
C PRO A 18 2.21 -23.12 21.40
N ILE A 19 1.00 -22.77 21.86
CA ILE A 19 0.52 -21.39 21.74
C ILE A 19 1.30 -20.60 22.80
N ARG A 20 1.93 -19.51 22.37
CA ARG A 20 2.83 -18.75 23.22
C ARG A 20 2.15 -17.45 23.61
N ILE A 21 1.56 -17.41 24.81
CA ILE A 21 0.81 -16.23 25.26
C ILE A 21 1.35 -15.90 26.62
N ASN A 22 2.67 -15.87 26.66
CA ASN A 22 3.42 -15.76 27.90
C ASN A 22 4.22 -14.47 28.10
N PHE A 23 4.53 -13.76 27.01
CA PHE A 23 5.47 -12.63 27.09
C PHE A 23 4.97 -11.34 26.43
N ASN A 24 3.65 -11.19 26.28
CA ASN A 24 3.01 -10.01 25.67
C ASN A 24 3.56 -9.65 24.30
N GLU A 25 4.04 -10.64 23.58
CA GLU A 25 4.51 -10.43 22.22
C GLU A 25 3.29 -10.29 21.34
N ASN A 26 3.40 -9.54 20.26
CA ASN A 26 2.34 -9.41 19.28
C ASN A 26 2.37 -10.72 18.52
N PRO A 27 1.20 -11.41 18.38
CA PRO A 27 1.11 -12.74 17.73
C PRO A 27 1.07 -12.63 16.21
N LEU A 28 0.91 -11.41 15.72
N LEU A 28 0.92 -11.42 15.68
CA LEU A 28 1.04 -11.09 14.33
CA LEU A 28 0.55 -11.19 14.30
C LEU A 28 2.50 -10.97 13.94
C LEU A 28 1.72 -11.15 13.30
N GLY A 29 2.83 -11.38 12.73
N GLY A 29 2.95 -11.11 13.80
CA GLY A 29 4.10 -10.99 12.19
CA GLY A 29 4.09 -10.90 12.90
C GLY A 29 4.19 -9.48 12.30
C GLY A 29 4.18 -9.44 12.49
N SER A 31 4.70 -5.92 10.43
CA SER A 31 4.26 -5.38 9.10
C SER A 31 5.02 -5.99 7.92
N PRO A 32 4.33 -6.34 6.82
CA PRO A 32 4.99 -6.83 5.59
C PRO A 32 6.07 -5.87 5.03
N LYS A 33 5.75 -4.58 4.98
CA LYS A 33 6.74 -3.58 4.64
C LYS A 33 7.93 -3.52 5.64
N ALA A 34 7.67 -3.68 6.94
CA ALA A 34 8.77 -3.71 7.93
C ALA A 34 9.62 -4.96 7.76
N GLN A 35 9.01 -6.10 7.45
CA GLN A 35 9.78 -7.32 7.26
C GLN A 35 10.71 -7.17 6.06
N ALA A 36 10.18 -6.61 4.97
CA ALA A 36 10.98 -6.39 3.75
C ALA A 36 12.15 -5.46 4.01
N ALA A 37 11.91 -4.40 4.78
CA ALA A 37 12.97 -3.49 5.16
C ALA A 37 14.03 -4.25 5.96
N ALA A 38 13.59 -5.05 6.93
CA ALA A 38 14.50 -5.74 7.82
C ALA A 38 15.36 -6.75 7.04
N ARG A 39 14.72 -7.48 6.12
CA ARG A 39 15.44 -8.46 5.29
C ARG A 39 16.44 -7.80 4.37
N ASP A 40 16.03 -6.69 3.73
CA ASP A 40 16.91 -5.95 2.84
C ASP A 40 18.12 -5.29 3.55
N ALA A 41 17.99 -5.02 4.86
CA ALA A 41 19.10 -4.46 5.63
C ALA A 41 20.26 -5.44 5.81
N VAL A 42 20.00 -6.74 5.70
CA VAL A 42 21.04 -7.74 6.09
C VAL A 42 22.32 -7.64 5.23
N VAL A 43 22.16 -7.45 3.94
CA VAL A 43 23.29 -7.23 3.03
C VAL A 43 24.07 -5.95 3.39
N LYS A 44 23.40 -4.98 4.02
CA LYS A 44 24.02 -3.71 4.34
C LYS A 44 24.71 -3.77 5.70
N ALA A 45 24.45 -4.82 6.48
CA ALA A 45 24.77 -4.84 7.92
C ALA A 45 26.18 -5.28 8.26
N ASN A 46 27.05 -5.38 7.26
CA ASN A 46 28.49 -5.34 7.48
C ASN A 46 28.92 -3.96 7.94
N ARG A 47 28.07 -2.96 7.72
CA ARG A 47 28.34 -1.58 8.12
C ARG A 47 27.40 -1.17 9.25
N TYR A 48 27.83 -0.21 10.05
CA TYR A 48 27.02 0.41 11.06
C TYR A 48 25.98 1.27 10.40
N ALA A 49 24.78 1.26 11.00
CA ALA A 49 23.63 2.00 10.48
C ALA A 49 23.63 3.46 10.93
N LYS A 50 24.77 4.14 10.77
CA LYS A 50 24.95 5.50 11.30
C LYS A 50 23.95 6.56 10.79
N ASN A 51 23.89 6.77 9.48
CA ASN A 51 22.95 7.75 8.97
C ASN A 51 21.47 7.38 9.16
N GLU A 52 21.17 6.09 9.09
CA GLU A 52 19.82 5.57 9.23
C GLU A 52 19.32 5.82 10.66
N ILE A 53 20.21 5.68 11.63
CA ILE A 53 19.91 5.97 13.05
C ILE A 53 19.59 7.46 13.25
N LEU A 54 20.35 8.31 12.58
CA LEU A 54 20.04 9.75 12.57
C LEU A 54 18.64 10.00 12.00
N LEU A 56 16.00 7.91 11.80
CA LEU A 56 14.99 7.37 12.74
C LEU A 56 14.79 8.31 13.93
N GLY A 57 15.89 8.83 14.47
CA GLY A 57 15.84 9.83 15.58
C GLY A 57 15.04 11.07 15.17
N ASN A 58 15.30 11.57 13.98
CA ASN A 58 14.61 12.74 13.45
C ASN A 58 13.13 12.47 13.21
N LYS A 59 12.81 11.28 12.71
CA LYS A 59 11.45 10.89 12.49
C LYS A 59 10.64 10.76 13.81
N LEU A 60 11.27 10.21 14.87
CA LEU A 60 10.62 10.11 16.17
C LEU A 60 10.44 11.48 16.82
N ALA A 61 11.40 12.37 16.58
CA ALA A 61 11.31 13.74 17.07
C ALA A 61 10.11 14.44 16.46
N ALA A 62 9.95 14.31 15.14
CA ALA A 62 8.77 14.88 14.46
C ALA A 62 7.46 14.27 14.99
N HIS A 63 7.43 12.95 15.19
CA HIS A 63 6.24 12.27 15.71
C HIS A 63 5.83 12.80 17.06
N HIS A 64 6.80 13.11 17.91
CA HIS A 64 6.52 13.58 19.27
C HIS A 64 6.55 15.10 19.40
N GLN A 65 6.63 15.82 18.27
CA GLN A 65 6.76 17.29 18.23
C GLN A 65 7.81 17.83 19.20
N VAL A 66 9.00 17.27 19.10
CA VAL A 66 10.16 17.70 19.87
C VAL A 66 11.31 17.84 18.87
N GLU A 67 12.44 18.34 19.32
CA GLU A 67 13.64 18.41 18.46
C GLU A 67 14.45 17.11 18.67
N ALA A 68 15.45 16.84 17.83
CA ALA A 68 16.21 15.57 17.89
C ALA A 68 16.93 15.36 19.22
N PRO A 69 17.41 16.44 19.86
CA PRO A 69 18.06 16.20 21.14
C PRO A 69 17.15 15.71 22.28
N SER A 70 15.84 15.67 22.06
CA SER A 70 14.85 15.16 22.97
C SER A 70 14.51 13.67 22.75
N ILE A 71 15.20 13.03 21.82
CA ILE A 71 15.05 11.59 21.56
C ILE A 71 16.35 10.83 21.87
N LEU A 72 16.27 9.74 22.63
CA LEU A 72 17.36 8.77 22.77
C LEU A 72 16.90 7.41 22.32
N LEU A 73 17.51 6.90 21.24
CA LEU A 73 17.22 5.56 20.76
C LEU A 73 17.95 4.53 21.58
N THR A 74 17.25 3.45 21.89
CA THR A 74 17.77 2.43 22.79
C THR A 74 17.41 1.07 22.23
N ALA A 75 18.12 0.06 22.71
CA ALA A 75 17.87 -1.33 22.25
C ALA A 75 16.74 -1.92 23.07
N GLY A 76 15.52 -1.63 22.61
CA GLY A 76 14.29 -1.83 23.37
C GLY A 76 14.15 -0.82 24.49
N SER A 77 12.97 -0.71 25.07
CA SER A 77 12.79 0.17 26.19
C SER A 77 13.41 -0.43 27.47
N SER A 78 13.79 -1.73 27.45
CA SER A 78 14.50 -2.35 28.60
C SER A 78 15.75 -1.52 28.93
N GLU A 79 16.48 -1.13 27.89
CA GLU A 79 17.70 -0.33 28.04
C GLU A 79 17.41 1.12 28.43
N GLY A 80 16.27 1.63 28.02
CA GLY A 80 15.75 2.93 28.48
C GLY A 80 15.45 3.02 29.96
N ILE A 81 14.85 1.96 30.50
CA ILE A 81 14.56 1.92 31.92
C ILE A 81 15.86 1.91 32.70
N ARG A 82 16.79 1.05 32.29
CA ARG A 82 18.12 1.01 32.89
C ARG A 82 18.82 2.37 32.88
N ALA A 83 18.88 3.00 31.72
CA ALA A 83 19.58 4.25 31.57
C ALA A 83 18.93 5.38 32.38
N ALA A 84 17.59 5.41 32.40
CA ALA A 84 16.84 6.37 33.17
C ALA A 84 17.18 6.23 34.63
N ILE A 85 17.17 4.99 35.14
CA ILE A 85 17.48 4.76 36.57
C ILE A 85 18.94 5.10 36.88
N GLU A 86 19.85 4.66 36.03
CA GLU A 86 21.28 4.95 36.29
C GLU A 86 21.56 6.46 36.30
N ALA A 87 20.90 7.18 35.40
CA ALA A 87 21.11 8.60 35.26
C ALA A 87 20.69 9.39 36.50
N TYR A 88 19.65 8.91 37.19
CA TYR A 88 19.04 9.63 38.31
C TYR A 88 19.22 8.95 39.66
N ALA A 89 20.00 7.87 39.68
CA ALA A 89 20.28 7.14 40.89
C ALA A 89 21.29 7.86 41.80
N SER A 90 21.12 7.72 43.10
CA SER A 90 22.18 8.02 44.04
C SER A 90 21.91 7.19 45.28
N LEU A 91 22.88 7.10 46.19
CA LEU A 91 22.65 6.32 47.42
C LEU A 91 21.58 6.97 48.30
N GLU A 92 21.28 8.26 48.05
CA GLU A 92 20.25 8.95 48.84
CA GLU A 92 20.27 9.07 48.76
C GLU A 92 18.84 8.88 48.21
N ALA A 93 18.75 8.44 46.95
CA ALA A 93 17.49 8.35 46.21
C ALA A 93 16.59 7.14 46.57
N GLN A 94 15.29 7.34 46.42
CA GLN A 94 14.32 6.26 46.55
C GLN A 94 13.61 6.09 45.21
N LEU A 95 13.21 4.87 44.91
CA LEU A 95 12.30 4.62 43.78
C LEU A 95 10.92 4.42 44.40
N VAL A 96 9.94 5.14 43.89
CA VAL A 96 8.53 5.04 44.33
C VAL A 96 7.75 4.35 43.23
N ILE A 97 7.15 3.20 43.58
CA ILE A 97 6.40 2.38 42.62
C ILE A 97 5.15 1.80 43.31
N PRO A 98 4.13 1.47 42.51
CA PRO A 98 3.04 0.58 42.92
C PRO A 98 3.62 -0.79 43.23
N GLU A 99 3.00 -1.51 44.15
CA GLU A 99 3.55 -2.77 44.61
CA GLU A 99 3.56 -2.78 44.61
C GLU A 99 3.53 -3.80 43.47
N LEU A 100 2.55 -3.68 42.57
CA LEU A 100 2.34 -4.64 41.46
C LEU A 100 2.49 -3.92 40.11
N THR A 101 3.68 -4.04 39.53
CA THR A 101 4.02 -3.39 38.30
C THR A 101 5.20 -4.10 37.60
N TYR A 102 5.71 -3.52 36.52
CA TYR A 102 6.83 -4.11 35.77
C TYR A 102 8.12 -3.99 36.60
N GLY A 103 8.78 -5.14 36.82
CA GLY A 103 9.85 -5.25 37.83
C GLY A 103 11.20 -4.65 37.49
N ASP A 104 11.41 -4.24 36.26
CA ASP A 104 12.73 -3.70 35.86
C ASP A 104 13.13 -2.46 36.60
N GLY A 105 12.18 -1.59 36.95
CA GLY A 105 12.52 -0.41 37.71
C GLY A 105 13.14 -0.77 39.06
N GLU A 106 12.45 -1.62 39.82
CA GLU A 106 12.95 -2.10 41.11
C GLU A 106 14.35 -2.77 40.97
N HIS A 107 14.48 -3.60 39.96
CA HIS A 107 15.70 -4.35 39.65
C HIS A 107 16.91 -3.44 39.53
N PHE A 108 16.81 -2.41 38.67
CA PHE A 108 17.91 -1.48 38.46
C PHE A 108 18.05 -0.54 39.65
N ALA A 109 16.94 -0.28 40.35
CA ALA A 109 17.03 0.55 41.56
C ALA A 109 17.83 -0.12 42.68
N LYS A 110 17.60 -1.41 42.83
CA LYS A 110 18.37 -2.22 43.77
C LYS A 110 19.87 -2.32 43.43
N ILE A 111 20.21 -2.50 42.17
CA ILE A 111 21.60 -2.45 41.70
C ILE A 111 22.25 -1.13 42.08
N ALA A 112 21.51 -0.02 41.95
CA ALA A 112 21.98 1.30 42.34
C ALA A 112 22.04 1.53 43.88
N GLY A 113 21.53 0.58 44.66
CA GLY A 113 21.61 0.71 46.13
C GLY A 113 20.55 1.66 46.68
N LYS A 115 16.84 2.91 48.12
CA LYS A 115 15.61 2.54 48.80
C LYS A 115 14.51 2.32 47.77
N VAL A 116 13.73 1.25 47.91
CA VAL A 116 12.60 0.99 47.03
C VAL A 116 11.34 1.06 47.87
N THR A 117 10.47 1.99 47.54
CA THR A 117 9.27 2.28 48.32
C THR A 117 8.06 1.85 47.51
N LYS A 118 7.46 0.72 47.89
CA LYS A 118 6.31 0.16 47.20
C LYS A 118 5.04 0.57 47.92
N VAL A 119 4.06 1.03 47.17
CA VAL A 119 2.78 1.47 47.66
C VAL A 119 1.71 0.44 47.30
N LYS A 120 1.04 -0.06 48.32
CA LYS A 120 0.02 -1.09 48.16
C LYS A 120 -1.01 -0.67 47.11
N LEU A 122 -4.73 -0.26 45.43
CA LEU A 122 -6.08 -0.05 45.96
C LEU A 122 -6.84 -1.36 45.84
N ASP A 123 -7.98 -1.43 46.52
CA ASP A 123 -8.80 -2.65 46.60
C ASP A 123 -9.37 -3.09 45.26
N ASN A 124 -9.21 -2.27 44.23
CA ASN A 124 -9.55 -2.72 42.86
C ASN A 124 -8.35 -2.96 41.94
N TRP A 125 -7.16 -3.10 42.56
CA TRP A 125 -5.85 -3.32 41.88
C TRP A 125 -5.29 -2.11 41.10
N ALA A 126 -5.95 -0.96 41.24
CA ALA A 126 -5.53 0.28 40.62
C ALA A 126 -4.39 0.88 41.46
N PHE A 127 -3.64 1.77 40.83
CA PHE A 127 -2.59 2.50 41.49
C PHE A 127 -3.22 3.34 42.60
N ASP A 128 -2.58 3.40 43.76
CA ASP A 128 -2.95 4.36 44.78
C ASP A 128 -2.12 5.63 44.52
N ILE A 129 -2.62 6.49 43.61
CA ILE A 129 -1.90 7.72 43.29
C ILE A 129 -1.66 8.62 44.52
N GLU A 130 -2.66 8.75 45.38
CA GLU A 130 -2.47 9.53 46.61
C GLU A 130 -1.36 8.93 47.50
N GLY A 131 -1.29 7.61 47.57
CA GLY A 131 -0.20 6.95 48.31
C GLY A 131 1.19 7.18 47.72
N LEU A 132 1.27 7.16 46.40
CA LEU A 132 2.51 7.43 45.68
C LEU A 132 2.95 8.89 45.88
N LYS A 133 2.02 9.82 45.76
CA LYS A 133 2.30 11.23 46.04
C LYS A 133 2.83 11.41 47.45
N ALA A 134 2.19 10.76 48.42
CA ALA A 134 2.56 10.87 49.85
C ALA A 134 3.96 10.29 50.11
N ALA A 135 4.29 9.22 49.40
CA ALA A 135 5.61 8.57 49.53
C ALA A 135 6.71 9.51 49.08
N VAL A 136 6.47 10.27 47.99
CA VAL A 136 7.41 11.30 47.54
C VAL A 136 7.47 12.50 48.50
N ALA A 137 6.29 12.99 48.91
CA ALA A 137 6.21 14.19 49.74
C ALA A 137 6.88 13.93 51.08
N ALA A 138 6.83 12.68 51.57
CA ALA A 138 7.36 12.35 52.91
C ALA A 138 8.87 12.16 52.92
N TYR A 139 9.50 12.13 51.74
CA TYR A 139 10.93 11.79 51.63
C TYR A 139 11.76 13.03 51.27
N SER A 140 12.67 13.41 52.18
CA SER A 140 13.48 14.61 51.97
C SER A 140 14.52 14.47 50.84
N GLY A 141 14.86 13.27 50.43
CA GLY A 141 15.83 13.12 49.34
C GLY A 141 15.19 13.09 47.96
N PRO A 142 16.00 12.80 46.95
CA PRO A 142 15.52 12.62 45.60
C PRO A 142 14.66 11.34 45.44
N SER A 143 13.66 11.42 44.58
CA SER A 143 12.77 10.29 44.30
C SER A 143 12.69 10.10 42.80
N ILE A 144 12.64 8.84 42.36
CA ILE A 144 12.26 8.50 40.98
C ILE A 144 10.94 7.78 41.09
N VAL A 145 9.97 8.19 40.28
CA VAL A 145 8.63 7.59 40.30
C VAL A 145 8.51 6.86 38.97
N TYR A 146 8.18 5.57 38.99
CA TYR A 146 8.06 4.77 37.75
C TYR A 146 6.61 4.32 37.59
N LEU A 147 5.96 4.85 36.55
CA LEU A 147 4.54 4.71 36.29
C LEU A 147 4.37 4.05 34.93
N VAL A 148 3.92 2.81 34.96
CA VAL A 148 3.61 2.04 33.76
C VAL A 148 2.15 2.21 33.45
N ASN A 149 1.85 2.58 32.20
CA ASN A 149 0.53 3.04 31.82
C ASN A 149 0.30 2.76 30.36
N PRO A 150 -0.47 1.70 30.01
CA PRO A 150 -1.15 0.70 30.82
C PRO A 150 -0.19 -0.12 31.63
N ASN A 151 -0.57 -0.52 32.83
CA ASN A 151 0.30 -1.29 33.72
C ASN A 151 0.43 -2.72 33.23
N ASN A 152 1.59 -3.31 33.50
CA ASN A 152 1.88 -4.73 33.29
C ASN A 152 2.21 -5.19 34.67
N PRO A 153 1.45 -6.18 35.22
CA PRO A 153 0.62 -7.20 34.62
C PRO A 153 -0.88 -6.97 34.60
N THR A 154 -1.38 -5.93 35.27
CA THR A 154 -2.83 -5.78 35.48
C THR A 154 -3.57 -5.40 34.19
N GLY A 155 -2.91 -4.68 33.28
CA GLY A 155 -3.50 -4.20 32.02
C GLY A 155 -4.27 -2.89 32.07
N THR A 156 -4.40 -2.30 33.26
CA THR A 156 -5.25 -1.14 33.45
C THR A 156 -4.50 0.15 33.16
N ILE A 157 -5.27 1.20 32.89
CA ILE A 157 -4.74 2.56 32.82
C ILE A 157 -5.07 3.36 34.08
N THR A 158 -4.23 4.36 34.33
CA THR A 158 -4.47 5.39 35.33
C THR A 158 -4.93 6.61 34.54
N PRO A 159 -6.10 7.17 34.88
CA PRO A 159 -6.57 8.36 34.14
C PRO A 159 -5.56 9.52 34.07
N ALA A 160 -5.48 10.18 32.92
CA ALA A 160 -4.56 11.31 32.79
C ALA A 160 -4.82 12.44 33.79
N ASP A 161 -6.07 12.65 34.20
CA ASP A 161 -6.35 13.76 35.10
C ASP A 161 -5.89 13.50 36.55
N VAL A 162 -5.46 12.28 36.83
CA VAL A 162 -4.87 11.92 38.11
C VAL A 162 -3.35 12.07 38.06
N ILE A 163 -2.72 11.65 36.96
CA ILE A 163 -1.24 11.77 36.80
C ILE A 163 -0.72 13.18 36.42
N GLU A 164 -1.34 13.79 35.41
CA GLU A 164 -0.84 15.09 34.89
C GLU A 164 -0.71 16.21 35.94
N PRO A 165 -1.71 16.38 36.82
CA PRO A 165 -1.55 17.49 37.79
C PRO A 165 -0.50 17.22 38.82
N TRP A 166 -0.27 15.97 39.17
CA TRP A 166 0.85 15.62 40.05
C TRP A 166 2.18 16.02 39.41
N ILE A 167 2.36 15.65 38.15
CA ILE A 167 3.63 15.94 37.45
C ILE A 167 3.79 17.45 37.22
N ALA A 168 2.69 18.09 36.85
CA ALA A 168 2.69 19.52 36.58
C ALA A 168 3.01 20.31 37.86
N SER A 169 2.74 19.75 39.04
CA SER A 169 3.01 20.43 40.31
C SER A 169 4.51 20.45 40.64
N LYS A 170 5.34 19.71 39.89
CA LYS A 170 6.79 19.69 40.11
C LYS A 170 7.26 19.43 41.55
N PRO A 171 6.88 18.29 42.12
CA PRO A 171 7.43 17.96 43.44
C PRO A 171 8.97 17.99 43.45
N ALA A 172 9.52 18.55 44.51
CA ALA A 172 10.92 18.84 44.59
C ALA A 172 11.69 17.55 44.38
N ASN A 173 12.76 17.64 43.61
CA ASN A 173 13.71 16.55 43.54
C ASN A 173 13.12 15.24 43.07
N THR A 174 12.21 15.30 42.09
CA THR A 174 11.47 14.13 41.63
C THR A 174 11.48 14.03 40.11
N PHE A 176 9.92 11.67 36.96
CA PHE A 176 8.87 10.74 36.63
C PHE A 176 9.32 9.99 35.40
N ILE A 177 9.31 8.67 35.47
CA ILE A 177 9.48 7.82 34.30
C ILE A 177 8.11 7.23 33.98
N VAL A 178 7.60 7.50 32.79
CA VAL A 178 6.31 7.05 32.36
C VAL A 178 6.49 6.09 31.20
N ASP A 179 6.08 4.84 31.39
CA ASP A 179 6.35 3.73 30.48
C ASP A 179 5.08 3.40 29.73
N GLU A 180 5.04 3.82 28.47
CA GLU A 180 3.85 3.65 27.65
C GLU A 180 4.04 2.58 26.59
N ALA A 181 4.75 1.51 26.95
CA ALA A 181 4.97 0.34 26.08
C ALA A 181 3.70 -0.07 25.36
N TYR A 182 2.57 -0.16 26.09
CA TYR A 182 1.34 -0.72 25.51
C TYR A 182 0.29 0.31 25.07
N ALA A 183 0.68 1.57 24.96
CA ALA A 183 -0.30 2.67 24.90
C ALA A 183 -1.16 2.67 23.63
N GLU A 184 -0.64 2.20 22.51
CA GLU A 184 -1.43 2.20 21.28
C GLU A 184 -2.63 1.23 21.26
N PHE A 185 -2.67 0.28 22.16
CA PHE A 185 -3.78 -0.66 22.29
C PHE A 185 -4.96 -0.05 23.05
N VAL A 186 -4.76 1.09 23.72
CA VAL A 186 -5.71 1.59 24.71
C VAL A 186 -7.03 2.03 24.04
N ASN A 187 -8.15 1.67 24.66
CA ASN A 187 -9.49 2.16 24.23
C ASN A 187 -10.07 3.18 25.21
N ASP A 188 -9.65 3.14 26.46
CA ASP A 188 -10.24 4.01 27.50
C ASP A 188 -9.93 5.50 27.20
N PRO A 189 -10.97 6.35 27.07
CA PRO A 189 -10.72 7.77 26.79
C PRO A 189 -10.19 8.60 27.97
N ARG A 190 -10.12 8.04 29.20
CA ARG A 190 -9.49 8.72 30.33
C ARG A 190 -7.95 8.65 30.20
N PHE A 191 -7.46 7.74 29.33
CA PHE A 191 -6.03 7.61 29.07
C PHE A 191 -5.58 8.69 28.10
N ARG A 192 -4.43 9.29 28.44
CA ARG A 192 -3.75 10.27 27.59
CA ARG A 192 -3.75 10.27 27.58
C ARG A 192 -2.24 10.01 27.62
N SER A 193 -1.58 10.01 26.45
CA SER A 193 -0.10 9.99 26.44
C SER A 193 0.45 11.25 27.15
N ILE A 194 1.53 11.07 27.89
CA ILE A 194 2.17 12.17 28.59
C ILE A 194 3.00 13.02 27.64
N SER A 195 3.20 12.53 26.43
CA SER A 195 4.03 13.20 25.44
C SER A 195 3.85 14.73 25.26
N PRO A 196 2.58 15.21 25.19
CA PRO A 196 2.46 16.65 25.00
C PRO A 196 3.06 17.49 26.17
N ILE A 198 5.88 17.02 27.54
CA ILE A 198 7.31 17.18 27.19
C ILE A 198 7.48 18.20 26.04
N THR A 199 6.64 18.06 25.03
CA THR A 199 6.54 19.07 23.97
C THR A 199 6.37 20.49 24.55
N GLN A 200 5.61 20.61 25.64
CA GLN A 200 5.32 21.90 26.27
C GLN A 200 6.42 22.34 27.24
N GLY A 201 7.47 21.52 27.38
CA GLY A 201 8.70 21.92 28.08
C GLY A 201 8.98 21.29 29.44
N ALA A 202 8.22 20.27 29.86
CA ALA A 202 8.50 19.60 31.14
C ALA A 202 9.96 19.05 31.20
N GLU A 203 10.62 19.29 32.33
CA GLU A 203 11.96 18.82 32.61
C GLU A 203 12.00 17.68 33.65
N ASN A 204 10.82 17.22 34.10
CA ASN A 204 10.73 16.18 35.11
C ASN A 204 10.03 14.92 34.61
N ILE A 205 10.02 14.70 33.30
CA ILE A 205 9.38 13.52 32.72
C ILE A 205 10.29 12.84 31.72
N ILE A 206 10.45 11.51 31.87
CA ILE A 206 11.02 10.59 30.86
C ILE A 206 9.85 9.68 30.39
N LEU A 207 9.52 9.78 29.11
CA LEU A 207 8.60 8.88 28.45
C LEU A 207 9.40 7.79 27.78
N LEU A 208 9.02 6.57 28.04
CA LEU A 208 9.65 5.42 27.40
C LEU A 208 8.65 4.74 26.50
N LYS A 209 9.12 4.45 25.29
CA LYS A 209 8.33 3.76 24.30
CA LYS A 209 8.36 3.84 24.21
C LYS A 209 9.16 2.69 23.60
N THR A 210 8.47 1.77 22.92
CA THR A 210 9.11 0.60 22.31
C THR A 210 8.40 0.25 21.02
N PHE A 211 9.11 -0.38 20.08
CA PHE A 211 8.51 -0.99 18.88
C PHE A 211 8.11 -2.48 19.09
N SER A 212 8.27 -2.97 20.30
CA SER A 212 8.15 -4.39 20.62
C SER A 212 6.67 -4.86 20.66
N LYS A 213 5.70 -3.96 20.73
CA LYS A 213 4.31 -4.35 21.02
C LYS A 213 3.36 -4.07 19.85
N ILE A 214 2.75 -2.90 19.75
CA ILE A 214 1.86 -2.66 18.59
C ILE A 214 2.61 -2.91 17.28
N HIS A 215 3.87 -2.51 17.21
CA HIS A 215 4.66 -2.64 15.98
C HIS A 215 5.19 -4.06 15.80
N ALA A 216 5.01 -4.93 16.78
CA ALA A 216 5.32 -6.36 16.60
C ALA A 216 6.80 -6.68 16.32
N ALA A 218 9.41 -7.13 18.87
CA ALA A 218 10.10 -7.46 20.11
C ALA A 218 11.53 -7.93 19.83
N GLY A 219 11.72 -8.83 18.87
CA GLY A 219 13.05 -9.39 18.64
C GLY A 219 13.99 -8.50 17.86
N ARG A 221 14.62 -5.30 18.87
CA ARG A 221 15.28 -4.47 19.86
C ARG A 221 15.40 -2.97 19.46
N VAL A 222 14.25 -2.31 19.34
CA VAL A 222 14.20 -0.89 19.08
C VAL A 222 13.22 -0.24 20.03
N GLY A 223 13.72 0.66 20.87
CA GLY A 223 12.87 1.51 21.67
C GLY A 223 13.50 2.87 21.77
N TYR A 224 12.89 3.76 22.57
CA TYR A 224 13.40 5.12 22.71
C TYR A 224 12.85 5.80 23.97
N ALA A 225 13.55 6.85 24.37
CA ALA A 225 13.10 7.79 25.41
C ALA A 225 12.79 9.16 24.76
N VAL A 226 11.78 9.83 25.32
CA VAL A 226 11.46 11.22 24.99
C VAL A 226 11.57 12.05 26.26
N ALA A 227 12.33 13.14 26.22
CA ALA A 227 12.47 13.99 27.39
C ALA A 227 13.04 15.35 27.01
N HIS A 228 13.15 16.26 27.98
CA HIS A 228 13.84 17.53 27.72
C HIS A 228 15.28 17.19 27.29
N PRO A 229 15.90 18.00 26.43
CA PRO A 229 17.26 17.64 26.05
C PRO A 229 18.27 17.48 27.17
N THR A 230 18.14 18.22 28.28
CA THR A 230 19.07 18.09 29.39
C THR A 230 18.99 16.68 30.01
N VAL A 231 17.78 16.11 30.04
CA VAL A 231 17.53 14.79 30.60
C VAL A 231 18.02 13.70 29.64
N ILE A 232 17.72 13.84 28.36
CA ILE A 232 18.26 12.92 27.38
C ILE A 232 19.81 12.89 27.39
N ALA A 233 20.44 14.06 27.52
CA ALA A 233 21.89 14.14 27.56
C ALA A 233 22.42 13.32 28.74
N LEU A 234 21.75 13.39 29.90
CA LEU A 234 22.20 12.62 31.07
CA LEU A 234 22.17 12.63 31.08
C LEU A 234 22.01 11.12 30.87
N GLY A 236 22.01 9.50 28.13
CA GLY A 236 22.89 9.05 27.10
C GLY A 236 24.29 8.68 27.56
N ARG A 237 24.65 9.14 28.76
CA ARG A 237 25.92 8.79 29.36
CA ARG A 237 25.90 8.79 29.44
C ARG A 237 25.91 7.33 29.88
N TYR A 238 24.74 6.68 29.90
CA TYR A 238 24.57 5.31 30.42
C TYR A 238 24.18 4.29 29.39
N VAL A 239 24.32 4.66 28.11
CA VAL A 239 24.25 3.73 26.98
C VAL A 239 25.50 3.97 26.13
N ALA A 240 25.86 2.97 25.32
CA ALA A 240 27.06 3.06 24.49
C ALA A 240 26.66 3.62 23.12
N GLY A 241 26.30 4.88 23.16
CA GLY A 241 25.81 5.57 22.00
C GLY A 241 24.46 5.05 21.56
N GLU A 242 24.07 5.49 20.38
CA GLU A 242 22.86 5.02 19.74
C GLU A 242 23.31 4.19 18.55
N LYS A 243 23.35 2.88 18.75
CA LYS A 243 23.95 1.95 17.79
C LYS A 243 22.99 0.76 17.63
N ILE A 244 21.80 1.09 17.14
CA ILE A 244 20.71 0.15 16.95
C ILE A 244 21.06 -0.70 15.74
N ASN A 245 20.56 -1.92 15.72
CA ASN A 245 20.87 -2.85 14.65
C ASN A 245 20.18 -2.43 13.34
N PHE A 246 20.85 -2.72 12.23
CA PHE A 246 20.42 -2.24 10.90
C PHE A 246 19.02 -2.73 10.51
N SER A 247 18.71 -3.99 10.72
CA SER A 247 17.39 -4.49 10.35
C SER A 247 16.31 -3.82 11.19
N GLY A 248 16.56 -3.68 12.49
CA GLY A 248 15.65 -3.00 13.36
C GLY A 248 15.40 -1.55 13.00
N VAL A 249 16.47 -0.81 12.68
CA VAL A 249 16.35 0.60 12.32
C VAL A 249 15.52 0.74 11.03
N ASP A 250 15.83 -0.05 10.02
CA ASP A 250 15.09 0.03 8.76
C ASP A 250 13.65 -0.54 8.92
N ALA A 251 13.47 -1.53 9.79
CA ALA A 251 12.11 -1.99 10.05
C ALA A 251 11.31 -0.91 10.78
N ALA A 252 11.93 -0.24 11.75
CA ALA A 252 11.24 0.83 12.49
C ALA A 252 10.85 1.98 11.55
N LEU A 253 11.75 2.38 10.66
CA LEU A 253 11.44 3.47 9.72
C LEU A 253 10.24 3.11 8.87
N ALA A 254 10.19 1.87 8.39
CA ALA A 254 9.08 1.42 7.56
C ALA A 254 7.76 1.30 8.35
N SER A 255 7.81 0.78 9.57
CA SER A 255 6.59 0.53 10.37
C SER A 255 5.92 1.86 10.73
N ASN A 257 5.67 4.31 8.79
CA ASN A 257 4.89 4.72 7.60
C ASN A 257 3.69 3.79 7.27
N ASP A 258 3.67 2.58 7.81
CA ASP A 258 2.62 1.58 7.55
C ASP A 258 1.50 1.71 8.58
N SER A 259 0.69 2.76 8.41
CA SER A 259 -0.39 3.06 9.33
C SER A 259 -1.52 2.02 9.26
N ALA A 260 -1.70 1.40 8.10
CA ALA A 260 -2.72 0.39 7.91
C ALA A 260 -2.43 -0.82 8.82
N PHE A 261 -1.15 -1.21 8.89
CA PHE A 261 -0.77 -2.32 9.77
C PHE A 261 -1.06 -2.01 11.24
N ILE A 262 -0.75 -0.80 11.70
CA ILE A 262 -0.94 -0.44 13.12
C ILE A 262 -2.43 -0.54 13.50
N THR A 263 -3.27 -0.03 12.60
CA THR A 263 -4.72 -0.18 12.75
C THR A 263 -5.15 -1.64 12.86
N TYR A 264 -4.62 -2.49 11.99
CA TYR A 264 -4.91 -3.93 12.00
C TYR A 264 -4.41 -4.62 13.29
N SER A 265 -3.19 -4.26 13.70
CA SER A 265 -2.55 -4.77 14.90
C SER A 265 -3.45 -4.52 16.13
N LYS A 266 -3.98 -3.32 16.27
CA LYS A 266 -4.91 -3.01 17.37
C LYS A 266 -6.25 -3.78 17.24
N LYS A 267 -6.82 -3.74 16.04
CA LYS A 267 -8.14 -4.37 15.80
C LYS A 267 -8.11 -5.85 16.10
N SER A 268 -7.06 -6.55 15.62
CA SER A 268 -6.90 -7.97 15.90
C SER A 268 -6.79 -8.23 17.40
N ASN A 269 -6.04 -7.37 18.09
CA ASN A 269 -5.94 -7.47 19.54
C ASN A 269 -7.30 -7.32 20.21
N ASP A 270 -8.10 -6.37 19.74
CA ASP A 270 -9.43 -6.12 20.28
C ASP A 270 -10.34 -7.35 20.11
N VAL A 271 -10.30 -7.96 18.93
CA VAL A 271 -11.06 -9.16 18.68
C VAL A 271 -10.64 -10.29 19.63
N SER A 272 -9.32 -10.50 19.77
CA SER A 272 -8.82 -11.55 20.63
C SER A 272 -9.24 -11.34 22.08
N ARG A 273 -9.20 -10.08 22.54
CA ARG A 273 -9.60 -9.73 23.90
C ARG A 273 -11.04 -10.18 24.19
N GLN A 274 -11.97 -9.83 23.31
CA GLN A 274 -13.37 -10.18 23.53
CA GLN A 274 -13.40 -10.21 23.43
C GLN A 274 -13.59 -11.71 23.59
N ILE A 275 -12.82 -12.47 22.82
CA ILE A 275 -12.93 -13.92 22.90
C ILE A 275 -12.54 -14.46 24.27
N LEU A 276 -11.45 -13.96 24.81
CA LEU A 276 -11.04 -14.35 26.15
C LEU A 276 -12.04 -13.90 27.23
N LEU A 277 -12.50 -12.64 27.13
CA LEU A 277 -13.44 -12.06 28.11
C LEU A 277 -14.78 -12.82 28.13
N LYS A 278 -15.25 -13.23 26.95
CA LYS A 278 -16.47 -14.05 26.83
CA LYS A 278 -16.47 -14.04 26.85
C LYS A 278 -16.31 -15.34 27.64
N ALA A 279 -15.16 -16.02 27.49
CA ALA A 279 -14.87 -17.25 28.27
C ALA A 279 -14.82 -16.99 29.80
N LEU A 280 -14.18 -15.91 30.22
CA LEU A 280 -14.08 -15.55 31.65
C LEU A 280 -15.46 -15.27 32.30
N GLU A 281 -16.28 -14.50 31.59
CA GLU A 281 -17.68 -14.27 31.94
C GLU A 281 -18.51 -15.55 32.06
N ASP A 282 -18.34 -16.49 31.13
CA ASP A 282 -19.06 -17.77 31.21
C ASP A 282 -18.60 -18.55 32.46
N LEU A 283 -17.31 -18.47 32.78
CA LEU A 283 -16.73 -19.19 33.91
C LEU A 283 -16.89 -18.46 35.24
N LYS A 284 -17.39 -17.24 35.15
CA LYS A 284 -17.51 -16.33 36.30
C LYS A 284 -16.18 -16.11 37.02
N LEU A 285 -15.12 -15.91 36.24
CA LEU A 285 -13.81 -15.58 36.81
C LEU A 285 -13.63 -14.05 36.67
N PRO A 286 -13.42 -13.34 37.79
CA PRO A 286 -13.21 -11.89 37.66
C PRO A 286 -11.93 -11.57 36.83
N TYR A 287 -11.97 -10.47 36.10
CA TYR A 287 -10.81 -9.91 35.43
C TYR A 287 -10.76 -8.39 35.48
N LEU A 288 -9.57 -7.85 35.25
CA LEU A 288 -9.37 -6.41 35.24
C LEU A 288 -9.52 -5.87 33.82
N PRO A 289 -9.91 -4.59 33.69
CA PRO A 289 -10.04 -4.05 32.33
C PRO A 289 -8.66 -4.12 31.64
N SER A 290 -8.69 -4.49 30.38
CA SER A 290 -7.50 -4.77 29.59
C SER A 290 -7.39 -3.66 28.57
N GLU A 291 -6.33 -2.88 28.66
CA GLU A 291 -6.08 -1.80 27.72
C GLU A 291 -4.79 -2.01 26.91
N GLY A 292 -4.10 -3.11 27.22
CA GLY A 292 -2.91 -3.57 26.49
C GLY A 292 -3.23 -4.82 25.66
N ASN A 293 -2.23 -5.69 25.47
CA ASN A 293 -2.39 -6.94 24.70
C ASN A 293 -2.32 -8.19 25.60
N PHE A 294 -2.92 -8.06 26.80
CA PHE A 294 -2.97 -9.14 27.79
C PHE A 294 -4.10 -8.89 28.79
N VAL A 295 -4.52 -9.92 29.51
CA VAL A 295 -5.62 -9.82 30.47
C VAL A 295 -5.15 -10.43 31.77
N PHE A 296 -5.46 -9.75 32.87
CA PHE A 296 -5.14 -10.22 34.19
C PHE A 296 -6.46 -10.71 34.76
N HIS A 297 -6.53 -12.00 35.08
CA HIS A 297 -7.75 -12.58 35.67
C HIS A 297 -7.48 -13.47 36.87
N GLN A 298 -8.54 -13.67 37.66
CA GLN A 298 -8.47 -14.40 38.89
C GLN A 298 -8.60 -15.88 38.64
N LEU A 299 -8.05 -16.67 39.57
CA LEU A 299 -8.18 -18.12 39.54
C LEU A 299 -8.75 -18.60 40.86
N VAL A 300 -9.51 -19.71 40.79
CA VAL A 300 -9.95 -20.40 41.99
C VAL A 300 -9.10 -21.66 42.27
N VAL A 301 -8.34 -22.14 41.29
CA VAL A 301 -7.37 -23.23 41.48
C VAL A 301 -5.97 -22.62 41.67
N PRO A 302 -5.02 -23.39 42.24
CA PRO A 302 -3.66 -22.86 42.34
C PRO A 302 -3.06 -22.46 40.98
N LEU A 303 -2.43 -21.29 40.94
CA LEU A 303 -1.82 -20.76 39.72
C LEU A 303 -0.88 -21.79 39.15
N LYS A 304 -0.06 -22.41 40.00
CA LYS A 304 0.96 -23.34 39.52
C LYS A 304 0.36 -24.56 38.85
N ASP A 305 -0.75 -25.06 39.41
CA ASP A 305 -1.47 -26.19 38.77
C ASP A 305 -2.01 -25.75 37.40
N TYR A 306 -2.60 -24.56 37.35
CA TYR A 306 -3.17 -24.06 36.12
C TYR A 306 -2.08 -23.85 35.05
N GLN A 307 -0.94 -23.30 35.46
CA GLN A 307 0.17 -23.10 34.54
C GLN A 307 0.65 -24.45 33.97
N THR A 308 0.69 -25.47 34.84
CA THR A 308 1.19 -26.79 34.46
C THR A 308 0.20 -27.49 33.54
N HIS A 309 -1.09 -27.39 33.85
CA HIS A 309 -2.10 -28.03 32.99
C HIS A 309 -2.18 -27.39 31.60
N ALA A 311 0.41 -25.74 30.15
CA ALA A 311 1.66 -26.14 29.46
C ALA A 311 1.49 -27.53 28.83
N ASP A 312 0.86 -28.43 29.57
CA ASP A 312 0.67 -29.82 29.12
C ASP A 312 -0.30 -29.90 27.94
N ALA A 313 -1.22 -28.95 27.85
CA ALA A 313 -2.13 -28.85 26.71
C ALA A 313 -1.54 -28.02 25.57
N GLY A 314 -0.28 -27.58 25.71
CA GLY A 314 0.42 -26.83 24.68
C GLY A 314 0.14 -25.34 24.68
N VAL A 315 -0.13 -24.77 25.86
CA VAL A 315 -0.35 -23.33 25.99
C VAL A 315 0.55 -22.78 27.09
N LEU A 316 1.40 -21.81 26.75
CA LEU A 316 2.30 -21.20 27.71
C LEU A 316 1.75 -19.85 28.11
N ILE A 317 1.35 -19.73 29.38
CA ILE A 317 0.76 -18.50 29.92
C ILE A 317 1.79 -17.76 30.79
N GLY A 318 1.42 -16.62 31.33
CA GLY A 318 2.34 -15.87 32.18
C GLY A 318 2.85 -16.54 33.44
N ARG A 319 4.04 -16.11 33.85
CA ARG A 319 4.60 -16.47 35.15
C ARG A 319 3.79 -15.88 36.30
N ALA A 320 4.12 -16.27 37.54
CA ALA A 320 3.51 -15.69 38.76
C ALA A 320 3.93 -14.24 38.94
N PHE A 321 2.97 -13.42 39.38
CA PHE A 321 3.19 -12.02 39.71
C PHE A 321 2.80 -11.73 41.17
N PRO A 322 3.63 -12.18 42.14
CA PRO A 322 3.34 -11.77 43.51
C PRO A 322 3.31 -10.23 43.64
N PRO A 323 2.48 -9.71 44.57
CA PRO A 323 1.65 -10.39 45.56
C PRO A 323 0.24 -10.84 45.10
N ALA A 324 -0.06 -10.75 43.81
CA ALA A 324 -1.36 -11.18 43.29
C ALA A 324 -1.30 -12.67 43.02
N ASP A 325 -1.23 -13.46 44.09
CA ASP A 325 -0.88 -14.88 43.97
C ASP A 325 -1.95 -15.74 43.33
N ASN A 326 -3.19 -15.28 43.33
CA ASN A 326 -4.31 -16.06 42.81
CA ASN A 326 -4.31 -16.04 42.81
C ASN A 326 -4.81 -15.50 41.47
N TRP A 327 -3.89 -14.85 40.72
CA TRP A 327 -4.21 -14.20 39.43
C TRP A 327 -3.21 -14.67 38.39
N CYS A 328 -3.65 -14.67 37.14
CA CYS A 328 -2.77 -15.00 36.04
C CYS A 328 -2.86 -13.95 34.92
N ARG A 329 -1.74 -13.72 34.27
CA ARG A 329 -1.66 -12.82 33.15
C ARG A 329 -1.59 -13.67 31.91
N ILE A 330 -2.60 -13.51 31.05
CA ILE A 330 -2.74 -14.26 29.85
C ILE A 330 -2.51 -13.31 28.68
N SER A 331 -1.44 -13.48 27.91
CA SER A 331 -1.28 -12.61 26.72
C SER A 331 -2.32 -12.92 25.63
N LEU A 332 -2.60 -11.93 24.82
CA LEU A 332 -3.61 -12.13 23.78
C LEU A 332 -2.94 -12.62 22.51
N GLY A 333 -3.28 -13.85 22.13
CA GLY A 333 -2.86 -14.45 20.87
C GLY A 333 -3.73 -14.01 19.70
N THR A 334 -3.58 -14.69 18.56
CA THR A 334 -4.41 -14.38 17.39
C THR A 334 -5.83 -14.79 17.77
N PRO A 335 -6.85 -14.28 17.04
CA PRO A 335 -8.24 -14.66 17.35
C PRO A 335 -8.46 -16.19 17.35
N GLN A 336 -7.84 -16.87 16.37
CA GLN A 336 -7.99 -18.33 16.30
CA GLN A 336 -7.94 -18.32 16.24
C GLN A 336 -7.29 -19.00 17.47
N GLU A 337 -6.14 -18.47 17.90
CA GLU A 337 -5.48 -19.05 19.06
C GLU A 337 -6.36 -18.87 20.31
N GLN A 339 -9.68 -18.40 20.58
CA GLN A 339 -10.83 -19.32 20.51
C GLN A 339 -10.47 -20.75 20.99
N TRP A 340 -9.34 -21.25 20.55
CA TRP A 340 -8.91 -22.56 20.97
C TRP A 340 -8.58 -22.57 22.48
N VAL A 341 -7.93 -21.49 22.94
CA VAL A 341 -7.60 -21.40 24.36
C VAL A 341 -8.89 -21.30 25.20
N ALA A 342 -9.79 -20.41 24.80
CA ALA A 342 -11.07 -20.22 25.45
C ALA A 342 -11.84 -21.54 25.55
N ASP A 343 -11.91 -22.29 24.46
CA ASP A 343 -12.58 -23.56 24.55
C ASP A 343 -11.84 -24.58 25.44
N THR A 344 -10.50 -24.55 25.47
CA THR A 344 -9.72 -25.39 26.38
C THR A 344 -10.06 -25.04 27.86
N ARG A 346 -12.96 -23.82 28.91
CA ARG A 346 -14.27 -24.39 29.16
C ARG A 346 -14.18 -25.87 29.47
N GLU A 347 -13.29 -26.57 28.77
CA GLU A 347 -13.10 -28.00 29.00
C GLU A 347 -12.41 -28.27 30.34
N PHE A 348 -11.44 -27.42 30.69
CA PHE A 348 -10.78 -27.48 31.99
C PHE A 348 -11.82 -27.37 33.11
N ARG A 349 -12.77 -26.44 32.95
CA ARG A 349 -13.79 -26.19 33.97
C ARG A 349 -14.58 -27.49 34.27
N LYS A 350 -14.90 -28.24 33.22
CA LYS A 350 -15.69 -29.45 33.37
C LYS A 350 -14.97 -30.45 34.27
N LYS A 351 -13.65 -30.43 34.25
CA LYS A 351 -12.86 -31.38 35.06
C LYS A 351 -12.22 -30.70 36.27
N SER A 352 -12.73 -29.53 36.65
CA SER A 352 -12.23 -28.74 37.79
C SER A 352 -10.79 -28.20 37.73
N TRP A 353 -10.22 -28.10 36.53
CA TRP A 353 -8.84 -27.63 36.36
C TRP A 353 -8.78 -26.12 36.22
N ILE A 354 -9.96 -25.50 36.13
CA ILE A 354 -10.11 -24.08 36.25
C ILE A 354 -11.41 -23.79 36.98
N ALA B 9 30.61 -6.68 -9.18
CA ALA B 9 31.91 -6.01 -9.49
C ALA B 9 32.12 -4.79 -8.57
N PHE B 10 33.21 -4.07 -8.81
CA PHE B 10 33.49 -2.78 -8.17
C PHE B 10 33.21 -1.65 -9.19
N THR B 11 32.66 -0.53 -8.72
CA THR B 11 32.43 0.67 -9.55
C THR B 11 33.24 1.89 -9.02
N ALA B 12 33.82 2.70 -9.93
CA ALA B 12 34.49 3.94 -9.52
C ALA B 12 33.58 4.78 -8.61
N PRO B 13 34.12 5.32 -7.52
CA PRO B 13 33.31 6.09 -6.58
C PRO B 13 33.04 7.53 -6.98
N SER B 14 32.05 8.13 -6.31
CA SER B 14 31.78 9.56 -6.37
C SER B 14 31.58 10.01 -4.93
N THR B 15 31.41 11.32 -4.71
CA THR B 15 31.05 11.81 -3.36
C THR B 15 29.69 11.28 -2.87
N ASP B 16 28.72 11.13 -3.77
CA ASP B 16 27.43 10.49 -3.45
C ASP B 16 27.53 8.96 -3.22
N ASN B 17 28.57 8.30 -3.75
CA ASN B 17 28.76 6.85 -3.55
C ASN B 17 30.24 6.51 -3.28
N PRO B 18 30.75 6.96 -2.13
CA PRO B 18 32.17 6.90 -1.84
C PRO B 18 32.68 5.52 -1.46
N ILE B 19 33.98 5.29 -1.62
CA ILE B 19 34.64 4.19 -0.92
C ILE B 19 34.71 4.52 0.58
N ARG B 20 34.18 3.61 1.39
CA ARG B 20 34.07 3.82 2.81
C ARG B 20 35.15 3.02 3.52
N ILE B 21 36.21 3.73 3.94
CA ILE B 21 37.34 3.11 4.64
C ILE B 21 37.64 3.92 5.89
N ASN B 22 36.53 4.27 6.55
CA ASN B 22 36.55 5.19 7.68
C ASN B 22 36.30 4.59 9.08
N PHE B 23 35.63 3.46 9.18
CA PHE B 23 35.20 2.91 10.49
C PHE B 23 35.61 1.45 10.76
N ASN B 24 36.60 0.92 10.03
CA ASN B 24 37.10 -0.45 10.22
C ASN B 24 36.03 -1.54 10.02
N GLU B 25 35.04 -1.27 9.18
CA GLU B 25 34.03 -2.26 8.82
C GLU B 25 34.61 -3.23 7.85
N ASN B 26 34.20 -4.49 7.94
CA ASN B 26 34.54 -5.46 6.93
C ASN B 26 33.86 -5.01 5.63
N PRO B 27 34.64 -4.88 4.54
CA PRO B 27 34.08 -4.42 3.25
C PRO B 27 33.35 -5.50 2.51
N LEU B 28 33.49 -6.73 3.00
CA LEU B 28 32.71 -7.87 2.56
C LEU B 28 31.35 -7.94 3.27
N GLY B 29 30.33 -8.36 2.56
CA GLY B 29 29.11 -8.85 3.21
C GLY B 29 29.44 -9.94 4.20
N SER B 31 28.90 -13.68 5.94
CA SER B 31 28.79 -15.05 5.40
C SER B 31 27.42 -15.31 4.77
N PRO B 32 27.39 -16.01 3.61
CA PRO B 32 26.08 -16.26 3.00
C PRO B 32 25.16 -17.09 3.88
N LYS B 33 25.71 -18.01 4.67
CA LYS B 33 24.95 -18.72 5.69
C LYS B 33 24.40 -17.79 6.80
N ALA B 34 25.22 -16.84 7.25
CA ALA B 34 24.80 -15.85 8.26
C ALA B 34 23.71 -14.94 7.67
N GLN B 35 23.85 -14.54 6.41
CA GLN B 35 22.83 -13.72 5.75
C GLN B 35 21.54 -14.47 5.65
N ALA B 36 21.57 -15.75 5.30
CA ALA B 36 20.34 -16.52 5.22
C ALA B 36 19.65 -16.63 6.58
N ALA B 37 20.43 -16.85 7.62
CA ALA B 37 19.94 -16.95 9.00
C ALA B 37 19.30 -15.64 9.45
N ALA B 38 20.00 -14.52 9.18
CA ALA B 38 19.55 -13.18 9.56
C ALA B 38 18.21 -12.84 8.92
N ARG B 39 18.08 -13.11 7.60
CA ARG B 39 16.86 -12.81 6.88
C ARG B 39 15.72 -13.74 7.31
N ASP B 40 16.02 -15.02 7.54
CA ASP B 40 14.99 -15.96 7.99
C ASP B 40 14.44 -15.61 9.38
N ALA B 41 15.26 -14.95 10.20
CA ALA B 41 14.86 -14.59 11.54
C ALA B 41 13.82 -13.47 11.59
N VAL B 42 13.64 -12.72 10.50
CA VAL B 42 12.77 -11.55 10.51
C VAL B 42 11.32 -11.94 10.81
N VAL B 43 10.83 -12.99 10.15
CA VAL B 43 9.46 -13.49 10.38
C VAL B 43 9.26 -13.99 11.84
N LYS B 44 10.34 -14.37 12.51
CA LYS B 44 10.29 -14.78 13.92
C LYS B 44 10.41 -13.62 14.89
N ALA B 45 10.81 -12.45 14.41
CA ALA B 45 11.23 -11.37 15.33
C ALA B 45 10.10 -10.54 15.91
N ASN B 46 8.84 -10.98 15.77
CA ASN B 46 7.76 -10.50 16.64
C ASN B 46 7.91 -10.98 18.09
N ARG B 47 8.77 -12.01 18.27
CA ARG B 47 9.06 -12.59 19.56
C ARG B 47 10.50 -12.38 19.95
N TYR B 48 10.73 -12.39 21.26
CA TYR B 48 12.08 -12.31 21.78
C TYR B 48 12.85 -13.63 21.49
N ALA B 49 14.12 -13.52 21.13
CA ALA B 49 15.02 -14.67 20.86
C ALA B 49 15.53 -15.36 22.13
N LYS B 50 14.64 -15.72 23.04
CA LYS B 50 15.09 -16.11 24.39
C LYS B 50 15.90 -17.39 24.32
N ASN B 51 15.34 -18.44 23.68
CA ASN B 51 16.08 -19.72 23.63
C ASN B 51 17.37 -19.66 22.80
N GLU B 52 17.30 -18.87 21.73
CA GLU B 52 18.42 -18.72 20.80
C GLU B 52 19.61 -18.03 21.47
N ILE B 53 19.32 -17.05 22.30
CA ILE B 53 20.34 -16.38 23.13
C ILE B 53 21.01 -17.36 24.08
N LEU B 54 20.23 -18.25 24.69
CA LEU B 54 20.82 -19.31 25.51
C LEU B 54 21.78 -20.20 24.67
N LEU B 56 23.41 -19.44 21.87
CA LEU B 56 24.58 -18.69 21.47
C LEU B 56 25.56 -18.58 22.62
N GLY B 57 25.06 -18.30 23.82
CA GLY B 57 25.88 -18.23 25.02
C GLY B 57 26.61 -19.55 25.28
N ASN B 58 25.89 -20.65 25.18
CA ASN B 58 26.48 -22.00 25.33
C ASN B 58 27.57 -22.29 24.30
N LYS B 59 27.33 -21.94 23.04
CA LYS B 59 28.28 -22.14 21.96
C LYS B 59 29.52 -21.28 22.16
N LEU B 60 29.34 -20.02 22.56
CA LEU B 60 30.49 -19.15 22.84
C LEU B 60 31.29 -19.70 24.03
N ALA B 61 30.60 -20.21 25.05
CA ALA B 61 31.27 -20.82 26.21
C ALA B 61 32.18 -22.00 25.80
N ALA B 62 31.63 -22.90 24.99
CA ALA B 62 32.42 -24.03 24.47
C ALA B 62 33.62 -23.51 23.64
N HIS B 63 33.40 -22.53 22.77
CA HIS B 63 34.48 -21.93 22.00
C HIS B 63 35.64 -21.45 22.90
N HIS B 64 35.32 -20.83 24.05
CA HIS B 64 36.35 -20.28 24.97
C HIS B 64 36.75 -21.23 26.10
N GLN B 65 36.24 -22.48 26.02
CA GLN B 65 36.52 -23.50 27.02
C GLN B 65 36.27 -23.01 28.44
N VAL B 66 35.10 -22.39 28.62
CA VAL B 66 34.56 -21.95 29.90
C VAL B 66 33.09 -22.43 30.02
N GLU B 67 32.49 -22.26 31.19
CA GLU B 67 31.06 -22.53 31.35
C GLU B 67 30.23 -21.30 30.97
N ALA B 68 28.95 -21.52 30.64
CA ALA B 68 27.98 -20.50 30.31
C ALA B 68 28.00 -19.25 31.21
N PRO B 69 28.14 -19.42 32.54
CA PRO B 69 28.22 -18.25 33.42
C PRO B 69 29.46 -17.34 33.24
N SER B 70 30.45 -17.78 32.48
CA SER B 70 31.58 -16.95 32.10
C SER B 70 31.42 -16.16 30.80
N ILE B 71 30.23 -16.21 30.17
CA ILE B 71 29.89 -15.44 29.00
C ILE B 71 28.72 -14.43 29.28
N LEU B 72 28.93 -13.17 28.88
CA LEU B 72 27.87 -12.14 28.88
C LEU B 72 27.73 -11.68 27.43
N LEU B 73 26.57 -11.92 26.83
CA LEU B 73 26.30 -11.40 25.52
C LEU B 73 25.88 -9.93 25.68
N THR B 74 26.37 -9.10 24.79
CA THR B 74 26.11 -7.67 24.77
C THR B 74 25.79 -7.21 23.35
N ALA B 75 25.16 -6.05 23.18
CA ALA B 75 24.89 -5.50 21.83
C ALA B 75 26.19 -4.81 21.31
N GLY B 76 27.08 -5.63 20.73
CA GLY B 76 28.40 -5.17 20.37
C GLY B 76 29.28 -5.11 21.60
N SER B 77 30.59 -5.04 21.39
CA SER B 77 31.53 -4.87 22.48
C SER B 77 31.45 -3.45 23.00
N SER B 78 30.89 -2.49 22.22
CA SER B 78 30.61 -1.14 22.74
C SER B 78 29.93 -1.22 24.12
N GLU B 79 28.92 -2.05 24.23
CA GLU B 79 28.22 -2.27 25.49
C GLU B 79 29.03 -3.04 26.56
N GLY B 80 29.90 -3.97 26.15
CA GLY B 80 30.77 -4.67 27.06
C GLY B 80 31.77 -3.71 27.70
N ILE B 81 32.32 -2.78 26.91
CA ILE B 81 33.25 -1.77 27.47
C ILE B 81 32.55 -0.95 28.54
N ARG B 82 31.34 -0.48 28.22
CA ARG B 82 30.56 0.33 29.16
C ARG B 82 30.27 -0.43 30.46
N ALA B 83 29.80 -1.66 30.33
CA ALA B 83 29.41 -2.50 31.48
C ALA B 83 30.61 -2.85 32.33
N ALA B 84 31.75 -3.11 31.67
CA ALA B 84 32.97 -3.42 32.39
C ALA B 84 33.37 -2.21 33.21
N ILE B 85 33.36 -1.01 32.62
CA ILE B 85 33.73 0.20 33.33
C ILE B 85 32.74 0.48 34.48
N GLU B 86 31.45 0.38 34.19
CA GLU B 86 30.46 0.67 35.23
C GLU B 86 30.57 -0.30 36.42
N ALA B 87 30.85 -1.56 36.14
CA ALA B 87 30.92 -2.59 37.17
C ALA B 87 32.07 -2.36 38.13
N TYR B 88 33.19 -1.77 37.66
CA TYR B 88 34.41 -1.66 38.46
C TYR B 88 34.75 -0.18 38.74
N ALA B 89 33.84 0.72 38.36
CA ALA B 89 34.06 2.15 38.64
C ALA B 89 33.80 2.51 40.11
N SER B 90 34.54 3.52 40.57
CA SER B 90 34.24 4.20 41.83
C SER B 90 34.92 5.57 41.72
N LEU B 91 34.61 6.46 42.66
CA LEU B 91 35.20 7.80 42.60
C LEU B 91 36.68 7.75 43.00
N GLU B 92 37.10 6.67 43.68
CA GLU B 92 38.50 6.43 44.01
C GLU B 92 39.37 5.78 42.90
N ALA B 93 38.75 5.29 41.84
CA ALA B 93 39.43 4.44 40.87
C ALA B 93 40.06 5.23 39.74
N GLN B 94 41.09 4.63 39.13
CA GLN B 94 41.72 5.21 37.95
C GLN B 94 41.58 4.24 36.78
N LEU B 95 41.53 4.81 35.61
CA LEU B 95 41.64 4.05 34.37
C LEU B 95 43.04 4.29 33.85
N VAL B 96 43.77 3.22 33.62
CA VAL B 96 45.12 3.32 33.08
C VAL B 96 45.10 2.88 31.63
N ILE B 97 45.51 3.78 30.75
CA ILE B 97 45.49 3.49 29.33
C ILE B 97 46.73 4.05 28.63
N PRO B 98 47.13 3.39 27.55
CA PRO B 98 48.05 4.03 26.60
C PRO B 98 47.41 5.31 26.07
N GLU B 99 48.24 6.33 25.80
CA GLU B 99 47.75 7.62 25.36
C GLU B 99 46.97 7.55 24.04
N LEU B 100 47.36 6.63 23.17
CA LEU B 100 46.74 6.51 21.83
C LEU B 100 46.09 5.15 21.72
N THR B 101 44.77 5.14 21.92
CA THR B 101 44.01 3.90 21.89
C THR B 101 42.54 4.16 21.67
N TYR B 102 41.74 3.11 21.71
CA TYR B 102 40.33 3.24 21.40
C TYR B 102 39.62 4.00 22.55
N GLY B 103 38.88 5.05 22.17
CA GLY B 103 38.42 6.09 23.10
C GLY B 103 37.28 5.75 24.08
N ASP B 104 36.53 4.67 23.84
CA ASP B 104 35.40 4.32 24.73
C ASP B 104 35.74 4.11 26.18
N GLY B 105 36.89 3.51 26.43
CA GLY B 105 37.35 3.34 27.79
C GLY B 105 37.39 4.65 28.57
N GLU B 106 38.05 5.66 27.99
CA GLU B 106 38.20 6.95 28.64
C GLU B 106 36.81 7.61 28.75
N HIS B 107 36.02 7.47 27.69
CA HIS B 107 34.67 8.06 27.63
C HIS B 107 33.84 7.64 28.85
N PHE B 108 33.77 6.33 29.12
CA PHE B 108 32.92 5.88 30.19
C PHE B 108 33.62 6.06 31.53
N ALA B 109 34.95 6.06 31.53
CA ALA B 109 35.67 6.43 32.78
C ALA B 109 35.39 7.85 33.27
N LYS B 110 35.37 8.82 32.36
CA LYS B 110 35.06 10.21 32.74
C LYS B 110 33.60 10.32 33.23
N ILE B 111 32.68 9.59 32.60
CA ILE B 111 31.27 9.55 33.07
C ILE B 111 31.19 9.07 34.51
N ALA B 112 32.04 8.10 34.86
CA ALA B 112 32.07 7.57 36.21
C ALA B 112 32.89 8.47 37.17
N GLY B 113 33.41 9.59 36.69
CA GLY B 113 34.21 10.49 37.56
C GLY B 113 35.58 9.96 37.95
N LYS B 115 39.64 9.16 37.61
CA LYS B 115 40.95 9.61 37.12
C LYS B 115 41.30 8.79 35.90
N VAL B 116 41.76 9.48 34.86
CA VAL B 116 42.19 8.83 33.63
C VAL B 116 43.70 9.06 33.59
N THR B 117 44.46 7.98 33.62
CA THR B 117 45.90 8.07 33.63
C THR B 117 46.45 7.56 32.32
N LYS B 118 46.82 8.49 31.44
CA LYS B 118 47.34 8.17 30.12
C LYS B 118 48.86 8.06 30.17
N VAL B 119 49.38 7.01 29.53
CA VAL B 119 50.82 6.71 29.53
C VAL B 119 51.29 6.91 28.10
N LYS B 120 52.26 7.81 27.95
CA LYS B 120 52.81 8.17 26.65
C LYS B 120 53.29 6.90 25.92
N LEU B 122 55.62 4.62 23.46
CA LEU B 122 57.06 4.55 23.14
C LEU B 122 57.31 5.14 21.74
N ASP B 123 58.60 5.37 21.44
CA ASP B 123 58.99 6.09 20.21
C ASP B 123 58.60 5.39 18.90
N ASN B 124 58.11 4.16 18.95
CA ASN B 124 57.52 3.48 17.78
C ASN B 124 55.98 3.37 17.76
N TRP B 125 55.30 4.22 18.54
CA TRP B 125 53.85 4.16 18.85
C TRP B 125 53.41 2.86 19.57
N ALA B 126 54.35 2.11 20.11
CA ALA B 126 54.06 0.93 20.93
C ALA B 126 53.61 1.35 22.33
N PHE B 127 52.91 0.42 22.99
CA PHE B 127 52.52 0.58 24.36
C PHE B 127 53.78 0.62 25.26
N ASP B 128 53.77 1.45 26.30
CA ASP B 128 54.87 1.46 27.27
C ASP B 128 54.39 0.64 28.46
N ILE B 129 54.58 -0.67 28.39
CA ILE B 129 54.04 -1.57 29.38
C ILE B 129 54.71 -1.32 30.74
N GLU B 130 56.01 -1.02 30.76
CA GLU B 130 56.64 -0.64 32.03
C GLU B 130 55.95 0.62 32.64
N GLY B 131 55.62 1.59 31.79
CA GLY B 131 54.90 2.79 32.23
C GLY B 131 53.47 2.51 32.71
N LEU B 132 52.77 1.64 32.01
CA LEU B 132 51.44 1.21 32.42
C LEU B 132 51.54 0.48 33.78
N LYS B 133 52.50 -0.41 33.92
CA LYS B 133 52.70 -1.14 35.20
C LYS B 133 53.01 -0.16 36.35
N ALA B 134 53.84 0.83 36.08
CA ALA B 134 54.17 1.85 37.13
C ALA B 134 52.97 2.74 37.48
N ALA B 135 52.15 3.09 36.49
CA ALA B 135 50.90 3.87 36.74
C ALA B 135 49.98 3.14 37.74
N VAL B 136 49.88 1.82 37.58
CA VAL B 136 49.14 0.96 38.55
C VAL B 136 49.82 0.80 39.89
N ALA B 137 51.11 0.48 39.88
CA ALA B 137 51.83 0.18 41.12
C ALA B 137 51.83 1.38 42.07
N ALA B 138 51.95 2.59 41.55
CA ALA B 138 52.11 3.77 42.44
C ALA B 138 50.80 4.46 42.87
N TYR B 139 49.68 3.85 42.49
CA TYR B 139 48.36 4.32 42.85
C TYR B 139 47.72 3.45 43.94
N SER B 140 47.29 4.06 45.04
CA SER B 140 46.85 3.31 46.21
C SER B 140 45.40 2.87 46.16
N GLY B 141 44.68 3.17 45.08
CA GLY B 141 43.31 2.83 44.98
C GLY B 141 43.11 1.85 43.81
N PRO B 142 41.84 1.55 43.53
CA PRO B 142 41.52 0.60 42.46
C PRO B 142 41.95 1.13 41.09
N SER B 143 42.39 0.24 40.20
CA SER B 143 42.80 0.61 38.86
C SER B 143 42.07 -0.33 37.88
N ILE B 144 41.56 0.27 36.82
CA ILE B 144 41.15 -0.48 35.65
C ILE B 144 42.15 -0.25 34.54
N VAL B 145 42.63 -1.32 33.92
CA VAL B 145 43.58 -1.20 32.82
C VAL B 145 42.88 -1.64 31.54
N TYR B 146 42.90 -0.79 30.51
CA TYR B 146 42.23 -1.12 29.25
C TYR B 146 43.26 -1.31 28.15
N LEU B 147 43.40 -2.53 27.69
CA LEU B 147 44.40 -2.93 26.70
C LEU B 147 43.73 -3.46 25.43
N VAL B 148 43.85 -2.70 24.35
CA VAL B 148 43.27 -3.07 23.04
C VAL B 148 44.37 -3.76 22.24
N ASN B 149 44.11 -4.98 21.74
CA ASN B 149 45.16 -5.82 21.20
C ASN B 149 44.56 -6.72 20.14
N PRO B 150 44.79 -6.43 18.85
CA PRO B 150 45.54 -5.32 18.28
C PRO B 150 44.92 -3.94 18.52
N ASN B 151 45.77 -2.92 18.65
CA ASN B 151 45.34 -1.59 19.04
C ASN B 151 44.67 -0.85 17.88
N ASN B 152 43.69 -0.03 18.22
CA ASN B 152 43.05 0.88 17.27
C ASN B 152 43.38 2.28 17.84
N PRO B 153 44.08 3.15 17.08
CA PRO B 153 44.23 3.18 15.63
C PRO B 153 45.49 2.62 15.05
N THR B 154 46.44 2.20 15.87
CA THR B 154 47.81 1.86 15.38
C THR B 154 47.86 0.57 14.59
N GLY B 155 47.02 -0.42 14.94
CA GLY B 155 47.01 -1.72 14.26
C GLY B 155 48.00 -2.74 14.82
N THR B 156 48.82 -2.31 15.76
CA THR B 156 49.93 -3.13 16.23
C THR B 156 49.49 -4.02 17.36
N ILE B 157 50.19 -5.15 17.52
CA ILE B 157 50.04 -6.00 18.71
C ILE B 157 51.08 -5.71 19.80
N THR B 158 50.73 -6.03 21.03
CA THR B 158 51.64 -6.11 22.16
C THR B 158 51.92 -7.59 22.38
N PRO B 159 53.22 -7.98 22.45
CA PRO B 159 53.51 -9.43 22.59
C PRO B 159 52.87 -10.05 23.84
N ALA B 160 52.29 -11.23 23.72
CA ALA B 160 51.71 -11.92 24.90
C ALA B 160 52.71 -12.06 26.06
N ASP B 161 53.99 -12.26 25.76
CA ASP B 161 54.97 -12.48 26.83
C ASP B 161 55.27 -11.19 27.63
N VAL B 162 54.69 -10.09 27.20
CA VAL B 162 54.81 -8.81 27.87
C VAL B 162 53.54 -8.55 28.71
N ILE B 163 52.36 -8.83 28.15
CA ILE B 163 51.09 -8.65 28.87
C ILE B 163 50.85 -9.75 29.95
N GLU B 164 50.98 -11.01 29.55
CA GLU B 164 50.60 -12.14 30.40
C GLU B 164 51.26 -12.17 31.79
N PRO B 165 52.59 -11.95 31.87
CA PRO B 165 53.21 -12.01 33.20
C PRO B 165 52.78 -10.86 34.14
N TRP B 166 52.51 -9.69 33.59
CA TRP B 166 51.98 -8.56 34.35
C TRP B 166 50.64 -8.95 34.94
N ILE B 167 49.73 -9.37 34.09
CA ILE B 167 48.42 -9.82 34.54
C ILE B 167 48.51 -10.99 35.52
N ALA B 168 49.36 -11.97 35.23
CA ALA B 168 49.50 -13.17 36.11
C ALA B 168 50.08 -12.83 37.49
N SER B 169 50.77 -11.69 37.60
CA SER B 169 51.31 -11.22 38.87
C SER B 169 50.20 -10.69 39.78
N LYS B 170 48.99 -10.47 39.25
CA LYS B 170 47.81 -10.03 40.05
C LYS B 170 48.12 -8.79 40.87
N PRO B 171 48.45 -7.68 40.19
CA PRO B 171 48.67 -6.47 40.96
C PRO B 171 47.39 -6.10 41.75
N ALA B 172 47.59 -5.63 42.97
CA ALA B 172 46.50 -5.45 43.91
C ALA B 172 45.50 -4.47 43.34
N ASN B 173 44.24 -4.82 43.54
CA ASN B 173 43.12 -3.91 43.32
C ASN B 173 43.12 -3.42 41.86
N THR B 174 43.29 -4.36 40.92
CA THR B 174 43.45 -4.02 39.50
C THR B 174 42.65 -5.01 38.62
N PHE B 176 41.85 -5.98 34.60
CA PHE B 176 42.35 -5.82 33.24
C PHE B 176 41.21 -6.07 32.27
N ILE B 177 40.95 -5.12 31.40
CA ILE B 177 40.07 -5.33 30.25
C ILE B 177 40.92 -5.45 29.01
N VAL B 178 40.79 -6.59 28.32
CA VAL B 178 41.55 -6.89 27.11
C VAL B 178 40.58 -6.97 25.92
N ASP B 179 40.71 -6.02 24.99
CA ASP B 179 39.77 -5.90 23.87
C ASP B 179 40.44 -6.49 22.64
N GLU B 180 39.92 -7.65 22.22
CA GLU B 180 40.45 -8.39 21.09
C GLU B 180 39.54 -8.32 19.86
N ALA B 181 38.92 -7.16 19.66
CA ALA B 181 38.00 -6.97 18.52
C ALA B 181 38.62 -7.41 17.19
N TYR B 182 39.89 -7.10 16.96
CA TYR B 182 40.52 -7.36 15.67
C TYR B 182 41.43 -8.62 15.61
N ALA B 183 41.39 -9.44 16.66
CA ALA B 183 42.36 -10.53 16.85
C ALA B 183 42.44 -11.58 15.76
N GLU B 184 41.32 -11.89 15.10
CA GLU B 184 41.35 -12.93 14.06
C GLU B 184 42.07 -12.51 12.81
N PHE B 185 42.36 -11.22 12.65
CA PHE B 185 43.18 -10.77 11.52
C PHE B 185 44.69 -10.95 11.70
N VAL B 186 45.11 -11.35 12.90
CA VAL B 186 46.53 -11.24 13.29
C VAL B 186 47.42 -12.25 12.59
N ASN B 187 48.59 -11.79 12.15
CA ASN B 187 49.61 -12.66 11.56
C ASN B 187 50.85 -12.86 12.45
N ASP B 188 51.10 -11.93 13.37
CA ASP B 188 52.34 -11.93 14.18
C ASP B 188 52.28 -13.04 15.20
N PRO B 189 53.27 -13.96 15.19
CA PRO B 189 53.23 -15.08 16.13
C PRO B 189 53.49 -14.70 17.59
N ARG B 190 53.87 -13.43 17.86
CA ARG B 190 54.07 -12.98 19.24
C ARG B 190 52.72 -12.68 19.94
N PHE B 191 51.67 -12.56 19.15
CA PHE B 191 50.33 -12.28 19.65
C PHE B 191 49.74 -13.62 20.13
N ARG B 192 49.11 -13.64 21.31
CA ARG B 192 48.24 -14.75 21.73
CA ARG B 192 48.23 -14.75 21.74
C ARG B 192 46.95 -14.15 22.32
N SER B 193 45.80 -14.78 22.07
CA SER B 193 44.59 -14.40 22.83
C SER B 193 44.82 -14.62 24.32
N ILE B 194 44.22 -13.75 25.13
CA ILE B 194 44.29 -13.89 26.61
C ILE B 194 43.27 -14.94 27.12
N SER B 195 42.40 -15.43 26.25
CA SER B 195 41.31 -16.36 26.62
C SER B 195 41.76 -17.54 27.50
N PRO B 196 42.85 -18.26 27.15
CA PRO B 196 43.29 -19.37 27.97
C PRO B 196 43.54 -19.01 29.44
N ILE B 198 41.72 -17.10 31.25
CA ILE B 198 40.39 -17.14 31.89
C ILE B 198 39.95 -18.61 32.09
N THR B 199 40.14 -19.43 31.07
CA THR B 199 39.88 -20.88 31.13
C THR B 199 40.64 -21.47 32.32
N GLN B 200 41.83 -20.95 32.56
CA GLN B 200 42.69 -21.44 33.64
C GLN B 200 42.38 -20.81 35.01
N GLY B 201 41.42 -19.88 35.09
CA GLY B 201 40.86 -19.40 36.38
C GLY B 201 41.13 -17.96 36.78
N ALA B 202 41.76 -17.17 35.90
CA ALA B 202 42.03 -15.77 36.20
C ALA B 202 40.73 -15.08 36.56
N GLU B 203 40.79 -14.30 37.64
CA GLU B 203 39.68 -13.49 38.12
C GLU B 203 39.90 -11.97 37.90
N ASN B 204 40.98 -11.59 37.21
CA ASN B 204 41.31 -10.19 37.03
C ASN B 204 41.32 -9.80 35.56
N ILE B 205 40.59 -10.56 34.75
CA ILE B 205 40.55 -10.35 33.29
C ILE B 205 39.16 -10.39 32.74
N ILE B 206 38.84 -9.37 31.93
CA ILE B 206 37.63 -9.34 31.15
C ILE B 206 38.11 -9.29 29.71
N LEU B 207 37.75 -10.28 28.93
CA LEU B 207 38.04 -10.31 27.49
C LEU B 207 36.81 -9.88 26.69
N LEU B 208 36.97 -8.86 25.85
CA LEU B 208 35.86 -8.36 25.00
C LEU B 208 36.11 -8.77 23.56
N LYS B 209 35.03 -9.25 22.95
CA LYS B 209 35.02 -9.72 21.57
C LYS B 209 33.74 -9.28 20.89
N THR B 210 33.75 -9.32 19.58
CA THR B 210 32.67 -8.82 18.75
C THR B 210 32.53 -9.60 17.49
N PHE B 211 31.34 -9.55 16.89
CA PHE B 211 31.08 -10.10 15.57
C PHE B 211 31.17 -9.01 14.48
N SER B 212 31.57 -7.81 14.86
CA SER B 212 31.54 -6.67 13.99
C SER B 212 32.66 -6.62 12.95
N LYS B 213 33.74 -7.39 13.15
CA LYS B 213 34.97 -7.23 12.38
C LYS B 213 35.21 -8.45 11.48
N ILE B 214 35.91 -9.49 11.93
CA ILE B 214 36.11 -10.63 11.03
C ILE B 214 34.77 -11.27 10.55
N HIS B 215 33.76 -11.29 11.43
CA HIS B 215 32.47 -11.82 11.03
C HIS B 215 31.61 -10.88 10.19
N ALA B 216 32.05 -9.65 9.95
CA ALA B 216 31.38 -8.77 9.00
C ALA B 216 29.91 -8.47 9.36
N ALA B 218 28.88 -5.74 11.68
CA ALA B 218 28.86 -4.54 12.53
C ALA B 218 27.45 -4.03 12.81
N GLY B 219 26.62 -3.98 11.79
CA GLY B 219 25.25 -3.51 11.93
C GLY B 219 24.29 -4.45 12.65
N ARG B 221 25.00 -5.94 15.62
CA ARG B 221 25.15 -5.64 17.07
C ARG B 221 25.25 -6.86 18.02
N VAL B 222 26.28 -7.68 17.84
CA VAL B 222 26.48 -8.86 18.65
C VAL B 222 27.94 -8.85 19.07
N GLY B 223 28.13 -8.76 20.37
CA GLY B 223 29.44 -8.96 20.97
C GLY B 223 29.28 -9.67 22.31
N TYR B 224 30.38 -9.81 23.04
CA TYR B 224 30.34 -10.50 24.30
C TYR B 224 31.58 -10.27 25.09
N ALA B 225 31.45 -10.58 26.38
CA ALA B 225 32.56 -10.65 27.30
C ALA B 225 32.76 -12.07 27.81
N VAL B 226 34.03 -12.41 28.07
CA VAL B 226 34.42 -13.67 28.68
C VAL B 226 35.16 -13.30 29.95
N ALA B 227 34.76 -13.91 31.07
CA ALA B 227 35.42 -13.66 32.34
C ALA B 227 35.04 -14.72 33.38
N HIS B 228 35.71 -14.70 34.55
CA HIS B 228 35.29 -15.52 35.68
C HIS B 228 33.80 -15.26 36.00
N PRO B 229 33.05 -16.29 36.47
CA PRO B 229 31.61 -16.04 36.63
C PRO B 229 31.24 -14.88 37.58
N THR B 230 32.04 -14.67 38.63
CA THR B 230 31.82 -13.58 39.56
C THR B 230 31.96 -12.18 38.89
N VAL B 231 32.90 -12.07 37.96
CA VAL B 231 33.11 -10.86 37.19
C VAL B 231 31.93 -10.71 36.22
N ILE B 232 31.54 -11.76 35.55
CA ILE B 232 30.43 -11.66 34.58
C ILE B 232 29.13 -11.23 35.31
N ALA B 233 28.88 -11.79 36.49
CA ALA B 233 27.71 -11.46 37.29
C ALA B 233 27.67 -9.97 37.64
N LEU B 234 28.81 -9.38 38.01
CA LEU B 234 28.88 -7.94 38.32
CA LEU B 234 28.87 -7.96 38.32
C LEU B 234 28.58 -7.12 37.07
N GLY B 236 26.91 -8.02 34.44
CA GLY B 236 25.51 -8.22 34.12
C GLY B 236 24.53 -7.26 34.78
N ARG B 237 24.93 -6.66 35.90
CA ARG B 237 24.06 -5.70 36.59
CA ARG B 237 24.08 -5.67 36.62
C ARG B 237 24.00 -4.33 35.88
N TYR B 238 24.83 -4.13 34.85
CA TYR B 238 24.88 -2.88 34.12
C TYR B 238 24.47 -3.01 32.66
N VAL B 239 23.83 -4.11 32.31
CA VAL B 239 23.11 -4.26 31.04
C VAL B 239 21.68 -4.72 31.35
N ALA B 240 20.74 -4.49 30.41
CA ALA B 240 19.35 -4.87 30.58
C ALA B 240 19.15 -6.31 30.12
N GLY B 241 19.77 -7.23 30.86
CA GLY B 241 19.76 -8.65 30.51
C GLY B 241 20.55 -8.89 29.23
N GLU B 242 20.35 -10.06 28.64
CA GLU B 242 20.95 -10.44 27.38
C GLU B 242 19.79 -10.56 26.44
N LYS B 243 19.59 -9.51 25.65
CA LYS B 243 18.39 -9.38 24.79
C LYS B 243 18.80 -8.91 23.40
N ILE B 244 19.66 -9.71 22.81
CA ILE B 244 20.24 -9.44 21.51
C ILE B 244 19.16 -9.64 20.47
N ASN B 245 19.27 -8.95 19.35
CA ASN B 245 18.25 -9.02 18.31
C ASN B 245 18.24 -10.34 17.58
N PHE B 246 17.05 -10.78 17.17
CA PHE B 246 16.89 -12.11 16.55
C PHE B 246 17.76 -12.37 15.32
N SER B 247 17.83 -11.40 14.40
CA SER B 247 18.67 -11.58 13.24
C SER B 247 20.16 -11.74 13.57
N GLY B 248 20.64 -10.99 14.56
CA GLY B 248 22.04 -11.03 14.95
C GLY B 248 22.37 -12.33 15.63
N VAL B 249 21.46 -12.81 16.48
CA VAL B 249 21.64 -14.07 17.19
C VAL B 249 21.77 -15.23 16.23
N ASP B 250 20.85 -15.32 15.27
CA ASP B 250 20.84 -16.41 14.32
C ASP B 250 22.01 -16.29 13.34
N ALA B 251 22.36 -15.07 12.94
CA ALA B 251 23.51 -14.83 12.11
C ALA B 251 24.79 -15.23 12.84
N ALA B 252 24.90 -14.86 14.11
CA ALA B 252 26.07 -15.24 14.90
C ALA B 252 26.21 -16.77 14.99
N LEU B 253 25.13 -17.49 15.30
CA LEU B 253 25.16 -18.94 15.41
C LEU B 253 25.64 -19.56 14.07
N ALA B 254 25.12 -19.06 12.95
CA ALA B 254 25.51 -19.54 11.64
C ALA B 254 26.99 -19.21 11.32
N SER B 255 27.38 -17.96 11.56
CA SER B 255 28.76 -17.49 11.23
C SER B 255 29.76 -18.35 12.00
N ASN B 257 29.60 -21.45 12.50
CA ASN B 257 29.79 -22.72 11.80
C ASN B 257 30.43 -22.55 10.43
N ASP B 258 30.54 -21.32 9.92
CA ASP B 258 31.06 -21.07 8.56
C ASP B 258 32.54 -20.70 8.61
N SER B 259 33.38 -21.69 8.93
CA SER B 259 34.82 -21.50 9.01
C SER B 259 35.47 -21.11 7.66
N ALA B 260 34.84 -21.51 6.54
CA ALA B 260 35.26 -21.14 5.19
C ALA B 260 35.20 -19.62 4.96
N PHE B 261 34.11 -18.99 5.38
CA PHE B 261 34.01 -17.54 5.25
C PHE B 261 35.06 -16.81 6.09
N ILE B 262 35.30 -17.30 7.30
CA ILE B 262 36.27 -16.65 8.21
C ILE B 262 37.69 -16.72 7.64
N THR B 263 38.03 -17.83 7.00
CA THR B 263 39.31 -17.91 6.26
C THR B 263 39.40 -16.91 5.11
N TYR B 264 38.30 -16.81 4.34
CA TYR B 264 38.22 -15.89 3.22
C TYR B 264 38.27 -14.42 3.68
N SER B 265 37.56 -14.13 4.76
CA SER B 265 37.50 -12.79 5.35
C SER B 265 38.90 -12.34 5.73
N LYS B 266 39.67 -13.22 6.39
CA LYS B 266 41.09 -12.92 6.69
C LYS B 266 41.94 -12.75 5.43
N LYS B 267 41.78 -13.65 4.47
CA LYS B 267 42.66 -13.65 3.26
C LYS B 267 42.46 -12.39 2.43
N SER B 268 41.22 -11.97 2.31
CA SER B 268 40.89 -10.77 1.52
C SER B 268 41.50 -9.54 2.22
N ASN B 269 41.37 -9.49 3.54
CA ASN B 269 42.03 -8.43 4.29
C ASN B 269 43.59 -8.42 4.09
N ASP B 270 44.20 -9.59 4.07
CA ASP B 270 45.66 -9.68 3.81
C ASP B 270 46.09 -9.14 2.43
N VAL B 271 45.28 -9.45 1.40
CA VAL B 271 45.53 -9.01 0.03
C VAL B 271 45.43 -7.47 -0.05
N SER B 272 44.36 -6.94 0.54
CA SER B 272 44.15 -5.49 0.60
C SER B 272 45.29 -4.76 1.24
N ARG B 273 45.77 -5.33 2.35
CA ARG B 273 46.83 -4.73 3.13
C ARG B 273 48.08 -4.54 2.28
N GLN B 274 48.50 -5.59 1.59
CA GLN B 274 49.70 -5.49 0.77
CA GLN B 274 49.68 -5.55 0.69
C GLN B 274 49.59 -4.46 -0.37
N ILE B 275 48.40 -4.30 -0.95
CA ILE B 275 48.20 -3.30 -2.02
C ILE B 275 48.46 -1.88 -1.42
N LEU B 276 47.92 -1.63 -0.24
CA LEU B 276 48.12 -0.33 0.42
C LEU B 276 49.59 -0.13 0.78
N LEU B 277 50.18 -1.13 1.44
CA LEU B 277 51.56 -1.03 1.88
C LEU B 277 52.52 -0.82 0.68
N LYS B 278 52.25 -1.44 -0.49
CA LYS B 278 53.03 -1.21 -1.71
CA LYS B 278 53.08 -1.21 -1.67
C LYS B 278 53.07 0.28 -2.07
N ALA B 279 51.89 0.91 -2.04
CA ALA B 279 51.77 2.34 -2.39
C ALA B 279 52.55 3.17 -1.36
N LEU B 280 52.41 2.82 -0.10
CA LEU B 280 53.11 3.55 0.96
C LEU B 280 54.64 3.42 0.83
N GLU B 281 55.11 2.25 0.40
CA GLU B 281 56.56 2.07 0.25
C GLU B 281 57.03 2.88 -0.96
N ASP B 282 56.26 2.85 -2.04
CA ASP B 282 56.54 3.63 -3.27
C ASP B 282 56.61 5.13 -2.97
N LEU B 283 55.72 5.62 -2.10
CA LEU B 283 55.68 7.02 -1.75
C LEU B 283 56.64 7.38 -0.59
N LYS B 284 57.24 6.36 0.01
CA LYS B 284 58.15 6.52 1.16
C LYS B 284 57.48 7.19 2.35
N LEU B 285 56.28 6.72 2.67
CA LEU B 285 55.52 7.19 3.81
C LEU B 285 55.55 6.07 4.83
N PRO B 286 56.17 6.32 5.99
CA PRO B 286 56.23 5.32 7.06
C PRO B 286 54.82 4.88 7.51
N TYR B 287 54.71 3.59 7.82
CA TYR B 287 53.52 3.01 8.41
C TYR B 287 53.90 2.08 9.55
N LEU B 288 52.94 1.83 10.43
CA LEU B 288 53.10 0.89 11.53
C LEU B 288 52.65 -0.50 11.04
N PRO B 289 53.18 -1.59 11.64
CA PRO B 289 52.67 -2.92 11.31
C PRO B 289 51.13 -3.02 11.48
N SER B 290 50.49 -3.70 10.56
CA SER B 290 49.05 -3.79 10.57
C SER B 290 48.72 -5.22 10.87
N GLU B 291 48.06 -5.43 12.01
CA GLU B 291 47.57 -6.76 12.40
C GLU B 291 46.04 -6.81 12.45
N GLY B 292 45.36 -5.70 12.17
CA GLY B 292 43.89 -5.67 12.02
C GLY B 292 43.46 -5.47 10.58
N ASN B 293 42.29 -4.86 10.37
CA ASN B 293 41.78 -4.50 9.05
C ASN B 293 41.90 -3.00 8.73
N PHE B 294 43.02 -2.41 9.15
CA PHE B 294 43.33 -1.00 8.94
C PHE B 294 44.84 -0.79 8.97
N VAL B 295 45.31 0.31 8.35
CA VAL B 295 46.70 0.70 8.43
C VAL B 295 46.79 2.12 8.96
N PHE B 296 47.76 2.34 9.84
CA PHE B 296 48.04 3.66 10.42
C PHE B 296 49.35 4.12 9.78
N HIS B 297 49.32 5.20 9.00
CA HIS B 297 50.52 5.68 8.29
C HIS B 297 50.73 7.19 8.42
N GLN B 298 51.95 7.65 8.11
CA GLN B 298 52.34 9.02 8.32
C GLN B 298 52.01 9.86 7.09
N LEU B 299 51.84 11.15 7.33
CA LEU B 299 51.61 12.12 6.26
C LEU B 299 52.64 13.23 6.36
N VAL B 300 52.98 13.81 5.22
CA VAL B 300 53.76 15.03 5.17
C VAL B 300 52.91 16.26 4.79
N VAL B 301 51.65 16.06 4.44
CA VAL B 301 50.71 17.17 4.22
C VAL B 301 49.79 17.22 5.44
N PRO B 302 49.10 18.37 5.64
CA PRO B 302 48.20 18.42 6.78
C PRO B 302 47.08 17.38 6.66
N LEU B 303 46.83 16.65 7.74
CA LEU B 303 45.77 15.61 7.78
C LEU B 303 44.41 16.13 7.24
N LYS B 304 44.00 17.31 7.71
CA LYS B 304 42.72 17.88 7.29
C LYS B 304 42.64 18.08 5.77
N ASP B 305 43.73 18.56 5.16
CA ASP B 305 43.78 18.73 3.70
C ASP B 305 43.66 17.37 3.00
N TYR B 306 44.38 16.37 3.52
CA TYR B 306 44.37 15.03 2.91
C TYR B 306 42.96 14.42 2.98
N GLN B 307 42.35 14.51 4.16
CA GLN B 307 40.97 14.01 4.38
C GLN B 307 40.00 14.66 3.39
N THR B 308 40.11 15.98 3.22
CA THR B 308 39.24 16.76 2.36
C THR B 308 39.45 16.36 0.91
N HIS B 309 40.71 16.33 0.45
CA HIS B 309 41.01 15.97 -0.94
C HIS B 309 40.55 14.52 -1.25
N ALA B 311 38.05 12.95 0.31
CA ALA B 311 36.59 13.01 0.36
C ALA B 311 36.03 13.52 -0.97
N ASP B 312 36.64 14.58 -1.52
CA ASP B 312 36.26 15.12 -2.86
C ASP B 312 36.49 14.09 -3.97
N ALA B 313 37.44 13.18 -3.77
CA ALA B 313 37.77 12.14 -4.77
C ALA B 313 36.93 10.87 -4.59
N GLY B 314 36.06 10.86 -3.57
CA GLY B 314 35.11 9.76 -3.36
C GLY B 314 35.59 8.70 -2.38
N VAL B 315 36.44 9.11 -1.44
CA VAL B 315 37.09 8.18 -0.49
C VAL B 315 37.02 8.77 0.92
N LEU B 316 36.35 8.08 1.83
CA LEU B 316 36.21 8.51 3.21
C LEU B 316 37.20 7.74 4.03
N ILE B 317 38.18 8.45 4.61
CA ILE B 317 39.19 7.82 5.45
C ILE B 317 38.89 8.13 6.95
N GLY B 318 39.77 7.67 7.83
CA GLY B 318 39.61 7.84 9.24
C GLY B 318 39.68 9.28 9.69
N ARG B 319 39.02 9.54 10.81
CA ARG B 319 39.11 10.82 11.47
C ARG B 319 40.50 11.01 12.10
N ALA B 320 40.75 12.20 12.62
CA ALA B 320 41.99 12.48 13.34
C ALA B 320 42.07 11.70 14.65
N PHE B 321 43.29 11.26 14.99
CA PHE B 321 43.60 10.55 16.24
C PHE B 321 44.71 11.23 17.02
N PRO B 322 44.39 12.39 17.65
CA PRO B 322 45.41 13.02 18.46
C PRO B 322 45.81 12.08 19.59
N PRO B 323 47.08 12.11 20.02
CA PRO B 323 48.12 13.08 19.67
C PRO B 323 48.95 12.73 18.43
N ALA B 324 48.52 11.77 17.61
CA ALA B 324 49.27 11.41 16.41
C ALA B 324 48.79 12.32 15.28
N ASP B 325 49.13 13.60 15.37
CA ASP B 325 48.44 14.62 14.54
C ASP B 325 48.77 14.56 13.04
N ASN B 326 49.89 13.94 12.72
CA ASN B 326 50.36 13.84 11.33
CA ASN B 326 50.35 13.83 11.33
C ASN B 326 50.23 12.40 10.80
N TRP B 327 49.30 11.63 11.37
CA TRP B 327 49.08 10.26 10.94
C TRP B 327 47.62 10.08 10.54
N CYS B 328 47.31 9.14 9.66
CA CYS B 328 45.91 8.81 9.30
C CYS B 328 45.66 7.31 9.35
N ARG B 329 44.42 6.94 9.70
CA ARG B 329 44.07 5.52 9.83
C ARG B 329 43.20 5.24 8.64
N ILE B 330 43.65 4.29 7.82
CA ILE B 330 42.99 3.97 6.57
C ILE B 330 42.46 2.55 6.74
N SER B 331 41.15 2.36 6.70
CA SER B 331 40.62 1.00 6.84
C SER B 331 40.85 0.30 5.53
N LEU B 332 40.90 -1.03 5.59
CA LEU B 332 41.23 -1.81 4.41
C LEU B 332 39.94 -2.24 3.74
N GLY B 333 39.72 -1.70 2.55
CA GLY B 333 38.53 -2.02 1.78
C GLY B 333 38.78 -3.31 1.03
N THR B 334 37.96 -3.61 0.04
CA THR B 334 38.19 -4.80 -0.76
C THR B 334 39.47 -4.59 -1.60
N PRO B 335 40.02 -5.66 -2.15
CA PRO B 335 41.20 -5.46 -3.01
C PRO B 335 41.00 -4.50 -4.18
N GLN B 336 39.85 -4.58 -4.85
CA GLN B 336 39.54 -3.66 -5.94
C GLN B 336 39.43 -2.22 -5.44
N GLU B 337 38.87 -2.02 -4.25
CA GLU B 337 38.79 -0.68 -3.68
C GLU B 337 40.19 -0.12 -3.35
N GLN B 339 43.18 -0.93 -4.49
CA GLN B 339 43.95 -0.60 -5.71
C GLN B 339 43.55 0.80 -6.26
N TRP B 340 42.26 1.09 -6.30
CA TRP B 340 41.79 2.39 -6.79
CA TRP B 340 41.77 2.37 -6.77
C TRP B 340 42.30 3.51 -5.89
N VAL B 341 42.26 3.25 -4.57
CA VAL B 341 42.75 4.21 -3.58
C VAL B 341 44.27 4.36 -3.66
N ALA B 342 44.98 3.24 -3.84
CA ALA B 342 46.44 3.26 -3.96
C ALA B 342 46.88 4.10 -5.16
N ASP B 343 46.18 3.91 -6.28
CA ASP B 343 46.44 4.68 -7.48
C ASP B 343 46.06 6.19 -7.37
N THR B 344 45.00 6.49 -6.64
CA THR B 344 44.65 7.87 -6.36
C THR B 344 45.74 8.54 -5.53
N ARG B 346 48.89 7.68 -5.61
CA ARG B 346 49.98 7.95 -6.58
C ARG B 346 49.73 9.21 -7.40
N GLU B 347 48.48 9.46 -7.79
CA GLU B 347 48.16 10.68 -8.53
C GLU B 347 48.23 11.92 -7.61
N PHE B 348 47.82 11.75 -6.36
CA PHE B 348 47.94 12.87 -5.41
C PHE B 348 49.40 13.31 -5.33
N ARG B 349 50.32 12.33 -5.28
CA ARG B 349 51.75 12.64 -5.07
C ARG B 349 52.28 13.51 -6.20
N LYS B 350 51.88 13.18 -7.43
CA LYS B 350 52.24 13.97 -8.59
C LYS B 350 51.91 15.48 -8.45
N LYS B 351 50.81 15.78 -7.75
CA LYS B 351 50.37 17.17 -7.57
CA LYS B 351 50.36 17.17 -7.56
C LYS B 351 50.59 17.65 -6.13
N SER B 352 51.40 16.92 -5.37
CA SER B 352 51.76 17.26 -3.98
C SER B 352 50.61 17.20 -2.96
N TRP B 353 49.54 16.48 -3.26
CA TRP B 353 48.43 16.33 -2.28
C TRP B 353 48.68 15.20 -1.26
N ILE B 354 49.76 14.44 -1.45
CA ILE B 354 50.25 13.48 -0.45
C ILE B 354 51.77 13.46 -0.47
N ALA C 8 -30.60 8.73 5.39
CA ALA C 8 -31.10 10.09 4.99
C ALA C 8 -32.48 10.36 5.63
N ALA C 9 -32.61 11.50 6.33
CA ALA C 9 -33.88 11.86 6.99
C ALA C 9 -34.97 12.02 5.93
N PHE C 10 -36.19 11.62 6.26
CA PHE C 10 -37.28 11.76 5.31
C PHE C 10 -37.91 13.14 5.44
N THR C 11 -38.20 13.77 4.30
CA THR C 11 -38.83 15.09 4.27
C THR C 11 -40.04 15.10 3.29
N ALA C 12 -41.13 15.75 3.68
CA ALA C 12 -42.31 15.86 2.82
C ALA C 12 -41.99 16.45 1.45
N PRO C 13 -42.46 15.80 0.38
CA PRO C 13 -42.11 16.23 -0.98
C PRO C 13 -42.79 17.51 -1.44
N SER C 14 -42.34 18.03 -2.56
CA SER C 14 -43.01 19.14 -3.25
C SER C 14 -42.98 18.82 -4.75
N THR C 15 -43.59 19.64 -5.60
CA THR C 15 -43.40 19.46 -7.05
C THR C 15 -41.93 19.70 -7.46
N ASP C 16 -41.22 20.56 -6.72
CA ASP C 16 -39.80 20.83 -6.99
C ASP C 16 -38.88 19.70 -6.49
N ASN C 17 -39.25 19.06 -5.37
CA ASN C 17 -38.47 17.97 -4.80
C ASN C 17 -39.38 16.75 -4.55
N PRO C 18 -39.77 16.03 -5.64
CA PRO C 18 -40.76 14.95 -5.57
C PRO C 18 -40.24 13.64 -5.01
N ILE C 19 -41.14 12.79 -4.51
CA ILE C 19 -40.81 11.38 -4.29
C ILE C 19 -40.71 10.77 -5.69
N ARG C 20 -39.57 10.16 -5.98
CA ARG C 20 -39.30 9.60 -7.33
C ARG C 20 -39.46 8.08 -7.31
N ILE C 21 -40.58 7.61 -7.83
CA ILE C 21 -40.88 6.18 -7.87
C ILE C 21 -41.42 5.89 -9.28
N ASN C 22 -40.67 6.36 -10.26
CA ASN C 22 -41.03 6.34 -11.69
C ASN C 22 -40.21 5.40 -12.61
N PHE C 23 -39.00 5.08 -12.17
CA PHE C 23 -37.98 4.39 -12.97
C PHE C 23 -37.34 3.16 -12.33
N ASN C 24 -37.94 2.64 -11.27
CA ASN C 24 -37.44 1.44 -10.59
C ASN C 24 -36.01 1.52 -10.10
N GLU C 25 -35.58 2.68 -9.66
CA GLU C 25 -34.26 2.87 -9.06
C GLU C 25 -34.32 2.42 -7.63
N ASN C 26 -33.20 1.94 -7.11
CA ASN C 26 -33.10 1.62 -5.72
C ASN C 26 -33.06 2.91 -4.95
N PRO C 27 -34.02 3.14 -4.04
CA PRO C 27 -34.07 4.40 -3.28
C PRO C 27 -33.00 4.57 -2.23
N LEU C 28 -32.29 3.49 -1.91
N LEU C 28 -32.29 3.48 -1.88
CA LEU C 28 -31.12 3.57 -1.09
CA LEU C 28 -31.46 3.42 -0.67
C LEU C 28 -29.94 4.02 -1.92
C LEU C 28 -30.07 4.04 -0.84
N GLY C 29 -29.06 4.79 -1.31
N GLY C 29 -29.65 4.26 -2.08
CA GLY C 29 -27.78 4.99 -1.89
CA GLY C 29 -28.27 4.65 -2.35
C GLY C 29 -27.11 3.63 -2.04
C GLY C 29 -27.37 3.44 -2.36
N SER C 31 -24.04 0.98 -1.60
CA SER C 31 -23.36 0.60 -0.37
C SER C 31 -22.27 1.62 -0.06
N PRO C 32 -22.05 1.91 1.23
CA PRO C 32 -20.98 2.81 1.60
C PRO C 32 -19.61 2.42 1.05
N LYS C 33 -19.34 1.13 0.98
CA LYS C 33 -18.08 0.67 0.49
C LYS C 33 -17.99 0.87 -1.08
N ALA C 34 -19.09 0.67 -1.78
CA ALA C 34 -19.10 0.93 -3.22
C ALA C 34 -18.96 2.45 -3.45
N GLN C 35 -19.56 3.27 -2.60
CA GLN C 35 -19.43 4.72 -2.75
C GLN C 35 -17.98 5.14 -2.57
N ALA C 36 -17.34 4.59 -1.55
CA ALA C 36 -15.95 4.92 -1.25
C ALA C 36 -15.09 4.57 -2.45
N ALA C 37 -15.34 3.38 -3.01
CA ALA C 37 -14.59 2.93 -4.19
C ALA C 37 -14.80 3.82 -5.42
N ALA C 38 -16.06 4.20 -5.66
CA ALA C 38 -16.43 5.04 -6.79
C ALA C 38 -15.74 6.41 -6.68
N ARG C 39 -15.83 7.04 -5.51
CA ARG C 39 -15.18 8.34 -5.30
C ARG C 39 -13.66 8.25 -5.48
N ASP C 40 -13.05 7.25 -4.83
CA ASP C 40 -11.61 7.04 -4.89
C ASP C 40 -11.05 6.72 -6.28
N ALA C 41 -11.92 6.22 -7.15
CA ALA C 41 -11.58 5.95 -8.55
C ALA C 41 -11.39 7.20 -9.37
N VAL C 42 -11.97 8.32 -8.95
CA VAL C 42 -11.95 9.53 -9.77
C VAL C 42 -10.54 10.01 -10.05
N VAL C 43 -9.68 10.00 -9.03
CA VAL C 43 -8.29 10.44 -9.22
C VAL C 43 -7.57 9.56 -10.25
N LYS C 44 -8.05 8.35 -10.45
CA LYS C 44 -7.43 7.43 -11.39
C LYS C 44 -8.01 7.51 -12.79
N ALA C 45 -9.11 8.25 -12.94
CA ALA C 45 -9.92 8.13 -14.17
C ALA C 45 -9.45 9.01 -15.33
N ASN C 46 -8.28 9.66 -15.19
CA ASN C 46 -7.57 10.11 -16.38
C ASN C 46 -7.06 8.95 -17.20
N ARG C 47 -7.00 7.76 -16.62
CA ARG C 47 -6.63 6.57 -17.39
C ARG C 47 -7.77 5.59 -17.58
N TYR C 48 -7.69 4.81 -18.66
CA TYR C 48 -8.63 3.73 -18.89
C TYR C 48 -8.50 2.67 -17.79
N ALA C 49 -9.62 2.08 -17.36
CA ALA C 49 -9.63 1.09 -16.28
C ALA C 49 -9.33 -0.34 -16.80
N LYS C 50 -8.26 -0.55 -17.57
CA LYS C 50 -8.13 -1.78 -18.35
C LYS C 50 -7.93 -3.03 -17.48
N ASN C 51 -7.01 -2.96 -16.54
CA ASN C 51 -6.80 -4.11 -15.67
C ASN C 51 -7.97 -4.40 -14.73
N GLU C 52 -8.56 -3.35 -14.18
CA GLU C 52 -9.72 -3.46 -13.28
C GLU C 52 -10.91 -4.12 -14.00
N ILE C 53 -11.04 -3.82 -15.29
CA ILE C 53 -12.12 -4.41 -16.09
C ILE C 53 -11.89 -5.93 -16.24
N LEU C 54 -10.61 -6.33 -16.34
CA LEU C 54 -10.23 -7.75 -16.37
C LEU C 54 -10.54 -8.38 -15.03
N LEU C 56 -12.87 -7.43 -12.96
CA LEU C 56 -14.31 -7.51 -12.73
C LEU C 56 -14.90 -8.68 -13.53
N GLY C 57 -14.47 -8.83 -14.78
CA GLY C 57 -14.91 -9.94 -15.62
C GLY C 57 -14.59 -11.26 -14.91
N ASN C 58 -13.36 -11.41 -14.42
CA ASN C 58 -12.95 -12.65 -13.73
C ASN C 58 -13.81 -12.91 -12.49
N LYS C 59 -14.12 -11.88 -11.73
CA LYS C 59 -14.90 -12.03 -10.52
C LYS C 59 -16.36 -12.46 -10.84
N LEU C 60 -16.92 -11.92 -11.92
CA LEU C 60 -18.24 -12.29 -12.34
C LEU C 60 -18.27 -13.71 -12.91
N ALA C 61 -17.22 -14.09 -13.62
CA ALA C 61 -17.13 -15.45 -14.18
C ALA C 61 -17.12 -16.48 -13.01
N ALA C 62 -16.38 -16.16 -11.95
CA ALA C 62 -16.33 -17.02 -10.77
C ALA C 62 -17.71 -17.12 -10.08
N HIS C 63 -18.43 -16.00 -9.98
CA HIS C 63 -19.77 -15.95 -9.40
C HIS C 63 -20.76 -16.86 -10.12
N HIS C 64 -20.74 -16.80 -11.45
CA HIS C 64 -21.60 -17.57 -12.33
C HIS C 64 -21.05 -18.94 -12.70
N GLN C 65 -19.94 -19.33 -12.08
CA GLN C 65 -19.28 -20.62 -12.35
C GLN C 65 -19.06 -20.88 -13.84
N VAL C 66 -18.55 -19.87 -14.54
CA VAL C 66 -18.13 -20.01 -15.94
C VAL C 66 -16.69 -19.47 -16.12
N GLU C 67 -16.11 -19.65 -17.27
CA GLU C 67 -14.82 -19.03 -17.56
C GLU C 67 -14.99 -17.57 -18.01
N ALA C 68 -13.90 -16.79 -17.90
CA ALA C 68 -13.89 -15.38 -18.35
C ALA C 68 -14.47 -15.13 -19.74
N PRO C 69 -14.17 -16.00 -20.75
CA PRO C 69 -14.81 -15.77 -22.02
C PRO C 69 -16.35 -15.94 -22.08
N SER C 70 -16.99 -16.37 -20.99
CA SER C 70 -18.46 -16.45 -20.90
C SER C 70 -19.13 -15.17 -20.33
N ILE C 71 -18.33 -14.14 -20.04
CA ILE C 71 -18.80 -12.87 -19.52
C ILE C 71 -18.49 -11.73 -20.46
N LEU C 72 -19.50 -10.93 -20.79
CA LEU C 72 -19.31 -9.65 -21.50
C LEU C 72 -19.80 -8.49 -20.64
N LEU C 73 -18.90 -7.58 -20.32
CA LEU C 73 -19.27 -6.40 -19.55
C LEU C 73 -19.85 -5.36 -20.48
N THR C 74 -20.93 -4.71 -20.06
CA THR C 74 -21.62 -3.75 -20.89
C THR C 74 -21.94 -2.51 -20.06
N ALA C 75 -22.21 -1.38 -20.69
CA ALA C 75 -22.57 -0.18 -19.92
C ALA C 75 -24.06 -0.25 -19.59
N GLY C 76 -24.40 -0.95 -18.54
CA GLY C 76 -25.79 -1.24 -18.18
C GLY C 76 -26.21 -2.43 -18.99
N SER C 77 -27.26 -3.12 -18.56
CA SER C 77 -27.83 -4.21 -19.33
C SER C 77 -28.54 -3.67 -20.56
N SER C 78 -28.85 -2.37 -20.57
CA SER C 78 -29.42 -1.70 -21.79
C SER C 78 -28.56 -2.02 -23.01
N GLU C 79 -27.25 -1.96 -22.83
CA GLU C 79 -26.35 -2.23 -23.98
C GLU C 79 -26.24 -3.71 -24.32
N GLY C 80 -26.42 -4.55 -23.30
CA GLY C 80 -26.51 -5.99 -23.48
C GLY C 80 -27.70 -6.37 -24.32
N ILE C 81 -28.85 -5.74 -24.05
CA ILE C 81 -30.02 -6.09 -24.79
C ILE C 81 -29.73 -5.76 -26.23
N ARG C 82 -29.21 -4.56 -26.46
CA ARG C 82 -28.97 -4.11 -27.87
C ARG C 82 -27.94 -5.03 -28.53
N ALA C 83 -26.88 -5.40 -27.83
CA ALA C 83 -25.84 -6.24 -28.45
C ALA C 83 -26.35 -7.63 -28.77
N ALA C 84 -27.21 -8.17 -27.89
CA ALA C 84 -27.80 -9.48 -28.12
C ALA C 84 -28.68 -9.44 -29.35
N ILE C 85 -29.53 -8.44 -29.44
CA ILE C 85 -30.40 -8.36 -30.60
C ILE C 85 -29.58 -8.20 -31.88
N GLU C 86 -28.65 -7.25 -31.88
CA GLU C 86 -27.82 -7.02 -33.08
C GLU C 86 -27.03 -8.26 -33.54
N ALA C 87 -26.51 -9.01 -32.58
CA ALA C 87 -25.71 -10.18 -32.87
C ALA C 87 -26.56 -11.23 -33.60
N TYR C 88 -27.84 -11.35 -33.25
CA TYR C 88 -28.66 -12.48 -33.72
C TYR C 88 -29.72 -12.03 -34.67
N ALA C 89 -29.65 -10.77 -35.08
CA ALA C 89 -30.67 -10.20 -35.93
C ALA C 89 -30.40 -10.57 -37.33
N SER C 90 -31.46 -10.67 -38.12
CA SER C 90 -31.35 -10.66 -39.58
C SER C 90 -32.70 -10.23 -40.07
N LEU C 91 -32.78 -9.95 -41.37
CA LEU C 91 -34.05 -9.44 -41.93
C LEU C 91 -35.12 -10.54 -41.90
N GLU C 92 -34.70 -11.80 -41.82
CA GLU C 92 -35.63 -12.91 -41.73
C GLU C 92 -35.82 -13.45 -40.28
N ALA C 93 -35.22 -12.83 -39.28
CA ALA C 93 -35.47 -13.24 -37.89
C ALA C 93 -36.77 -12.64 -37.30
N GLN C 94 -37.37 -13.35 -36.34
CA GLN C 94 -38.50 -12.84 -35.58
C GLN C 94 -38.07 -12.68 -34.10
N LEU C 95 -38.59 -11.64 -33.45
CA LEU C 95 -38.53 -11.52 -32.00
C LEU C 95 -39.86 -12.03 -31.46
N VAL C 96 -39.79 -12.98 -30.53
CA VAL C 96 -40.97 -13.52 -29.87
C VAL C 96 -41.00 -13.00 -28.45
N ILE C 97 -42.07 -12.28 -28.11
CA ILE C 97 -42.13 -11.64 -26.77
C ILE C 97 -43.55 -11.74 -26.19
N PRO C 98 -43.69 -11.83 -24.85
CA PRO C 98 -45.01 -11.50 -24.27
C PRO C 98 -45.44 -10.06 -24.70
N GLU C 99 -46.73 -9.83 -24.83
CA GLU C 99 -47.24 -8.54 -25.27
CA GLU C 99 -47.24 -8.53 -25.29
C GLU C 99 -46.93 -7.40 -24.29
N LEU C 100 -46.79 -7.71 -23.00
CA LEU C 100 -46.57 -6.66 -22.01
C LEU C 100 -45.28 -7.00 -21.31
N THR C 101 -44.18 -6.40 -21.75
CA THR C 101 -42.89 -6.68 -21.15
C THR C 101 -41.97 -5.47 -21.35
N TYR C 102 -40.68 -5.59 -21.01
CA TYR C 102 -39.75 -4.46 -21.14
C TYR C 102 -39.51 -4.15 -22.63
N GLY C 103 -39.75 -2.90 -23.04
CA GLY C 103 -39.80 -2.55 -24.43
C GLY C 103 -38.52 -2.52 -25.24
N ASP C 104 -37.35 -2.55 -24.61
CA ASP C 104 -36.09 -2.47 -25.38
C ASP C 104 -35.87 -3.57 -26.41
N GLY C 105 -36.28 -4.78 -26.10
CA GLY C 105 -36.15 -5.83 -27.06
C GLY C 105 -36.85 -5.50 -28.37
N GLU C 106 -38.10 -5.12 -28.25
CA GLU C 106 -38.89 -4.71 -29.42
C GLU C 106 -38.27 -3.48 -30.12
N HIS C 107 -37.75 -2.52 -29.35
CA HIS C 107 -37.16 -1.31 -29.94
C HIS C 107 -36.01 -1.70 -30.89
N PHE C 108 -35.10 -2.56 -30.42
CA PHE C 108 -33.94 -2.92 -31.23
C PHE C 108 -34.28 -3.92 -32.34
N ALA C 109 -35.24 -4.82 -32.10
CA ALA C 109 -35.70 -5.67 -33.17
C ALA C 109 -36.28 -4.88 -34.36
N LYS C 110 -37.11 -3.87 -34.05
CA LYS C 110 -37.65 -3.00 -35.10
C LYS C 110 -36.54 -2.30 -35.88
N ILE C 111 -35.55 -1.80 -35.17
CA ILE C 111 -34.38 -1.19 -35.81
C ILE C 111 -33.69 -2.17 -36.75
N ALA C 112 -33.60 -3.44 -36.34
CA ALA C 112 -33.00 -4.51 -37.17
C ALA C 112 -33.90 -4.98 -38.30
N GLY C 113 -35.10 -4.42 -38.38
CA GLY C 113 -36.02 -4.81 -39.41
C GLY C 113 -36.67 -6.18 -39.19
N LYS C 115 -39.29 -9.15 -37.82
CA LYS C 115 -40.68 -9.41 -37.39
C LYS C 115 -40.75 -9.42 -35.85
N VAL C 116 -41.77 -8.78 -35.27
CA VAL C 116 -42.01 -8.80 -33.82
C VAL C 116 -43.33 -9.51 -33.61
N THR C 117 -43.24 -10.65 -32.92
CA THR C 117 -44.35 -11.55 -32.65
C THR C 117 -44.68 -11.49 -31.15
N LYS C 118 -45.78 -10.77 -30.86
CA LYS C 118 -46.25 -10.53 -29.53
C LYS C 118 -47.32 -11.54 -29.19
N VAL C 119 -47.20 -12.14 -28.01
CA VAL C 119 -48.17 -13.14 -27.57
C VAL C 119 -48.99 -12.59 -26.44
N LYS C 120 -50.31 -12.51 -26.64
CA LYS C 120 -51.24 -11.99 -25.64
C LYS C 120 -50.98 -12.61 -24.28
N LEU C 122 -51.88 -14.11 -20.56
CA LEU C 122 -53.01 -14.91 -20.05
C LEU C 122 -53.90 -14.01 -19.22
N ASP C 123 -55.14 -14.49 -18.99
CA ASP C 123 -56.19 -13.75 -18.28
C ASP C 123 -55.75 -13.21 -16.95
N ASN C 124 -54.75 -13.84 -16.33
CA ASN C 124 -54.20 -13.32 -15.09
C ASN C 124 -52.92 -12.48 -15.24
N TRP C 125 -52.63 -12.02 -16.45
CA TRP C 125 -51.42 -11.23 -16.83
C TRP C 125 -50.06 -12.01 -16.85
N ALA C 126 -50.13 -13.32 -16.70
CA ALA C 126 -48.96 -14.19 -16.81
C ALA C 126 -48.53 -14.29 -18.29
N PHE C 127 -47.27 -14.67 -18.53
CA PHE C 127 -46.82 -15.05 -19.88
C PHE C 127 -47.64 -16.25 -20.33
N ASP C 128 -48.03 -16.27 -21.59
CA ASP C 128 -48.60 -17.48 -22.18
C ASP C 128 -47.43 -18.30 -22.74
N ILE C 129 -46.78 -19.11 -21.89
CA ILE C 129 -45.63 -19.93 -22.36
C ILE C 129 -45.99 -20.89 -23.53
N GLU C 130 -47.18 -21.49 -23.53
CA GLU C 130 -47.59 -22.31 -24.68
C GLU C 130 -47.72 -21.51 -25.96
N GLY C 131 -48.23 -20.30 -25.84
CA GLY C 131 -48.26 -19.37 -26.97
C GLY C 131 -46.87 -18.96 -27.48
N LEU C 132 -45.93 -18.71 -26.58
CA LEU C 132 -44.58 -18.32 -26.95
C LEU C 132 -43.94 -19.51 -27.66
N LYS C 133 -44.10 -20.71 -27.08
CA LYS C 133 -43.54 -21.93 -27.66
C LYS C 133 -44.08 -22.15 -29.05
N ALA C 134 -45.39 -21.99 -29.18
CA ALA C 134 -46.04 -22.18 -30.47
C ALA C 134 -45.57 -21.15 -31.53
N ALA C 135 -45.36 -19.91 -31.13
CA ALA C 135 -44.83 -18.86 -32.02
C ALA C 135 -43.45 -19.24 -32.56
N VAL C 136 -42.60 -19.85 -31.75
CA VAL C 136 -41.30 -20.28 -32.18
C VAL C 136 -41.38 -21.53 -33.08
N ALA C 137 -42.25 -22.48 -32.73
CA ALA C 137 -42.37 -23.73 -33.47
C ALA C 137 -42.96 -23.53 -34.86
N ALA C 138 -43.79 -22.50 -35.03
CA ALA C 138 -44.42 -22.23 -36.31
C ALA C 138 -43.52 -21.56 -37.37
N TYR C 139 -42.37 -21.08 -36.94
CA TYR C 139 -41.51 -20.23 -37.74
C TYR C 139 -40.15 -20.90 -37.92
N SER C 140 -39.83 -21.33 -39.10
CA SER C 140 -38.58 -22.10 -39.30
C SER C 140 -37.33 -21.25 -39.47
N GLY C 141 -37.50 -19.97 -39.76
CA GLY C 141 -36.39 -19.04 -39.73
C GLY C 141 -35.96 -18.80 -38.27
N PRO C 142 -34.97 -17.94 -38.06
CA PRO C 142 -34.43 -17.72 -36.70
C PRO C 142 -35.39 -17.00 -35.79
N SER C 143 -35.38 -17.37 -34.52
CA SER C 143 -36.23 -16.72 -33.53
C SER C 143 -35.35 -16.30 -32.39
N ILE C 144 -35.58 -15.07 -31.92
CA ILE C 144 -35.04 -14.61 -30.63
C ILE C 144 -36.21 -14.50 -29.66
N VAL C 145 -36.08 -15.11 -28.48
CA VAL C 145 -37.12 -15.05 -27.46
C VAL C 145 -36.54 -14.22 -26.33
N TYR C 146 -37.26 -13.17 -25.94
CA TYR C 146 -36.84 -12.25 -24.89
C TYR C 146 -37.76 -12.45 -23.67
N LEU C 147 -37.24 -13.05 -22.61
CA LEU C 147 -38.02 -13.37 -21.42
C LEU C 147 -37.46 -12.57 -20.23
N VAL C 148 -38.27 -11.67 -19.68
CA VAL C 148 -37.85 -10.82 -18.59
C VAL C 148 -38.43 -11.47 -17.33
N ASN C 149 -37.59 -11.73 -16.33
CA ASN C 149 -38.03 -12.55 -15.23
C ASN C 149 -37.24 -12.19 -13.97
N PRO C 150 -37.85 -11.50 -13.00
CA PRO C 150 -39.20 -10.96 -12.93
C PRO C 150 -39.52 -10.02 -14.07
N ASN C 151 -40.76 -10.03 -14.49
CA ASN C 151 -41.17 -9.18 -15.60
C ASN C 151 -41.35 -7.72 -15.17
N ASN C 152 -41.04 -6.82 -16.11
CA ASN C 152 -41.28 -5.38 -15.97
C ASN C 152 -42.20 -5.03 -17.12
N PRO C 153 -43.45 -4.56 -16.81
CA PRO C 153 -43.85 -3.90 -15.56
C PRO C 153 -44.67 -4.71 -14.57
N THR C 154 -44.92 -5.99 -14.78
CA THR C 154 -45.93 -6.69 -13.96
C THR C 154 -45.37 -7.04 -12.60
N GLY C 155 -44.06 -7.27 -12.56
CA GLY C 155 -43.36 -7.64 -11.30
C GLY C 155 -43.37 -9.13 -10.98
N THR C 156 -44.04 -9.91 -11.82
CA THR C 156 -44.25 -11.33 -11.57
C THR C 156 -43.14 -12.19 -12.18
N ILE C 157 -43.00 -13.39 -11.62
CA ILE C 157 -42.08 -14.36 -12.14
C ILE C 157 -42.81 -15.39 -12.96
N THR C 158 -42.07 -16.06 -13.84
CA THR C 158 -42.51 -17.28 -14.49
C THR C 158 -41.74 -18.42 -13.81
N PRO C 159 -42.46 -19.47 -13.36
CA PRO C 159 -41.82 -20.61 -12.72
C PRO C 159 -40.74 -21.24 -13.60
N ALA C 160 -39.62 -21.55 -12.98
CA ALA C 160 -38.51 -22.18 -13.67
C ALA C 160 -38.93 -23.47 -14.38
N ASP C 161 -39.84 -24.25 -13.76
CA ASP C 161 -40.22 -25.54 -14.36
C ASP C 161 -41.08 -25.36 -15.60
N VAL C 162 -41.40 -24.13 -15.94
CA VAL C 162 -42.10 -23.82 -17.19
C VAL C 162 -41.14 -23.34 -18.25
N ILE C 163 -40.13 -22.58 -17.84
CA ILE C 163 -39.14 -22.05 -18.77
C ILE C 163 -38.02 -23.06 -19.10
N GLU C 164 -37.43 -23.70 -18.09
CA GLU C 164 -36.27 -24.56 -18.29
C GLU C 164 -36.48 -25.69 -19.30
N PRO C 165 -37.62 -26.41 -19.23
CA PRO C 165 -37.74 -27.54 -20.16
C PRO C 165 -37.84 -27.12 -21.62
N TRP C 166 -38.47 -25.98 -21.86
CA TRP C 166 -38.55 -25.40 -23.21
C TRP C 166 -37.14 -25.11 -23.71
N ILE C 167 -36.37 -24.36 -22.93
CA ILE C 167 -35.00 -24.02 -23.33
C ILE C 167 -34.16 -25.30 -23.50
N ALA C 168 -34.34 -26.26 -22.59
CA ALA C 168 -33.54 -27.47 -22.54
C ALA C 168 -33.85 -28.37 -23.73
N SER C 169 -35.03 -28.20 -24.30
CA SER C 169 -35.43 -28.97 -25.47
C SER C 169 -34.72 -28.50 -26.73
N LYS C 170 -34.02 -27.35 -26.65
CA LYS C 170 -33.24 -26.83 -27.77
C LYS C 170 -34.03 -26.68 -29.08
N PRO C 171 -35.12 -25.87 -29.04
CA PRO C 171 -35.87 -25.61 -30.24
C PRO C 171 -34.94 -25.13 -31.36
N ALA C 172 -35.09 -25.71 -32.55
CA ALA C 172 -34.25 -25.37 -33.69
C ALA C 172 -34.20 -23.86 -33.92
N ASN C 173 -33.00 -23.33 -34.16
CA ASN C 173 -32.86 -21.98 -34.71
C ASN C 173 -33.46 -20.93 -33.78
N THR C 174 -33.20 -21.07 -32.48
CA THR C 174 -33.80 -20.21 -31.49
C THR C 174 -32.78 -19.83 -30.42
N PHE C 176 -32.40 -17.66 -26.74
CA PHE C 176 -33.22 -17.15 -25.66
C PHE C 176 -32.41 -16.08 -24.93
N ILE C 177 -33.00 -14.91 -24.74
CA ILE C 177 -32.41 -13.86 -23.93
C ILE C 177 -33.26 -13.83 -22.66
N VAL C 178 -32.65 -14.09 -21.53
CA VAL C 178 -33.33 -14.11 -20.25
C VAL C 178 -32.77 -12.95 -19.43
N ASP C 179 -33.64 -11.97 -19.11
CA ASP C 179 -33.26 -10.75 -18.42
C ASP C 179 -33.69 -10.83 -16.97
N GLU C 180 -32.69 -10.99 -16.10
CA GLU C 180 -32.85 -11.15 -14.69
C GLU C 180 -32.43 -9.90 -13.91
N ALA C 181 -32.66 -8.74 -14.50
CA ALA C 181 -32.43 -7.45 -13.82
C ALA C 181 -32.88 -7.39 -12.38
N TYR C 182 -34.10 -7.88 -12.08
CA TYR C 182 -34.70 -7.78 -10.76
C TYR C 182 -34.62 -9.03 -9.88
N ALA C 183 -33.91 -10.05 -10.34
CA ALA C 183 -33.88 -11.37 -9.65
C ALA C 183 -33.57 -11.41 -8.16
N GLU C 184 -32.63 -10.59 -7.67
CA GLU C 184 -32.22 -10.67 -6.27
C GLU C 184 -33.34 -10.25 -5.32
N PHE C 185 -34.34 -9.54 -5.83
CA PHE C 185 -35.53 -9.17 -5.05
C PHE C 185 -36.54 -10.31 -4.81
N VAL C 186 -36.42 -11.42 -5.55
CA VAL C 186 -37.46 -12.46 -5.56
C VAL C 186 -37.61 -13.23 -4.25
N ASN C 187 -38.84 -13.48 -3.84
CA ASN C 187 -39.17 -14.35 -2.70
C ASN C 187 -39.87 -15.66 -3.11
N ASP C 188 -40.45 -15.70 -4.30
CA ASP C 188 -41.17 -16.87 -4.79
C ASP C 188 -40.21 -18.03 -5.08
N PRO C 189 -40.36 -19.14 -4.33
CA PRO C 189 -39.48 -20.27 -4.53
C PRO C 189 -39.65 -21.01 -5.87
N ARG C 190 -40.65 -20.68 -6.70
CA ARG C 190 -40.77 -21.30 -8.00
C ARG C 190 -39.79 -20.68 -9.00
N PHE C 191 -39.26 -19.51 -8.65
CA PHE C 191 -38.24 -18.83 -9.43
C PHE C 191 -36.86 -19.41 -9.17
N ARG C 192 -36.12 -19.62 -10.27
CA ARG C 192 -34.67 -19.88 -10.21
CA ARG C 192 -34.67 -19.93 -10.26
C ARG C 192 -33.99 -19.10 -11.35
N SER C 193 -32.79 -18.59 -11.08
CA SER C 193 -31.93 -18.06 -12.15
C SER C 193 -31.62 -19.16 -13.17
N ILE C 194 -31.57 -18.76 -14.44
CA ILE C 194 -31.20 -19.63 -15.55
C ILE C 194 -29.67 -19.89 -15.58
N SER C 195 -28.90 -19.19 -14.74
CA SER C 195 -27.44 -19.22 -14.81
C SER C 195 -26.84 -20.66 -14.83
N PRO C 196 -27.33 -21.58 -13.96
CA PRO C 196 -26.74 -22.92 -13.96
C PRO C 196 -26.84 -23.64 -15.31
N ILE C 198 -26.30 -22.36 -18.12
CA ILE C 198 -25.14 -21.88 -18.92
C ILE C 198 -23.85 -22.54 -18.39
N THR C 199 -23.71 -22.60 -17.08
CA THR C 199 -22.62 -23.36 -16.43
C THR C 199 -22.54 -24.80 -16.94
N GLN C 200 -23.69 -25.41 -17.19
CA GLN C 200 -23.78 -26.77 -17.65
C GLN C 200 -23.62 -26.93 -19.19
N GLY C 201 -23.40 -25.84 -19.89
CA GLY C 201 -23.01 -25.90 -21.29
C GLY C 201 -24.04 -25.42 -22.31
N ALA C 202 -25.14 -24.80 -21.87
CA ALA C 202 -26.18 -24.41 -22.86
C ALA C 202 -25.61 -23.38 -23.84
N GLU C 203 -25.94 -23.55 -25.12
CA GLU C 203 -25.47 -22.69 -26.18
C GLU C 203 -26.58 -21.77 -26.75
N ASN C 204 -27.78 -21.87 -26.18
CA ASN C 204 -28.95 -21.15 -26.68
C ASN C 204 -29.52 -20.15 -25.65
N ILE C 205 -28.68 -19.73 -24.71
CA ILE C 205 -29.11 -18.82 -23.62
C ILE C 205 -28.15 -17.66 -23.44
N ILE C 206 -28.70 -16.44 -23.40
CA ILE C 206 -27.98 -15.26 -22.95
C ILE C 206 -28.69 -14.75 -21.71
N LEU C 207 -27.94 -14.65 -20.62
CA LEU C 207 -28.44 -14.14 -19.38
C LEU C 207 -27.93 -12.70 -19.23
N LEU C 208 -28.86 -11.76 -19.07
CA LEU C 208 -28.50 -10.35 -18.87
C LEU C 208 -28.73 -9.97 -17.42
N LYS C 209 -27.75 -9.26 -16.88
CA LYS C 209 -27.78 -8.82 -15.50
C LYS C 209 -27.27 -7.41 -15.37
N THR C 210 -27.59 -6.75 -14.26
CA THR C 210 -27.23 -5.36 -14.10
C THR C 210 -26.87 -5.07 -12.66
N PHE C 211 -26.04 -4.06 -12.47
CA PHE C 211 -25.80 -3.48 -11.16
C PHE C 211 -26.81 -2.36 -10.81
N SER C 212 -27.77 -2.08 -11.70
CA SER C 212 -28.61 -0.92 -11.54
C SER C 212 -29.71 -1.05 -10.47
N LYS C 213 -30.03 -2.27 -10.04
CA LYS C 213 -31.24 -2.51 -9.24
C LYS C 213 -30.88 -2.90 -7.76
N ILE C 214 -30.67 -4.17 -7.44
CA ILE C 214 -30.32 -4.51 -6.05
C ILE C 214 -29.05 -3.79 -5.59
N HIS C 215 -28.09 -3.63 -6.52
CA HIS C 215 -26.81 -3.02 -6.19
C HIS C 215 -26.91 -1.49 -6.14
N ALA C 216 -28.01 -0.89 -6.58
CA ALA C 216 -28.25 0.54 -6.29
C ALA C 216 -27.29 1.47 -7.08
N ALA C 218 -27.61 2.34 -10.57
CA ALA C 218 -28.15 2.70 -11.93
C ALA C 218 -27.33 3.74 -12.72
N GLY C 219 -26.95 4.82 -12.03
CA GLY C 219 -26.19 5.90 -12.64
C GLY C 219 -24.72 5.62 -12.91
N ARG C 221 -23.77 2.71 -14.56
CA ARG C 221 -23.77 2.07 -15.91
C ARG C 221 -22.88 0.81 -15.98
N VAL C 222 -23.13 -0.17 -15.09
CA VAL C 222 -22.47 -1.46 -15.15
C VAL C 222 -23.46 -2.62 -15.25
N GLY C 223 -23.29 -3.44 -16.27
CA GLY C 223 -24.11 -4.62 -16.44
C GLY C 223 -23.31 -5.61 -17.26
N TYR C 224 -23.88 -6.78 -17.58
CA TYR C 224 -23.13 -7.81 -18.23
C TYR C 224 -24.03 -8.90 -18.75
N ALA C 225 -23.48 -9.66 -19.70
CA ALA C 225 -24.06 -10.88 -20.20
C ALA C 225 -23.25 -12.13 -19.82
N VAL C 226 -23.97 -13.22 -19.62
CA VAL C 226 -23.40 -14.52 -19.36
C VAL C 226 -23.91 -15.42 -20.48
N ALA C 227 -23.00 -16.09 -21.19
CA ALA C 227 -23.40 -17.07 -22.18
C ALA C 227 -22.25 -18.00 -22.54
N HIS C 228 -22.52 -18.98 -23.41
CA HIS C 228 -21.45 -19.79 -23.98
C HIS C 228 -20.41 -18.84 -24.64
N PRO C 229 -19.11 -19.22 -24.60
CA PRO C 229 -18.12 -18.31 -25.20
C PRO C 229 -18.34 -17.92 -26.67
N THR C 230 -18.85 -18.82 -27.51
CA THR C 230 -19.18 -18.49 -28.90
C THR C 230 -20.22 -17.37 -29.02
N VAL C 231 -21.18 -17.37 -28.08
CA VAL C 231 -22.25 -16.38 -28.09
C VAL C 231 -21.69 -15.06 -27.59
N ILE C 232 -20.96 -15.07 -26.47
CA ILE C 232 -20.29 -13.86 -26.00
C ILE C 232 -19.40 -13.21 -27.12
N ALA C 233 -18.71 -14.04 -27.90
CA ALA C 233 -17.80 -13.53 -28.91
C ALA C 233 -18.61 -12.80 -29.94
N LEU C 234 -19.78 -13.33 -30.33
CA LEU C 234 -20.64 -12.65 -31.32
CA LEU C 234 -20.61 -12.66 -31.33
C LEU C 234 -21.20 -11.34 -30.80
N GLY C 236 -19.94 -9.45 -28.56
CA GLY C 236 -18.80 -8.56 -28.44
C GLY C 236 -18.49 -7.72 -29.67
N ARG C 237 -18.90 -8.22 -30.83
CA ARG C 237 -18.73 -7.50 -32.07
CA ARG C 237 -18.79 -7.51 -32.10
C ARG C 237 -19.66 -6.25 -32.18
N TYR C 238 -20.65 -6.12 -31.30
CA TYR C 238 -21.60 -5.01 -31.35
C TYR C 238 -21.50 -4.04 -30.19
N VAL C 239 -20.44 -4.15 -29.39
CA VAL C 239 -20.08 -3.14 -28.39
C VAL C 239 -18.65 -2.68 -28.71
N ALA C 240 -18.30 -1.46 -28.31
CA ALA C 240 -16.96 -0.98 -28.57
C ALA C 240 -15.98 -1.43 -27.47
N GLY C 241 -15.68 -2.73 -27.44
CA GLY C 241 -14.93 -3.32 -26.36
C GLY C 241 -15.68 -3.33 -25.04
N GLU C 242 -14.92 -3.58 -23.99
CA GLU C 242 -15.45 -3.54 -22.63
C GLU C 242 -14.66 -2.41 -21.95
N LYS C 243 -15.26 -1.23 -21.95
CA LYS C 243 -14.59 0.02 -21.64
C LYS C 243 -15.50 0.77 -20.64
N ILE C 244 -15.83 0.09 -19.55
CA ILE C 244 -16.73 0.57 -18.49
C ILE C 244 -15.99 1.66 -17.72
N ASN C 245 -16.75 2.60 -17.13
CA ASN C 245 -16.12 3.69 -16.47
C ASN C 245 -15.49 3.27 -15.14
N PHE C 246 -14.42 3.97 -14.81
CA PHE C 246 -13.59 3.56 -13.67
C PHE C 246 -14.35 3.53 -12.33
N SER C 247 -15.24 4.49 -12.13
CA SER C 247 -15.99 4.55 -10.89
C SER C 247 -16.93 3.35 -10.73
N GLY C 248 -17.62 3.03 -11.79
CA GLY C 248 -18.48 1.89 -11.87
C GLY C 248 -17.76 0.59 -11.65
N VAL C 249 -16.56 0.46 -12.20
CA VAL C 249 -15.82 -0.78 -12.08
C VAL C 249 -15.43 -1.03 -10.64
N ASP C 250 -14.81 -0.03 -10.05
CA ASP C 250 -14.36 -0.14 -8.67
C ASP C 250 -15.56 -0.31 -7.70
N ALA C 251 -16.65 0.42 -7.94
CA ALA C 251 -17.91 0.25 -7.19
C ALA C 251 -18.45 -1.17 -7.32
N ALA C 252 -18.61 -1.63 -8.56
CA ALA C 252 -19.07 -3.00 -8.78
C ALA C 252 -18.19 -4.01 -8.02
N LEU C 253 -16.88 -3.87 -8.08
CA LEU C 253 -15.97 -4.81 -7.43
C LEU C 253 -16.23 -4.78 -5.92
N ALA C 254 -16.38 -3.59 -5.35
CA ALA C 254 -16.65 -3.44 -3.92
C ALA C 254 -18.04 -3.98 -3.56
N SER C 255 -19.04 -3.71 -4.42
CA SER C 255 -20.42 -4.11 -4.12
C SER C 255 -20.54 -5.63 -4.08
N ASN C 257 -18.38 -7.67 -2.89
CA ASN C 257 -17.92 -8.08 -1.56
C ASN C 257 -18.81 -7.63 -0.37
N ASP C 258 -19.82 -6.82 -0.62
CA ASP C 258 -20.66 -6.26 0.46
C ASP C 258 -21.98 -7.01 0.58
N SER C 259 -21.89 -8.24 1.09
CA SER C 259 -23.03 -9.10 1.39
CA SER C 259 -23.03 -9.10 1.37
C SER C 259 -24.08 -8.45 2.27
N ALA C 260 -23.65 -7.75 3.31
CA ALA C 260 -24.57 -7.13 4.25
C ALA C 260 -25.48 -6.13 3.53
N PHE C 261 -24.89 -5.30 2.67
CA PHE C 261 -25.68 -4.29 1.95
C PHE C 261 -26.75 -4.95 1.10
N ILE C 262 -26.38 -6.01 0.39
CA ILE C 262 -27.32 -6.69 -0.50
C ILE C 262 -28.47 -7.33 0.28
N THR C 263 -28.18 -7.89 1.48
CA THR C 263 -29.25 -8.35 2.39
C THR C 263 -30.20 -7.21 2.78
N TYR C 264 -29.62 -6.07 3.16
CA TYR C 264 -30.34 -4.87 3.56
C TYR C 264 -31.20 -4.31 2.42
N SER C 265 -30.62 -4.30 1.21
CA SER C 265 -31.28 -3.78 0.00
C SER C 265 -32.55 -4.58 -0.26
N LYS C 266 -32.50 -5.90 -0.13
CA LYS C 266 -33.73 -6.70 -0.30
C LYS C 266 -34.68 -6.51 0.88
N LYS C 267 -34.18 -6.50 2.11
CA LYS C 267 -35.07 -6.38 3.28
C LYS C 267 -35.89 -5.08 3.26
N SER C 268 -35.22 -3.97 2.98
CA SER C 268 -35.88 -2.67 2.88
C SER C 268 -36.95 -2.63 1.76
N ASN C 269 -36.63 -3.18 0.60
CA ASN C 269 -37.63 -3.33 -0.42
C ASN C 269 -38.83 -4.19 0.03
N ASP C 270 -38.58 -5.30 0.75
CA ASP C 270 -39.66 -6.12 1.27
C ASP C 270 -40.59 -5.28 2.19
N VAL C 271 -40.00 -4.50 3.09
CA VAL C 271 -40.76 -3.60 3.97
C VAL C 271 -41.60 -2.60 3.14
N SER C 272 -40.99 -1.93 2.17
CA SER C 272 -41.74 -0.98 1.33
C SER C 272 -42.90 -1.66 0.62
N ARG C 273 -42.65 -2.83 0.03
CA ARG C 273 -43.72 -3.57 -0.60
C ARG C 273 -44.93 -3.78 0.32
N GLN C 274 -44.73 -4.27 1.55
CA GLN C 274 -45.87 -4.58 2.40
CA GLN C 274 -45.83 -4.54 2.50
C GLN C 274 -46.67 -3.30 2.75
N ILE C 275 -46.00 -2.16 2.86
CA ILE C 275 -46.67 -0.90 3.18
C ILE C 275 -47.60 -0.49 2.02
N LEU C 276 -47.12 -0.66 0.80
CA LEU C 276 -47.93 -0.36 -0.35
C LEU C 276 -49.07 -1.33 -0.52
N LEU C 277 -48.79 -2.63 -0.38
CA LEU C 277 -49.82 -3.62 -0.56
C LEU C 277 -50.96 -3.47 0.45
N LYS C 278 -50.63 -3.05 1.66
CA LYS C 278 -51.66 -2.86 2.68
CA LYS C 278 -51.62 -2.84 2.69
C LYS C 278 -52.61 -1.75 2.27
N ALA C 279 -52.08 -0.65 1.72
CA ALA C 279 -52.94 0.42 1.18
C ALA C 279 -53.83 -0.09 0.03
N LEU C 280 -53.26 -0.85 -0.90
CA LEU C 280 -54.04 -1.38 -2.00
C LEU C 280 -55.17 -2.29 -1.52
N GLU C 281 -54.91 -3.09 -0.50
CA GLU C 281 -55.92 -3.97 0.05
C GLU C 281 -56.98 -3.14 0.73
N ASP C 282 -56.58 -2.15 1.51
CA ASP C 282 -57.53 -1.25 2.15
C ASP C 282 -58.48 -0.63 1.11
N LEU C 283 -57.93 -0.29 -0.04
CA LEU C 283 -58.64 0.42 -1.06
C LEU C 283 -59.35 -0.53 -1.99
N LYS C 284 -59.12 -1.82 -1.84
CA LYS C 284 -59.69 -2.86 -2.72
C LYS C 284 -59.30 -2.64 -4.17
N LEU C 285 -58.03 -2.29 -4.37
CA LEU C 285 -57.46 -2.19 -5.71
C LEU C 285 -56.61 -3.44 -6.00
N PRO C 286 -56.99 -4.22 -7.04
CA PRO C 286 -56.21 -5.40 -7.36
C PRO C 286 -54.76 -5.06 -7.80
N TYR C 287 -53.83 -5.88 -7.31
CA TYR C 287 -52.44 -5.85 -7.77
C TYR C 287 -51.93 -7.23 -8.19
N LEU C 288 -50.85 -7.25 -8.96
CA LEU C 288 -50.12 -8.50 -9.28
C LEU C 288 -49.03 -8.80 -8.26
N PRO C 289 -48.68 -10.10 -8.05
CA PRO C 289 -47.62 -10.35 -7.11
C PRO C 289 -46.32 -9.63 -7.55
N SER C 290 -45.65 -9.00 -6.60
CA SER C 290 -44.49 -8.19 -6.86
C SER C 290 -43.27 -8.97 -6.44
N GLU C 291 -42.39 -9.30 -7.38
CA GLU C 291 -41.12 -9.95 -6.97
C GLU C 291 -39.88 -9.11 -7.30
N GLY C 292 -40.07 -7.90 -7.86
CA GLY C 292 -39.01 -6.92 -8.08
C GLY C 292 -39.10 -5.79 -7.04
N ASN C 293 -38.66 -4.59 -7.42
CA ASN C 293 -38.75 -3.37 -6.58
C ASN C 293 -39.85 -2.40 -7.06
N PHE C 294 -40.97 -2.97 -7.48
CA PHE C 294 -42.10 -2.20 -7.97
C PHE C 294 -43.37 -3.05 -7.84
N VAL C 295 -44.52 -2.39 -7.92
CA VAL C 295 -45.82 -3.08 -7.87
C VAL C 295 -46.64 -2.57 -9.01
N PHE C 296 -47.29 -3.50 -9.70
CA PHE C 296 -48.22 -3.17 -10.76
C PHE C 296 -49.66 -3.35 -10.24
N HIS C 297 -50.45 -2.28 -10.22
CA HIS C 297 -51.81 -2.36 -9.70
C HIS C 297 -52.83 -1.64 -10.58
N GLN C 298 -54.08 -1.98 -10.31
CA GLN C 298 -55.18 -1.53 -11.12
C GLN C 298 -55.72 -0.22 -10.56
N LEU C 299 -56.35 0.55 -11.41
CA LEU C 299 -56.95 1.86 -11.07
C LEU C 299 -58.40 1.91 -11.52
N VAL C 300 -59.23 2.59 -10.75
CA VAL C 300 -60.61 2.80 -11.21
C VAL C 300 -60.80 4.19 -11.84
N VAL C 301 -59.90 5.13 -11.58
CA VAL C 301 -59.85 6.42 -12.24
C VAL C 301 -58.92 6.36 -13.46
N PRO C 302 -59.03 7.32 -14.40
CA PRO C 302 -58.08 7.32 -15.55
C PRO C 302 -56.61 7.49 -15.12
N LEU C 303 -55.74 6.65 -15.66
CA LEU C 303 -54.32 6.73 -15.42
C LEU C 303 -53.73 8.12 -15.53
N LYS C 304 -54.03 8.86 -16.60
CA LYS C 304 -53.43 10.19 -16.79
C LYS C 304 -53.79 11.14 -15.65
N ASP C 305 -55.03 11.04 -15.16
CA ASP C 305 -55.49 11.88 -14.08
C ASP C 305 -54.73 11.52 -12.81
N TYR C 306 -54.56 10.21 -12.56
CA TYR C 306 -53.85 9.74 -11.32
C TYR C 306 -52.38 10.20 -11.32
N GLN C 307 -51.74 9.98 -12.46
CA GLN C 307 -50.38 10.44 -12.67
C GLN C 307 -50.26 11.93 -12.40
N THR C 308 -51.19 12.71 -12.96
CA THR C 308 -51.16 14.16 -12.82
C THR C 308 -51.39 14.58 -11.38
N HIS C 309 -52.42 14.02 -10.75
CA HIS C 309 -52.69 14.37 -9.34
C HIS C 309 -51.52 13.99 -8.41
N ALA C 311 -48.38 13.71 -9.32
CA ALA C 311 -47.28 14.67 -9.64
C ALA C 311 -47.51 16.00 -8.99
N ASP C 312 -48.78 16.43 -8.95
CA ASP C 312 -49.11 17.71 -8.30
C ASP C 312 -48.89 17.59 -6.77
N ALA C 313 -48.99 16.37 -6.22
CA ALA C 313 -48.75 16.11 -4.80
C ALA C 313 -47.29 15.78 -4.47
N GLY C 314 -46.39 15.91 -5.45
CA GLY C 314 -44.98 15.61 -5.24
C GLY C 314 -44.57 14.15 -5.32
N VAL C 315 -45.25 13.39 -6.16
CA VAL C 315 -44.96 11.96 -6.29
C VAL C 315 -44.94 11.62 -7.76
N LEU C 316 -43.80 11.17 -8.27
CA LEU C 316 -43.69 10.76 -9.67
C LEU C 316 -43.78 9.25 -9.78
N ILE C 317 -44.85 8.79 -10.42
CA ILE C 317 -45.09 7.37 -10.63
C ILE C 317 -44.73 6.95 -12.07
N GLY C 318 -44.86 5.67 -12.37
CA GLY C 318 -44.54 5.16 -13.69
C GLY C 318 -45.40 5.71 -14.82
N ARG C 319 -44.81 5.69 -16.02
CA ARG C 319 -45.53 6.04 -17.25
C ARG C 319 -46.56 4.97 -17.57
N ALA C 320 -47.32 5.21 -18.63
CA ALA C 320 -48.31 4.24 -19.15
C ALA C 320 -47.66 3.04 -19.85
N PHE C 321 -48.29 1.88 -19.69
CA PHE C 321 -47.78 0.60 -20.17
C PHE C 321 -48.88 -0.07 -20.91
N PRO C 322 -49.27 0.51 -22.06
CA PRO C 322 -50.23 -0.20 -22.91
C PRO C 322 -49.70 -1.61 -23.24
N PRO C 323 -50.58 -2.62 -23.35
CA PRO C 323 -52.04 -2.57 -23.33
C PRO C 323 -52.70 -2.59 -21.93
N ALA C 324 -51.95 -2.48 -20.86
CA ALA C 324 -52.56 -2.49 -19.53
C ALA C 324 -52.99 -1.07 -19.19
N ASP C 325 -53.97 -0.56 -19.91
CA ASP C 325 -54.26 0.87 -19.87
C ASP C 325 -54.84 1.36 -18.54
N ASN C 326 -55.42 0.45 -17.77
CA ASN C 326 -56.04 0.83 -16.48
CA ASN C 326 -56.07 0.75 -16.50
C ASN C 326 -55.21 0.34 -15.29
N TRP C 327 -53.89 0.30 -15.48
CA TRP C 327 -52.93 -0.18 -14.48
C TRP C 327 -51.78 0.83 -14.34
N CYS C 328 -51.14 0.91 -13.19
CA CYS C 328 -49.96 1.73 -13.04
C CYS C 328 -48.84 0.93 -12.35
N ARG C 329 -47.59 1.27 -12.66
CA ARG C 329 -46.44 0.71 -12.00
C ARG C 329 -45.87 1.72 -11.00
N ILE C 330 -45.80 1.34 -9.73
CA ILE C 330 -45.35 2.21 -8.68
C ILE C 330 -44.09 1.54 -8.17
N SER C 331 -42.97 2.25 -8.25
CA SER C 331 -41.70 1.71 -7.86
C SER C 331 -41.69 1.82 -6.36
N LEU C 332 -40.95 0.96 -5.71
CA LEU C 332 -40.92 0.97 -4.27
C LEU C 332 -39.83 1.92 -3.77
N GLY C 333 -40.28 3.00 -3.09
CA GLY C 333 -39.36 3.94 -2.50
C GLY C 333 -38.93 3.43 -1.14
N THR C 334 -38.33 4.30 -0.33
CA THR C 334 -37.94 3.90 1.00
C THR C 334 -39.24 3.59 1.82
N PRO C 335 -39.12 2.87 2.92
CA PRO C 335 -40.33 2.65 3.75
C PRO C 335 -41.02 3.94 4.19
N GLN C 336 -40.23 4.97 4.46
CA GLN C 336 -40.84 6.22 4.92
CA GLN C 336 -40.76 6.26 4.91
C GLN C 336 -41.52 6.92 3.77
N GLU C 337 -40.95 6.81 2.57
CA GLU C 337 -41.57 7.40 1.40
C GLU C 337 -42.87 6.68 1.15
N GLN C 339 -44.79 5.04 3.21
CA GLN C 339 -45.83 5.37 4.20
C GLN C 339 -46.54 6.66 3.79
N TRP C 340 -45.78 7.64 3.31
CA TRP C 340 -46.35 8.91 2.90
CA TRP C 340 -46.32 8.92 2.88
C TRP C 340 -47.20 8.74 1.66
N VAL C 341 -46.74 7.92 0.73
CA VAL C 341 -47.47 7.69 -0.50
C VAL C 341 -48.76 6.95 -0.21
N ALA C 342 -48.68 5.90 0.60
CA ALA C 342 -49.85 5.13 1.01
C ALA C 342 -50.93 6.03 1.66
N ASP C 343 -50.51 6.91 2.57
CA ASP C 343 -51.45 7.83 3.21
C ASP C 343 -52.02 8.78 2.18
N THR C 344 -51.17 9.25 1.27
CA THR C 344 -51.64 10.13 0.20
C THR C 344 -52.73 9.41 -0.65
N ARG C 346 -54.77 7.01 0.42
CA ARG C 346 -55.95 7.02 1.26
C ARG C 346 -56.66 8.37 1.21
N GLU C 347 -55.91 9.47 1.27
CA GLU C 347 -56.54 10.79 1.17
C GLU C 347 -57.20 10.99 -0.20
N PHE C 348 -56.57 10.48 -1.24
CA PHE C 348 -57.11 10.58 -2.60
C PHE C 348 -58.46 9.88 -2.70
N ARG C 349 -58.57 8.71 -2.07
CA ARG C 349 -59.80 7.93 -2.12
C ARG C 349 -60.93 8.77 -1.49
N LYS C 350 -60.65 9.51 -0.43
CA LYS C 350 -61.68 10.37 0.20
C LYS C 350 -62.29 11.39 -0.78
N LYS C 351 -61.51 11.86 -1.74
CA LYS C 351 -62.01 12.82 -2.75
C LYS C 351 -62.16 12.21 -4.12
N SER C 352 -62.20 10.88 -4.17
CA SER C 352 -62.42 10.15 -5.41
C SER C 352 -61.29 10.28 -6.44
N TRP C 353 -60.09 10.66 -6.01
CA TRP C 353 -58.93 10.68 -6.92
C TRP C 353 -58.21 9.34 -7.10
N ILE C 354 -58.65 8.34 -6.38
CA ILE C 354 -58.23 6.96 -6.60
C ILE C 354 -59.37 6.03 -6.23
N GLY D 1 -7.29 33.24 -12.51
CA GLY D 1 -7.08 31.94 -13.17
C GLY D 1 -5.67 31.85 -13.80
N GLU D 2 -4.79 32.84 -13.57
CA GLU D 2 -3.43 32.84 -14.17
C GLU D 2 -2.47 31.80 -13.54
N THR D 3 -2.65 31.55 -12.24
CA THR D 3 -1.73 30.70 -11.48
C THR D 3 -1.76 29.26 -11.96
N GLN D 4 -0.56 28.75 -12.25
CA GLN D 4 -0.35 27.38 -12.72
C GLN D 4 -0.39 26.45 -11.51
N PRO D 5 -1.02 25.26 -11.66
CA PRO D 5 -0.95 24.31 -10.55
C PRO D 5 0.45 23.74 -10.41
N GLU D 6 0.80 23.33 -9.19
CA GLU D 6 2.06 22.62 -8.96
C GLU D 6 2.01 21.25 -9.64
N SER D 7 3.17 20.81 -10.12
CA SER D 7 3.28 19.52 -10.78
C SER D 7 3.29 18.39 -9.73
N ALA D 8 2.77 17.23 -10.12
CA ALA D 8 2.72 16.05 -9.24
C ALA D 8 4.14 15.62 -8.90
N ALA D 9 4.35 15.21 -7.65
CA ALA D 9 5.66 14.71 -7.22
C ALA D 9 6.07 13.55 -8.12
N PHE D 10 7.34 13.53 -8.51
CA PHE D 10 7.84 12.48 -9.40
C PHE D 10 8.84 11.59 -8.65
N THR D 11 8.68 10.27 -8.80
CA THR D 11 9.71 9.31 -8.41
C THR D 11 10.02 8.33 -9.56
N ALA D 12 11.26 7.87 -9.61
CA ALA D 12 11.74 6.95 -10.65
C ALA D 12 10.84 5.74 -10.69
N PRO D 13 10.53 5.26 -11.90
CA PRO D 13 9.66 4.11 -12.04
C PRO D 13 10.29 2.77 -11.67
N SER D 14 9.45 1.74 -11.66
CA SER D 14 9.88 0.37 -11.47
C SER D 14 8.99 -0.47 -12.38
N THR D 15 9.26 -1.77 -12.50
CA THR D 15 8.41 -2.62 -13.35
C THR D 15 7.03 -2.78 -12.70
N ASP D 16 7.00 -2.74 -11.37
CA ASP D 16 5.73 -2.74 -10.63
C ASP D 16 4.93 -1.46 -10.86
N ASN D 17 5.64 -0.33 -10.83
CA ASN D 17 5.06 0.99 -10.93
C ASN D 17 5.64 1.78 -12.12
N PRO D 18 5.17 1.50 -13.34
CA PRO D 18 5.86 2.05 -14.52
C PRO D 18 5.39 3.44 -14.93
N ILE D 19 6.20 4.13 -15.73
CA ILE D 19 5.73 5.32 -16.44
C ILE D 19 4.87 4.78 -17.56
N ARG D 20 3.65 5.28 -17.63
CA ARG D 20 2.65 4.82 -18.56
C ARG D 20 2.43 5.82 -19.71
N ILE D 21 3.09 5.54 -20.85
CA ILE D 21 3.02 6.41 -22.01
C ILE D 21 2.70 5.55 -23.20
N ASN D 22 1.66 4.75 -23.00
CA ASN D 22 1.30 3.68 -23.89
C ASN D 22 -0.03 3.88 -24.60
N PHE D 23 -0.94 4.62 -23.99
CA PHE D 23 -2.34 4.74 -24.49
C PHE D 23 -2.84 6.18 -24.65
N ASN D 24 -1.92 7.12 -24.83
CA ASN D 24 -2.25 8.53 -25.00
C ASN D 24 -3.23 9.14 -23.94
N GLU D 25 -3.13 8.68 -22.72
CA GLU D 25 -3.88 9.25 -21.62
C GLU D 25 -3.24 10.55 -21.25
N ASN D 26 -4.02 11.45 -20.69
CA ASN D 26 -3.52 12.70 -20.23
C ASN D 26 -2.91 12.41 -18.86
N PRO D 27 -1.63 12.74 -18.68
CA PRO D 27 -0.92 12.40 -17.46
C PRO D 27 -1.20 13.34 -16.30
N LEU D 28 -1.94 14.43 -16.52
N LEU D 28 -1.94 14.40 -16.58
CA LEU D 28 -2.07 15.47 -15.50
CA LEU D 28 -2.55 15.21 -15.56
C LEU D 28 -3.18 15.23 -14.49
C LEU D 28 -3.80 14.54 -15.07
N GLY D 29 -4.02 14.22 -14.74
N GLY D 29 -4.04 14.63 -13.78
CA GLY D 29 -5.23 14.03 -13.96
CA GLY D 29 -5.33 14.28 -13.27
C GLY D 29 -6.29 15.00 -14.43
C GLY D 29 -6.30 15.19 -13.99
N SER D 31 -9.28 17.90 -14.22
CA SER D 31 -9.47 19.17 -13.49
C SER D 31 -9.97 18.94 -12.05
N PRO D 32 -9.38 19.64 -11.06
CA PRO D 32 -9.92 19.59 -9.69
C PRO D 32 -11.40 19.83 -9.58
N LYS D 33 -11.92 20.77 -10.35
CA LYS D 33 -13.36 21.03 -10.30
C LYS D 33 -14.12 19.83 -10.91
N ALA D 34 -13.55 19.23 -11.96
CA ALA D 34 -14.17 18.04 -12.57
C ALA D 34 -14.15 16.86 -11.57
N GLN D 35 -13.02 16.68 -10.88
CA GLN D 35 -12.93 15.58 -9.91
C GLN D 35 -13.96 15.75 -8.83
N ALA D 36 -14.21 17.00 -8.43
CA ALA D 36 -15.12 17.28 -7.31
C ALA D 36 -16.54 16.92 -7.74
N ALA D 37 -16.90 17.33 -8.94
CA ALA D 37 -18.21 17.02 -9.52
C ALA D 37 -18.39 15.49 -9.62
N ALA D 38 -17.37 14.79 -10.12
CA ALA D 38 -17.40 13.32 -10.27
C ALA D 38 -17.59 12.61 -8.94
N ARG D 39 -16.80 13.00 -7.95
CA ARG D 39 -16.94 12.47 -6.59
C ARG D 39 -18.32 12.77 -5.98
N ASP D 40 -18.78 14.01 -6.07
CA ASP D 40 -20.11 14.40 -5.56
C ASP D 40 -21.32 13.74 -6.27
N ALA D 41 -21.13 13.27 -7.49
CA ALA D 41 -22.18 12.54 -8.24
C ALA D 41 -22.43 11.14 -7.70
N VAL D 42 -21.47 10.58 -6.94
CA VAL D 42 -21.59 9.20 -6.52
C VAL D 42 -22.81 8.96 -5.63
N VAL D 43 -23.07 9.86 -4.70
CA VAL D 43 -24.21 9.73 -3.78
C VAL D 43 -25.53 9.76 -4.56
N LYS D 44 -25.52 10.40 -5.72
CA LYS D 44 -26.70 10.52 -6.58
C LYS D 44 -26.89 9.36 -7.55
N ALA D 45 -25.86 8.51 -7.66
CA ALA D 45 -25.73 7.53 -8.75
C ALA D 45 -26.53 6.26 -8.53
N ASN D 46 -27.33 6.17 -7.44
CA ASN D 46 -28.44 5.19 -7.44
C ASN D 46 -29.51 5.50 -8.49
N ARG D 47 -29.55 6.73 -8.94
CA ARG D 47 -30.51 7.12 -10.00
C ARG D 47 -29.81 7.37 -11.28
N TYR D 48 -30.56 7.22 -12.37
CA TYR D 48 -30.11 7.56 -13.69
C TYR D 48 -29.97 9.08 -13.82
N ALA D 49 -28.94 9.52 -14.53
CA ALA D 49 -28.59 10.94 -14.65
C ALA D 49 -29.39 11.59 -15.81
N LYS D 50 -30.69 11.37 -15.86
CA LYS D 50 -31.51 11.73 -17.04
C LYS D 50 -31.54 13.23 -17.36
N ASN D 51 -31.84 14.05 -16.36
CA ASN D 51 -31.87 15.50 -16.65
C ASN D 51 -30.47 16.09 -16.90
N GLU D 52 -29.48 15.57 -16.19
CA GLU D 52 -28.10 16.04 -16.34
C GLU D 52 -27.57 15.76 -17.77
N ILE D 53 -27.99 14.63 -18.33
CA ILE D 53 -27.66 14.25 -19.69
C ILE D 53 -28.29 15.23 -20.70
N LEU D 54 -29.52 15.63 -20.46
CA LEU D 54 -30.12 16.70 -21.27
C LEU D 54 -29.31 18.00 -21.17
N LEU D 56 -26.10 18.37 -20.51
CA LEU D 56 -24.82 18.22 -21.20
C LEU D 56 -24.98 18.31 -22.70
N GLY D 57 -26.03 17.69 -23.23
CA GLY D 57 -26.28 17.72 -24.67
C GLY D 57 -26.54 19.15 -25.15
N ASN D 58 -27.34 19.87 -24.37
CA ASN D 58 -27.60 21.30 -24.61
C ASN D 58 -26.33 22.14 -24.54
N LYS D 59 -25.45 21.90 -23.56
CA LYS D 59 -24.21 22.67 -23.43
C LYS D 59 -23.29 22.39 -24.64
N LEU D 60 -23.29 21.15 -25.13
CA LEU D 60 -22.44 20.78 -26.26
C LEU D 60 -22.99 21.36 -27.57
N ALA D 61 -24.32 21.39 -27.69
CA ALA D 61 -24.98 22.01 -28.85
C ALA D 61 -24.60 23.51 -28.95
N ALA D 62 -24.73 24.24 -27.84
CA ALA D 62 -24.28 25.64 -27.76
C ALA D 62 -22.82 25.81 -28.19
N HIS D 63 -21.95 24.94 -27.74
CA HIS D 63 -20.51 25.03 -28.03
C HIS D 63 -20.23 24.83 -29.53
N HIS D 64 -20.95 23.92 -30.13
CA HIS D 64 -20.80 23.66 -31.57
C HIS D 64 -21.71 24.47 -32.46
N GLN D 65 -22.46 25.40 -31.85
CA GLN D 65 -23.37 26.27 -32.61
C GLN D 65 -24.32 25.47 -33.50
N VAL D 66 -24.95 24.46 -32.89
CA VAL D 66 -25.99 23.63 -33.51
C VAL D 66 -27.10 23.50 -32.48
N GLU D 67 -28.22 22.90 -32.88
CA GLU D 67 -29.32 22.60 -31.95
C GLU D 67 -29.07 21.24 -31.29
N ALA D 68 -29.78 20.98 -30.19
CA ALA D 68 -29.63 19.72 -29.43
C ALA D 68 -29.79 18.43 -30.25
N PRO D 69 -30.72 18.40 -31.25
CA PRO D 69 -30.79 17.22 -32.11
C PRO D 69 -29.55 16.90 -33.01
N SER D 70 -28.56 17.78 -33.04
CA SER D 70 -27.31 17.56 -33.75
C SER D 70 -26.19 17.00 -32.87
N ILE D 71 -26.50 16.69 -31.61
CA ILE D 71 -25.56 16.05 -30.68
C ILE D 71 -26.07 14.67 -30.24
N LEU D 72 -25.20 13.66 -30.27
CA LEU D 72 -25.41 12.35 -29.66
C LEU D 72 -24.31 12.08 -28.65
N LEU D 73 -24.70 11.96 -27.38
CA LEU D 73 -23.73 11.59 -26.37
C LEU D 73 -23.49 10.08 -26.37
N THR D 74 -22.24 9.70 -26.14
CA THR D 74 -21.82 8.31 -26.30
C THR D 74 -20.84 7.99 -25.22
N ALA D 75 -20.70 6.71 -24.92
CA ALA D 75 -19.75 6.31 -23.89
C ALA D 75 -18.34 6.32 -24.46
N GLY D 76 -17.71 7.48 -24.50
CA GLY D 76 -16.42 7.67 -25.15
C GLY D 76 -16.71 7.78 -26.63
N SER D 77 -15.72 8.23 -27.40
CA SER D 77 -15.92 8.30 -28.86
C SER D 77 -15.76 6.91 -29.48
N SER D 78 -15.23 5.91 -28.74
CA SER D 78 -15.22 4.55 -29.28
C SER D 78 -16.63 4.07 -29.71
N GLU D 79 -17.63 4.44 -28.91
CA GLU D 79 -19.00 4.04 -29.19
C GLU D 79 -19.56 4.88 -30.32
N GLY D 80 -19.11 6.13 -30.45
CA GLY D 80 -19.43 6.92 -31.65
C GLY D 80 -18.93 6.41 -32.99
N ILE D 81 -17.71 5.87 -33.02
CA ILE D 81 -17.14 5.26 -34.24
C ILE D 81 -18.01 4.06 -34.64
N ARG D 82 -18.29 3.21 -33.67
CA ARG D 82 -19.12 2.04 -33.87
C ARG D 82 -20.47 2.42 -34.39
N ALA D 83 -21.12 3.38 -33.74
CA ALA D 83 -22.48 3.72 -34.15
C ALA D 83 -22.49 4.34 -35.53
N ALA D 84 -21.50 5.18 -35.81
CA ALA D 84 -21.41 5.79 -37.17
C ALA D 84 -21.29 4.72 -38.27
N ILE D 85 -20.41 3.74 -38.07
CA ILE D 85 -20.19 2.65 -39.03
C ILE D 85 -21.46 1.83 -39.17
N GLU D 86 -22.03 1.42 -38.03
CA GLU D 86 -23.27 0.63 -38.07
C GLU D 86 -24.41 1.36 -38.79
N ALA D 87 -24.53 2.66 -38.53
CA ALA D 87 -25.60 3.43 -39.18
C ALA D 87 -25.46 3.48 -40.69
N TYR D 88 -24.23 3.50 -41.22
CA TYR D 88 -24.03 3.72 -42.66
C TYR D 88 -23.51 2.49 -43.41
N ALA D 89 -23.42 1.36 -42.71
CA ALA D 89 -23.00 0.10 -43.30
C ALA D 89 -24.10 -0.53 -44.14
N SER D 90 -23.71 -1.11 -45.27
CA SER D 90 -24.56 -2.02 -46.02
C SER D 90 -23.61 -3.02 -46.67
N LEU D 91 -24.15 -4.06 -47.31
CA LEU D 91 -23.25 -5.06 -47.89
C LEU D 91 -22.55 -4.55 -49.12
N GLU D 92 -23.05 -3.49 -49.77
CA GLU D 92 -22.26 -2.91 -50.86
C GLU D 92 -21.38 -1.69 -50.47
N ALA D 93 -21.36 -1.29 -49.20
CA ALA D 93 -20.57 -0.13 -48.75
C ALA D 93 -19.08 -0.46 -48.62
N GLN D 94 -18.24 0.53 -48.88
CA GLN D 94 -16.81 0.39 -48.63
C GLN D 94 -16.41 1.43 -47.57
N LEU D 95 -15.38 1.08 -46.80
CA LEU D 95 -14.70 2.02 -45.93
C LEU D 95 -13.44 2.43 -46.69
N VAL D 96 -13.24 3.73 -46.84
CA VAL D 96 -12.01 4.25 -47.45
C VAL D 96 -11.19 4.90 -46.34
N ILE D 97 -10.00 4.37 -46.04
CA ILE D 97 -9.13 4.94 -45.02
C ILE D 97 -7.67 5.05 -45.51
N PRO D 98 -6.87 5.92 -44.86
CA PRO D 98 -5.42 5.88 -44.98
C PRO D 98 -4.93 4.54 -44.41
N GLU D 99 -3.81 4.04 -44.92
CA GLU D 99 -3.32 2.73 -44.54
CA GLU D 99 -3.34 2.74 -44.53
C GLU D 99 -2.89 2.69 -43.06
N LEU D 100 -2.44 3.81 -42.54
CA LEU D 100 -1.93 3.92 -41.16
C LEU D 100 -2.74 4.95 -40.34
N THR D 101 -3.77 4.46 -39.69
CA THR D 101 -4.65 5.30 -38.91
C THR D 101 -5.24 4.53 -37.76
N TYR D 102 -6.15 5.17 -37.01
CA TYR D 102 -6.82 4.51 -35.87
C TYR D 102 -7.67 3.32 -36.31
N GLY D 103 -7.43 2.18 -35.68
CA GLY D 103 -7.92 0.89 -36.16
C GLY D 103 -9.42 0.57 -35.98
N ASP D 104 -10.13 1.33 -35.16
CA ASP D 104 -11.56 1.02 -34.88
C ASP D 104 -12.48 1.15 -36.09
N GLY D 105 -12.19 2.03 -37.05
CA GLY D 105 -13.02 2.14 -38.22
C GLY D 105 -13.01 0.84 -38.98
N GLU D 106 -11.81 0.40 -39.34
CA GLU D 106 -11.63 -0.87 -40.02
C GLU D 106 -12.24 -2.04 -39.24
N HIS D 107 -12.03 -2.06 -37.94
CA HIS D 107 -12.58 -3.09 -37.05
C HIS D 107 -14.07 -3.22 -37.25
N PHE D 108 -14.82 -2.12 -37.18
CA PHE D 108 -16.29 -2.22 -37.22
C PHE D 108 -16.77 -2.41 -38.67
N ALA D 109 -15.99 -1.90 -39.60
CA ALA D 109 -16.30 -2.08 -41.02
C ALA D 109 -16.24 -3.56 -41.40
N LYS D 110 -15.25 -4.26 -40.86
CA LYS D 110 -15.09 -5.71 -41.10
C LYS D 110 -16.24 -6.49 -40.48
N ILE D 111 -16.62 -6.15 -39.25
CA ILE D 111 -17.76 -6.76 -38.57
C ILE D 111 -19.04 -6.58 -39.39
N ALA D 112 -19.16 -5.41 -40.00
CA ALA D 112 -20.26 -5.08 -40.88
C ALA D 112 -20.15 -5.77 -42.23
N GLY D 113 -19.09 -6.51 -42.51
CA GLY D 113 -18.92 -7.15 -43.82
C GLY D 113 -18.56 -6.23 -44.98
N LYS D 115 -16.33 -3.92 -47.69
CA LYS D 115 -15.02 -3.79 -48.32
C LYS D 115 -14.21 -2.70 -47.59
N VAL D 116 -12.95 -2.98 -47.25
CA VAL D 116 -12.05 -1.97 -46.68
C VAL D 116 -10.96 -1.60 -47.72
N THR D 117 -10.93 -0.33 -48.11
CA THR D 117 -10.00 0.16 -49.12
C THR D 117 -9.02 1.08 -48.43
N LYS D 118 -7.80 0.58 -48.27
CA LYS D 118 -6.73 1.31 -47.64
C LYS D 118 -5.84 2.00 -48.66
N VAL D 119 -5.62 3.28 -48.49
CA VAL D 119 -4.79 4.04 -49.40
C VAL D 119 -3.41 4.30 -48.79
N LYS D 120 -2.38 3.86 -49.50
CA LYS D 120 -0.99 4.00 -49.07
C LYS D 120 -0.68 5.45 -48.67
N LEU D 122 1.56 8.91 -48.17
CA LEU D 122 2.55 9.59 -49.00
C LEU D 122 3.94 9.35 -48.42
N ASP D 123 4.96 9.67 -49.22
CA ASP D 123 6.33 9.31 -48.86
C ASP D 123 6.79 9.94 -47.55
N ASN D 124 6.12 11.00 -47.12
CA ASN D 124 6.41 11.62 -45.83
C ASN D 124 5.43 11.24 -44.71
N TRP D 125 4.60 10.20 -44.95
CA TRP D 125 3.61 9.62 -43.99
C TRP D 125 2.30 10.42 -43.87
N ALA D 126 2.13 11.41 -44.70
CA ALA D 126 0.89 12.14 -44.80
C ALA D 126 -0.19 11.31 -45.50
N PHE D 127 -1.44 11.69 -45.30
CA PHE D 127 -2.56 11.08 -45.92
C PHE D 127 -2.38 11.41 -47.40
N ASP D 128 -2.67 10.48 -48.28
CA ASP D 128 -2.79 10.80 -49.72
C ASP D 128 -4.25 11.13 -50.03
N ILE D 129 -4.59 12.40 -49.86
CA ILE D 129 -5.98 12.79 -50.00
C ILE D 129 -6.45 12.56 -51.43
N GLU D 130 -5.55 12.75 -52.39
CA GLU D 130 -5.94 12.53 -53.80
C GLU D 130 -6.29 11.06 -54.04
N GLY D 131 -5.54 10.16 -53.41
CA GLY D 131 -5.78 8.73 -53.50
C GLY D 131 -7.04 8.31 -52.73
N LEU D 132 -7.34 8.97 -51.60
CA LEU D 132 -8.61 8.77 -50.90
C LEU D 132 -9.77 9.22 -51.81
N LYS D 133 -9.63 10.40 -52.42
CA LYS D 133 -10.70 10.92 -53.28
C LYS D 133 -10.95 9.97 -54.46
N ALA D 134 -9.85 9.43 -55.02
CA ALA D 134 -9.93 8.59 -56.24
C ALA D 134 -10.63 7.25 -55.92
N ALA D 135 -10.30 6.71 -54.76
CA ALA D 135 -10.91 5.46 -54.28
C ALA D 135 -12.39 5.60 -54.06
N VAL D 136 -12.84 6.76 -53.56
CA VAL D 136 -14.27 7.04 -53.50
C VAL D 136 -14.88 7.17 -54.89
N ALA D 137 -14.23 7.93 -55.77
CA ALA D 137 -14.78 8.23 -57.10
C ALA D 137 -14.87 7.00 -57.97
N ALA D 138 -13.97 6.05 -57.77
CA ALA D 138 -13.92 4.85 -58.60
C ALA D 138 -15.00 3.82 -58.22
N TYR D 139 -15.58 3.97 -57.03
CA TYR D 139 -16.53 3.01 -56.46
C TYR D 139 -17.98 3.44 -56.66
N SER D 140 -18.79 2.63 -57.36
CA SER D 140 -20.20 2.97 -57.64
C SER D 140 -21.11 2.86 -56.38
N GLY D 141 -20.69 2.09 -55.37
CA GLY D 141 -21.48 1.96 -54.17
C GLY D 141 -21.29 3.11 -53.18
N PRO D 142 -21.90 2.96 -51.99
CA PRO D 142 -21.66 3.89 -50.90
C PRO D 142 -20.27 3.71 -50.33
N SER D 143 -19.74 4.83 -49.82
CA SER D 143 -18.46 4.89 -49.20
C SER D 143 -18.61 5.63 -47.90
N ILE D 144 -17.93 5.13 -46.89
CA ILE D 144 -17.64 5.83 -45.64
C ILE D 144 -16.16 6.12 -45.62
N VAL D 145 -15.82 7.38 -45.34
CA VAL D 145 -14.44 7.85 -45.28
C VAL D 145 -14.15 8.23 -43.85
N TYR D 146 -13.12 7.63 -43.27
CA TYR D 146 -12.77 7.87 -41.89
C TYR D 146 -11.42 8.59 -41.78
N LEU D 147 -11.44 9.82 -41.26
CA LEU D 147 -10.35 10.81 -41.31
C LEU D 147 -10.11 11.24 -39.87
N VAL D 148 -9.00 10.78 -39.38
CA VAL D 148 -8.57 11.10 -38.03
C VAL D 148 -7.60 12.28 -38.13
N ASN D 149 -7.87 13.33 -37.36
CA ASN D 149 -7.18 14.61 -37.51
C ASN D 149 -7.16 15.41 -36.20
N PRO D 150 -6.02 15.44 -35.48
CA PRO D 150 -4.69 14.83 -35.73
C PRO D 150 -4.78 13.31 -35.84
N ASN D 151 -3.99 12.72 -36.72
CA ASN D 151 -3.98 11.29 -36.90
C ASN D 151 -3.30 10.58 -35.75
N ASN D 152 -3.77 9.39 -35.46
CA ASN D 152 -3.15 8.48 -34.46
C ASN D 152 -2.84 7.24 -35.31
N PRO D 153 -1.57 6.85 -35.43
CA PRO D 153 -0.49 7.12 -34.53
C PRO D 153 0.49 8.21 -34.97
N THR D 154 0.35 8.78 -36.18
CA THR D 154 1.42 9.67 -36.69
C THR D 154 1.52 11.01 -35.94
N GLY D 155 0.39 11.51 -35.41
CA GLY D 155 0.35 12.76 -34.64
C GLY D 155 0.19 13.99 -35.53
N THR D 156 0.14 13.75 -36.83
CA THR D 156 0.16 14.85 -37.79
C THR D 156 -1.25 15.31 -38.13
N ILE D 157 -1.36 16.50 -38.75
CA ILE D 157 -2.64 17.02 -39.13
C ILE D 157 -2.64 17.02 -40.66
N THR D 158 -3.83 16.96 -41.24
CA THR D 158 -4.06 17.22 -42.65
C THR D 158 -4.63 18.64 -42.76
N PRO D 159 -4.10 19.48 -43.68
CA PRO D 159 -4.56 20.87 -43.75
C PRO D 159 -6.03 20.97 -44.10
N ALA D 160 -6.73 21.86 -43.41
CA ALA D 160 -8.17 22.07 -43.65
C ALA D 160 -8.41 22.37 -45.13
N ASP D 161 -7.48 23.07 -45.78
CA ASP D 161 -7.73 23.46 -47.18
C ASP D 161 -7.63 22.29 -48.16
N VAL D 162 -7.20 21.13 -47.68
CA VAL D 162 -7.16 19.92 -48.50
C VAL D 162 -8.44 19.04 -48.30
N ILE D 163 -8.93 19.00 -47.07
CA ILE D 163 -10.12 18.19 -46.71
C ILE D 163 -11.40 18.93 -47.02
N GLU D 164 -11.51 20.21 -46.65
CA GLU D 164 -12.79 20.94 -46.76
C GLU D 164 -13.36 20.95 -48.16
N PRO D 165 -12.54 21.20 -49.18
CA PRO D 165 -13.20 21.23 -50.51
C PRO D 165 -13.65 19.87 -51.03
N TRP D 166 -12.98 18.80 -50.64
CA TRP D 166 -13.47 17.46 -50.96
C TRP D 166 -14.85 17.23 -50.35
N ILE D 167 -14.99 17.44 -49.05
CA ILE D 167 -16.27 17.29 -48.34
C ILE D 167 -17.32 18.20 -48.98
N ALA D 168 -16.94 19.47 -49.23
CA ALA D 168 -17.86 20.46 -49.75
C ALA D 168 -18.33 20.09 -51.17
N SER D 169 -17.52 19.32 -51.91
CA SER D 169 -17.96 18.94 -53.29
C SER D 169 -19.08 17.87 -53.26
N LYS D 170 -19.35 17.31 -52.07
CA LYS D 170 -20.43 16.34 -51.88
C LYS D 170 -20.37 15.16 -52.86
N PRO D 171 -19.27 14.39 -52.83
CA PRO D 171 -19.18 13.16 -53.62
C PRO D 171 -20.38 12.25 -53.34
N ALA D 172 -20.86 11.59 -54.38
CA ALA D 172 -22.11 10.90 -54.28
C ALA D 172 -21.98 9.76 -53.33
N ASN D 173 -23.04 9.56 -52.53
CA ASN D 173 -23.17 8.37 -51.69
CA ASN D 173 -23.18 8.37 -51.69
C ASN D 173 -21.96 8.21 -50.78
N THR D 174 -21.51 9.33 -50.21
CA THR D 174 -20.35 9.31 -49.34
C THR D 174 -20.59 10.04 -48.03
N PHE D 176 -18.60 11.21 -44.47
CA PHE D 176 -17.30 11.44 -43.89
C PHE D 176 -17.46 11.46 -42.40
N ILE D 177 -16.61 10.68 -41.72
CA ILE D 177 -16.51 10.68 -40.28
C ILE D 177 -15.17 11.33 -39.99
N VAL D 178 -15.16 12.42 -39.22
CA VAL D 178 -13.95 13.16 -38.87
C VAL D 178 -13.77 13.07 -37.36
N ASP D 179 -12.65 12.48 -36.99
CA ASP D 179 -12.34 12.13 -35.61
C ASP D 179 -11.31 13.14 -35.15
N GLU D 180 -11.77 14.06 -34.31
CA GLU D 180 -10.94 15.12 -33.75
C GLU D 180 -10.64 14.92 -32.26
N ALA D 181 -10.43 13.68 -31.85
CA ALA D 181 -10.09 13.34 -30.47
C ALA D 181 -9.03 14.25 -29.88
N TYR D 182 -7.96 14.50 -30.65
CA TYR D 182 -6.78 15.22 -30.18
C TYR D 182 -6.72 16.68 -30.59
N ALA D 183 -7.81 17.25 -31.08
CA ALA D 183 -7.77 18.55 -31.75
C ALA D 183 -7.33 19.74 -30.87
N GLU D 184 -7.68 19.71 -29.60
CA GLU D 184 -7.36 20.84 -28.74
C GLU D 184 -5.86 20.97 -28.47
N PHE D 185 -5.07 19.92 -28.71
CA PHE D 185 -3.61 20.00 -28.59
C PHE D 185 -2.89 20.71 -29.74
N VAL D 186 -3.61 20.97 -30.82
CA VAL D 186 -2.99 21.38 -32.11
C VAL D 186 -2.40 22.80 -32.05
N ASN D 187 -1.16 22.93 -32.50
CA ASN D 187 -0.51 24.24 -32.71
C ASN D 187 -0.52 24.72 -34.19
N ASP D 188 -0.68 23.81 -35.14
CA ASP D 188 -0.51 24.13 -36.57
C ASP D 188 -1.68 24.94 -37.12
N PRO D 189 -1.41 26.15 -37.66
CA PRO D 189 -2.48 27.03 -38.13
C PRO D 189 -3.16 26.51 -39.38
N ARG D 190 -2.61 25.48 -40.04
CA ARG D 190 -3.26 24.91 -41.23
C ARG D 190 -4.45 24.00 -40.84
N PHE D 191 -4.50 23.63 -39.57
CA PHE D 191 -5.57 22.79 -39.06
C PHE D 191 -6.76 23.65 -38.73
N ARG D 192 -7.93 23.12 -39.01
CA ARG D 192 -9.20 23.70 -38.57
CA ARG D 192 -9.21 23.71 -38.65
C ARG D 192 -10.20 22.59 -38.26
N SER D 193 -10.92 22.74 -37.16
CA SER D 193 -12.05 21.83 -36.92
C SER D 193 -13.07 21.90 -38.07
N ILE D 194 -13.67 20.76 -38.38
CA ILE D 194 -14.72 20.66 -39.39
C ILE D 194 -16.07 21.14 -38.84
N SER D 195 -16.15 21.40 -37.55
CA SER D 195 -17.43 21.78 -36.91
C SER D 195 -18.27 22.88 -37.61
N PRO D 196 -17.65 23.98 -38.03
CA PRO D 196 -18.43 25.02 -38.75
C PRO D 196 -19.12 24.54 -40.02
N ILE D 198 -20.65 21.77 -40.27
CA ILE D 198 -21.89 21.19 -39.73
C ILE D 198 -22.84 22.33 -39.34
N THR D 199 -22.32 23.36 -38.68
CA THR D 199 -23.11 24.59 -38.44
C THR D 199 -23.77 25.18 -39.68
N GLN D 200 -23.08 25.17 -40.81
CA GLN D 200 -23.61 25.78 -42.04
C GLN D 200 -24.44 24.79 -42.84
N GLY D 201 -24.69 23.60 -42.30
CA GLY D 201 -25.72 22.70 -42.80
C GLY D 201 -25.26 21.45 -43.53
N ALA D 202 -23.98 21.09 -43.44
CA ALA D 202 -23.49 19.87 -44.11
C ALA D 202 -24.23 18.63 -43.60
N GLU D 203 -24.57 17.74 -44.52
CA GLU D 203 -25.35 16.55 -44.24
C GLU D 203 -24.51 15.30 -44.47
N ASN D 204 -23.24 15.49 -44.82
CA ASN D 204 -22.33 14.38 -45.13
C ASN D 204 -21.14 14.33 -44.22
N ILE D 205 -21.32 14.87 -43.02
CA ILE D 205 -20.24 14.91 -42.04
C ILE D 205 -20.66 14.46 -40.65
N ILE D 206 -19.88 13.55 -40.07
CA ILE D 206 -19.97 13.19 -38.66
C ILE D 206 -18.68 13.57 -37.97
N LEU D 207 -18.79 14.44 -36.98
CA LEU D 207 -17.66 14.87 -36.17
C LEU D 207 -17.69 14.11 -34.83
N LEU D 208 -16.62 13.40 -34.56
CA LEU D 208 -16.48 12.68 -33.29
C LEU D 208 -15.50 13.38 -32.37
N LYS D 209 -15.90 13.49 -31.11
CA LYS D 209 -15.12 14.17 -30.09
C LYS D 209 -15.21 13.41 -28.79
N THR D 210 -14.28 13.68 -27.89
CA THR D 210 -14.20 12.91 -26.63
C THR D 210 -13.69 13.76 -25.55
N PHE D 211 -14.00 13.37 -24.31
CA PHE D 211 -13.48 14.02 -23.12
C PHE D 211 -12.23 13.30 -22.61
N SER D 212 -11.79 12.29 -23.34
CA SER D 212 -10.73 11.42 -22.86
C SER D 212 -9.32 11.99 -22.93
N LYS D 213 -9.10 13.07 -23.71
CA LYS D 213 -7.73 13.50 -24.02
C LYS D 213 -7.42 14.83 -23.33
N ILE D 214 -7.71 15.96 -23.94
CA ILE D 214 -7.40 17.22 -23.27
C ILE D 214 -8.12 17.38 -21.96
N HIS D 215 -9.35 16.87 -21.87
CA HIS D 215 -10.10 16.95 -20.61
C HIS D 215 -9.69 15.90 -19.58
N ALA D 216 -8.79 15.00 -19.95
CA ALA D 216 -8.19 14.09 -18.96
C ALA D 216 -9.18 13.17 -18.26
N ALA D 218 -10.43 9.98 -19.73
CA ALA D 218 -10.46 8.68 -20.36
C ALA D 218 -11.30 7.66 -19.62
N GLY D 219 -11.08 7.52 -18.33
CA GLY D 219 -11.79 6.55 -17.56
C GLY D 219 -13.23 6.90 -17.18
N ARG D 221 -15.52 7.90 -19.64
CA ARG D 221 -16.27 7.38 -20.77
C ARG D 221 -17.36 8.36 -21.18
N VAL D 222 -16.93 9.57 -21.53
CA VAL D 222 -17.82 10.55 -22.18
C VAL D 222 -17.31 11.05 -23.53
N GLY D 223 -18.08 10.85 -24.58
CA GLY D 223 -17.76 11.44 -25.89
C GLY D 223 -19.06 11.78 -26.56
N TYR D 224 -18.99 12.26 -27.80
CA TYR D 224 -20.18 12.65 -28.52
C TYR D 224 -19.93 12.76 -30.02
N ALA D 225 -21.00 12.76 -30.76
CA ALA D 225 -21.00 13.04 -32.17
C ALA D 225 -21.75 14.35 -32.47
N VAL D 226 -21.32 15.05 -33.52
CA VAL D 226 -22.00 16.26 -34.02
C VAL D 226 -22.31 16.01 -35.48
N ALA D 227 -23.56 16.22 -35.87
CA ALA D 227 -23.93 16.07 -37.30
C ALA D 227 -25.25 16.74 -37.56
N HIS D 228 -25.70 16.69 -38.81
CA HIS D 228 -27.04 17.12 -39.11
C HIS D 228 -28.04 16.25 -38.31
N PRO D 229 -29.17 16.83 -37.88
CA PRO D 229 -30.11 16.00 -37.12
C PRO D 229 -30.53 14.67 -37.78
N THR D 230 -30.67 14.61 -39.10
CA THR D 230 -31.07 13.38 -39.74
C THR D 230 -30.00 12.28 -39.52
N VAL D 231 -28.73 12.67 -39.49
CA VAL D 231 -27.62 11.78 -39.35
C VAL D 231 -27.54 11.33 -37.92
N ILE D 232 -27.69 12.25 -36.98
CA ILE D 232 -27.71 11.89 -35.57
C ILE D 232 -28.84 10.88 -35.24
N ALA D 233 -30.01 11.09 -35.83
CA ALA D 233 -31.16 10.20 -35.62
C ALA D 233 -30.85 8.77 -36.09
N LEU D 234 -30.09 8.61 -37.18
CA LEU D 234 -29.72 7.29 -37.65
CA LEU D 234 -29.70 7.28 -37.64
C LEU D 234 -28.68 6.63 -36.72
N GLY D 236 -28.30 7.20 -33.58
CA GLY D 236 -28.95 6.91 -32.33
C GLY D 236 -29.62 5.55 -32.27
N ARG D 237 -29.92 4.99 -33.43
CA ARG D 237 -30.49 3.64 -33.54
CA ARG D 237 -30.54 3.69 -33.47
C ARG D 237 -29.52 2.56 -33.09
N TYR D 238 -28.22 2.88 -33.00
CA TYR D 238 -27.18 1.90 -32.74
C TYR D 238 -26.48 2.09 -31.41
N VAL D 239 -27.09 2.89 -30.55
CA VAL D 239 -26.69 2.98 -29.14
C VAL D 239 -27.94 2.76 -28.32
N ALA D 240 -27.79 2.38 -27.05
CA ALA D 240 -28.98 2.18 -26.21
C ALA D 240 -29.32 3.46 -25.46
N GLY D 241 -29.88 4.41 -26.18
CA GLY D 241 -30.10 5.77 -25.65
C GLY D 241 -28.80 6.50 -25.30
N GLU D 242 -28.95 7.61 -24.58
CA GLU D 242 -27.85 8.40 -24.07
C GLU D 242 -27.99 8.21 -22.59
N LYS D 243 -27.19 7.29 -22.06
CA LYS D 243 -27.27 6.85 -20.70
C LYS D 243 -25.83 6.83 -20.12
N ILE D 244 -25.21 8.00 -20.15
CA ILE D 244 -23.85 8.19 -19.71
C ILE D 244 -23.83 8.15 -18.20
N ASN D 245 -22.71 7.73 -17.62
CA ASN D 245 -22.66 7.58 -16.18
C ASN D 245 -22.66 8.92 -15.47
N PHE D 246 -23.25 8.93 -14.27
CA PHE D 246 -23.49 10.19 -13.50
C PHE D 246 -22.17 10.95 -13.13
N SER D 247 -21.12 10.24 -12.76
CA SER D 247 -19.84 10.91 -12.49
C SER D 247 -19.26 11.60 -13.75
N GLY D 248 -19.31 10.91 -14.87
CA GLY D 248 -18.79 11.43 -16.12
C GLY D 248 -19.60 12.62 -16.60
N VAL D 249 -20.91 12.57 -16.45
CA VAL D 249 -21.74 13.66 -16.92
C VAL D 249 -21.44 14.92 -16.12
N ASP D 250 -21.46 14.80 -14.80
CA ASP D 250 -21.18 15.93 -13.90
C ASP D 250 -19.75 16.46 -14.10
N ALA D 251 -18.76 15.57 -14.20
CA ALA D 251 -17.37 15.94 -14.52
C ALA D 251 -17.29 16.68 -15.85
N ALA D 252 -17.95 16.17 -16.89
CA ALA D 252 -18.00 16.84 -18.20
C ALA D 252 -18.60 18.25 -18.17
N LEU D 253 -19.75 18.42 -17.54
CA LEU D 253 -20.31 19.75 -17.38
C LEU D 253 -19.30 20.69 -16.65
N ALA D 254 -18.62 20.20 -15.61
CA ALA D 254 -17.68 21.04 -14.86
C ALA D 254 -16.44 21.39 -15.70
N SER D 255 -15.95 20.42 -16.47
CA SER D 255 -14.72 20.61 -17.23
C SER D 255 -14.95 21.58 -18.38
N ASN D 257 -16.62 24.24 -18.01
CA ASN D 257 -16.52 25.60 -17.43
C ASN D 257 -15.11 25.94 -16.94
N ASP D 258 -14.21 24.96 -16.91
CA ASP D 258 -12.86 25.15 -16.37
C ASP D 258 -11.84 25.44 -17.47
N SER D 259 -11.92 26.62 -18.08
CA SER D 259 -11.01 27.00 -19.16
C SER D 259 -9.54 27.09 -18.71
N ALA D 260 -9.27 27.46 -17.47
CA ALA D 260 -7.90 27.50 -16.96
C ALA D 260 -7.23 26.11 -16.99
N PHE D 261 -7.97 25.07 -16.62
CA PHE D 261 -7.40 23.71 -16.71
C PHE D 261 -7.06 23.32 -18.14
N ILE D 262 -7.96 23.63 -19.07
CA ILE D 262 -7.77 23.26 -20.49
C ILE D 262 -6.53 23.94 -21.09
N THR D 263 -6.37 25.23 -20.81
CA THR D 263 -5.14 25.95 -21.14
C THR D 263 -3.90 25.25 -20.58
N TYR D 264 -3.95 24.89 -19.29
CA TYR D 264 -2.85 24.20 -18.62
C TYR D 264 -2.53 22.83 -19.27
N SER D 265 -3.60 22.11 -19.59
CA SER D 265 -3.52 20.78 -20.12
C SER D 265 -2.75 20.83 -21.44
N LYS D 266 -3.03 21.81 -22.28
CA LYS D 266 -2.27 22.01 -23.55
C LYS D 266 -0.82 22.46 -23.31
N LYS D 267 -0.66 23.47 -22.46
CA LYS D 267 0.68 24.02 -22.17
C LYS D 267 1.63 22.93 -21.70
N SER D 268 1.18 22.15 -20.71
CA SER D 268 1.97 21.06 -20.16
C SER D 268 2.33 20.01 -21.22
N ASN D 269 1.36 19.63 -22.07
CA ASN D 269 1.68 18.74 -23.19
C ASN D 269 2.77 19.37 -24.06
N ASP D 270 2.67 20.66 -24.32
CA ASP D 270 3.65 21.35 -25.18
C ASP D 270 5.07 21.25 -24.58
N VAL D 271 5.17 21.46 -23.26
CA VAL D 271 6.45 21.34 -22.56
C VAL D 271 7.02 19.92 -22.70
N SER D 272 6.20 18.89 -22.49
CA SER D 272 6.65 17.51 -22.58
C SER D 272 7.11 17.16 -23.99
N ARG D 273 6.37 17.66 -24.98
CA ARG D 273 6.72 17.41 -26.37
C ARG D 273 8.15 17.88 -26.65
N GLN D 274 8.51 19.05 -26.17
CA GLN D 274 9.86 19.59 -26.49
C GLN D 274 10.98 18.82 -25.85
N ILE D 275 10.76 18.28 -24.65
CA ILE D 275 11.77 17.48 -23.98
C ILE D 275 12.07 16.21 -24.79
N LEU D 276 11.03 15.59 -25.35
CA LEU D 276 11.20 14.36 -26.13
C LEU D 276 11.84 14.68 -27.47
N LEU D 277 11.41 15.75 -28.13
CA LEU D 277 11.96 16.11 -29.45
C LEU D 277 13.45 16.46 -29.33
N LYS D 278 13.82 17.10 -28.24
CA LYS D 278 15.24 17.41 -28.01
CA LYS D 278 15.24 17.40 -27.95
C LYS D 278 16.08 16.12 -28.00
N ALA D 279 15.63 15.09 -27.27
CA ALA D 279 16.33 13.81 -27.20
C ALA D 279 16.41 13.17 -28.59
N LEU D 280 15.30 13.18 -29.33
CA LEU D 280 15.31 12.61 -30.68
C LEU D 280 16.29 13.35 -31.60
N GLU D 281 16.35 14.69 -31.50
CA GLU D 281 17.32 15.46 -32.30
C GLU D 281 18.74 15.10 -31.90
N ASP D 282 19.00 15.02 -30.60
CA ASP D 282 20.31 14.63 -30.09
C ASP D 282 20.73 13.30 -30.68
N LEU D 283 19.78 12.37 -30.78
CA LEU D 283 20.06 11.01 -31.16
C LEU D 283 19.98 10.80 -32.67
N LYS D 284 19.52 11.83 -33.39
CA LYS D 284 19.30 11.84 -34.85
C LYS D 284 18.36 10.76 -35.30
N LEU D 285 17.25 10.66 -34.57
CA LEU D 285 16.19 9.77 -34.91
C LEU D 285 15.05 10.63 -35.52
N PRO D 286 14.68 10.33 -36.78
CA PRO D 286 13.61 11.15 -37.35
C PRO D 286 12.27 10.97 -36.61
N TYR D 287 11.48 12.02 -36.59
CA TYR D 287 10.13 11.97 -36.01
C TYR D 287 9.18 12.79 -36.87
N LEU D 288 7.90 12.55 -36.70
CA LEU D 288 6.87 13.28 -37.46
C LEU D 288 6.35 14.42 -36.57
N PRO D 289 5.84 15.50 -37.19
CA PRO D 289 5.37 16.63 -36.42
C PRO D 289 4.21 16.20 -35.54
N SER D 290 4.22 16.59 -34.28
CA SER D 290 3.30 16.09 -33.28
C SER D 290 2.31 17.17 -32.92
N GLU D 291 1.01 16.93 -33.23
CA GLU D 291 -0.03 17.91 -32.93
C GLU D 291 -1.05 17.41 -31.90
N GLY D 292 -0.82 16.20 -31.38
CA GLY D 292 -1.63 15.58 -30.33
C GLY D 292 -0.81 15.46 -29.05
N ASN D 293 -1.12 14.50 -28.20
CA ASN D 293 -0.35 14.24 -26.94
C ASN D 293 0.58 13.04 -27.03
N PHE D 294 1.17 12.85 -28.21
CA PHE D 294 2.09 11.75 -28.47
C PHE D 294 3.01 12.10 -29.65
N VAL D 295 4.10 11.36 -29.78
CA VAL D 295 5.07 11.52 -30.85
C VAL D 295 5.35 10.19 -31.54
N PHE D 296 5.36 10.18 -32.87
CA PHE D 296 5.67 8.99 -33.64
C PHE D 296 7.11 9.20 -34.17
N HIS D 297 8.04 8.31 -33.82
CA HIS D 297 9.44 8.43 -34.25
C HIS D 297 10.06 7.13 -34.72
N GLN D 298 11.14 7.27 -35.48
CA GLN D 298 11.77 6.16 -36.15
C GLN D 298 12.74 5.47 -35.21
N LEU D 299 12.94 4.16 -35.42
CA LEU D 299 13.95 3.40 -34.67
C LEU D 299 14.94 2.73 -35.62
N VAL D 300 16.16 2.53 -35.13
CA VAL D 300 17.15 1.76 -35.86
C VAL D 300 17.45 0.40 -35.22
N VAL D 301 16.82 0.11 -34.09
CA VAL D 301 16.84 -1.21 -33.48
C VAL D 301 15.44 -1.81 -33.62
N PRO D 302 15.32 -3.13 -33.40
CA PRO D 302 13.99 -3.70 -33.55
C PRO D 302 13.01 -3.15 -32.53
N LEU D 303 11.83 -2.79 -32.99
CA LEU D 303 10.78 -2.24 -32.12
C LEU D 303 10.55 -3.15 -30.94
N LYS D 304 10.43 -4.45 -31.21
CA LYS D 304 10.14 -5.40 -30.14
C LYS D 304 11.22 -5.39 -29.06
N ASP D 305 12.49 -5.26 -29.45
CA ASP D 305 13.60 -5.14 -28.47
C ASP D 305 13.49 -3.84 -27.67
N TYR D 306 13.18 -2.76 -28.36
CA TYR D 306 13.06 -1.43 -27.70
C TYR D 306 11.86 -1.40 -26.72
N GLN D 307 10.73 -1.94 -27.14
CA GLN D 307 9.57 -2.07 -26.21
C GLN D 307 9.95 -2.82 -24.95
N THR D 308 10.70 -3.92 -25.11
CA THR D 308 11.08 -4.82 -24.01
C THR D 308 12.06 -4.17 -23.07
N HIS D 309 13.08 -3.57 -23.64
CA HIS D 309 14.09 -2.88 -22.85
C HIS D 309 13.51 -1.70 -22.07
N ALA D 311 10.28 -1.53 -21.18
CA ALA D 311 9.41 -2.14 -20.14
C ALA D 311 10.21 -2.57 -18.93
N ASP D 312 11.39 -3.15 -19.17
CA ASP D 312 12.26 -3.59 -18.08
C ASP D 312 12.79 -2.38 -17.30
N ALA D 313 12.93 -1.23 -17.95
CA ALA D 313 13.36 0.02 -17.30
C ALA D 313 12.20 0.74 -16.59
N GLY D 314 11.00 0.17 -16.62
CA GLY D 314 9.86 0.78 -15.95
C GLY D 314 9.12 1.78 -16.81
N VAL D 315 9.11 1.53 -18.13
CA VAL D 315 8.51 2.46 -19.11
C VAL D 315 7.71 1.73 -20.17
N LEU D 316 6.40 2.00 -20.15
CA LEU D 316 5.49 1.34 -21.07
C LEU D 316 5.18 2.27 -22.23
N ILE D 317 5.67 1.88 -23.40
CA ILE D 317 5.44 2.65 -24.64
C ILE D 317 4.37 1.99 -25.48
N GLY D 318 4.09 2.56 -26.63
CA GLY D 318 3.03 2.08 -27.45
C GLY D 318 3.32 0.78 -28.17
N ARG D 319 2.27 0.07 -28.50
CA ARG D 319 2.34 -1.16 -29.25
C ARG D 319 2.82 -0.90 -30.69
N ALA D 320 2.99 -1.96 -31.47
CA ALA D 320 3.38 -1.80 -32.89
C ALA D 320 2.25 -1.30 -33.78
N PHE D 321 2.61 -0.51 -34.80
CA PHE D 321 1.66 0.05 -35.75
C PHE D 321 2.06 -0.28 -37.19
N PRO D 322 1.92 -1.57 -37.56
CA PRO D 322 2.20 -1.90 -38.96
C PRO D 322 1.27 -1.06 -39.85
N PRO D 323 1.73 -0.64 -41.03
CA PRO D 323 2.93 -1.05 -41.72
C PRO D 323 4.17 -0.23 -41.39
N ALA D 324 4.10 0.63 -40.39
CA ALA D 324 5.26 1.41 -39.98
C ALA D 324 6.06 0.57 -39.00
N ASP D 325 6.66 -0.51 -39.52
CA ASP D 325 7.27 -1.54 -38.65
C ASP D 325 8.49 -0.99 -37.85
N ASN D 326 9.12 0.05 -38.36
CA ASN D 326 10.34 0.59 -37.73
CA ASN D 326 10.33 0.60 -37.78
C ASN D 326 10.12 1.91 -37.02
N TRP D 327 8.89 2.18 -36.60
CA TRP D 327 8.51 3.36 -35.84
C TRP D 327 7.84 2.94 -34.51
N CYS D 328 7.94 3.83 -33.52
CA CYS D 328 7.14 3.73 -32.27
C CYS D 328 6.34 5.01 -31.92
N ARG D 329 5.20 4.81 -31.26
CA ARG D 329 4.43 5.89 -30.71
C ARG D 329 4.69 6.02 -29.22
N ILE D 330 5.14 7.19 -28.82
CA ILE D 330 5.45 7.49 -27.43
C ILE D 330 4.46 8.54 -26.96
N SER D 331 3.62 8.21 -25.98
CA SER D 331 2.67 9.16 -25.45
C SER D 331 3.46 10.14 -24.60
N LEU D 332 2.94 11.34 -24.44
CA LEU D 332 3.66 12.37 -23.71
C LEU D 332 3.23 12.35 -22.27
N GLY D 333 4.14 11.98 -21.37
CA GLY D 333 3.87 12.03 -19.95
C GLY D 333 4.07 13.44 -19.41
N THR D 334 4.11 13.57 -18.10
CA THR D 334 4.38 14.86 -17.48
C THR D 334 5.81 15.29 -17.88
N PRO D 335 6.12 16.58 -17.76
CA PRO D 335 7.49 17.01 -18.08
C PRO D 335 8.61 16.28 -17.31
N GLN D 336 8.34 15.95 -16.05
CA GLN D 336 9.29 15.25 -15.22
CA GLN D 336 9.31 15.23 -15.23
C GLN D 336 9.41 13.78 -15.71
N GLU D 337 8.27 13.19 -16.10
CA GLU D 337 8.34 11.83 -16.62
C GLU D 337 9.18 11.82 -17.89
N GLN D 339 11.51 13.94 -19.06
CA GLN D 339 12.92 14.17 -18.84
C GLN D 339 13.61 12.86 -18.43
N TRP D 340 12.96 12.06 -17.59
CA TRP D 340 13.55 10.80 -17.13
CA TRP D 340 13.56 10.80 -17.14
C TRP D 340 13.60 9.81 -18.31
N VAL D 341 12.53 9.77 -19.08
CA VAL D 341 12.52 8.90 -20.26
C VAL D 341 13.60 9.36 -21.28
N ALA D 342 13.66 10.66 -21.57
CA ALA D 342 14.60 11.20 -22.56
C ALA D 342 16.01 10.77 -22.18
N ASP D 343 16.36 10.97 -20.91
CA ASP D 343 17.64 10.56 -20.36
C ASP D 343 17.86 9.05 -20.37
N THR D 344 16.78 8.30 -20.28
CA THR D 344 16.88 6.87 -20.40
C THR D 344 17.22 6.53 -21.85
N ARG D 346 18.94 8.45 -23.80
CA ARG D 346 20.35 8.77 -23.96
C ARG D 346 21.21 7.61 -23.42
N GLU D 347 20.83 7.07 -22.27
CA GLU D 347 21.61 5.96 -21.69
C GLU D 347 21.52 4.74 -22.63
N PHE D 348 20.36 4.51 -23.26
CA PHE D 348 20.19 3.37 -24.19
C PHE D 348 21.17 3.48 -25.39
N ARG D 349 21.31 4.68 -25.92
CA ARG D 349 22.15 4.94 -27.09
C ARG D 349 23.59 4.53 -26.79
N LYS D 350 24.06 4.87 -25.60
CA LYS D 350 25.41 4.47 -25.19
C LYS D 350 25.67 2.97 -25.28
N LYS D 351 24.65 2.14 -25.03
CA LYS D 351 24.81 0.70 -25.07
C LYS D 351 24.17 0.10 -26.30
N SER D 352 23.91 0.92 -27.31
CA SER D 352 23.25 0.47 -28.54
C SER D 352 21.82 -0.05 -28.44
N TRP D 353 21.10 0.29 -27.37
CA TRP D 353 19.70 -0.14 -27.26
C TRP D 353 18.69 0.79 -27.95
N ILE D 354 19.19 1.91 -28.47
CA ILE D 354 18.41 2.80 -29.31
C ILE D 354 19.33 3.41 -30.35
#